data_4WJL
#
_entry.id   4WJL
#
_cell.length_a   80.910
_cell.length_b   143.730
_cell.length_c   176.250
_cell.angle_alpha   90.00
_cell.angle_beta   90.00
_cell.angle_gamma   90.00
#
_symmetry.space_group_name_H-M   'P 21 21 21'
#
loop_
_entity.id
_entity.type
_entity.pdbx_description
1 polymer 'Inactive dipeptidyl peptidase 10'
2 branched alpha-D-mannopyranose-(1-3)-beta-D-mannopyranose-(1-4)-2-acetamido-2-deoxy-beta-D-glucopyranose-(1-4)-2-acetamido-2-deoxy-beta-D-glucopyranose
3 branched 2-acetamido-2-deoxy-beta-D-glucopyranose-(1-4)-2-acetamido-2-deoxy-beta-D-glucopyranose
4 branched beta-D-mannopyranose-(1-4)-2-acetamido-2-deoxy-beta-D-glucopyranose-(1-4)-2-acetamido-2-deoxy-beta-D-glucopyranose
5 non-polymer 2-acetamido-2-deoxy-beta-D-glucopyranose
#
_entity_poly.entity_id   1
_entity_poly.type   'polypeptide(L)'
_entity_poly.pdbx_seq_one_letter_code
;SETRLSLEDLFRKDFVLHDPEARWINDTDVVYKSENGHVIKLNIETNATTLLLENTTFVTFKASRHSVSPDLKYVLLAYD
VKQIFHYSYTASYVIYNIHTREVWELNPPEVEDSVLQYAAWGVQGQQLIYIFENNIYYQPDIKSSSLRLTSSGKEEIIFN
GIADWLYEEELLHSHIAHWWSPDGERLAFLMINDSLVPTMVIPRFTGALYPKGKQYPYPKAGQMNPTIKLYVVNLYGPTH
TLELMPPDSFKSREYYITMVKWVSNTKTVVRWLNRAQNISILTVCETTTGACSKKYEMTSDTWLSQQNEEPVFSRDGSKF
FMTVPVKQGGRGEFHHIAMFLIQSKSEQITVRHLTSGNWEVIKILAYDETTQKIYFLSTESSPRGRQLYSASTEGLLNRQ
CISCNFMKEQCTYFDASFSPMNQHFLLFCEGPRVPVVSLHSTDNPAKYFILESNSMLKEAILKKKIGKPEIKILHIDDYE
LPLQLSLPKDFMDRNQYALLLIMDEEPGGQLVTDKFHIDWDSVLIDMDNVIVARFDGRGSGFQGLKILQEIHRRLGSVEV
KDQITAVKFLLKLPYIDSKRLSIFGKGYGGYIASMILKSDEKLFKCGSVVAPITDLKLYASAFSERYLGMPSKEESTYQA
ASVLHNVHGLKEENILIIHGTADTKVHFQHSAELIKHLIKAGVNYTMQVYPDEGHNVSEKSKYHLYSTILKFFSDCLKE
;
_entity_poly.pdbx_strand_id   A,B
#
loop_
_chem_comp.id
_chem_comp.type
_chem_comp.name
_chem_comp.formula
BMA D-saccharide, beta linking beta-D-mannopyranose 'C6 H12 O6'
MAN D-saccharide, alpha linking alpha-D-mannopyranose 'C6 H12 O6'
NAG D-saccharide, beta linking 2-acetamido-2-deoxy-beta-D-glucopyranose 'C8 H15 N O6'
#
# COMPACT_ATOMS: atom_id res chain seq x y z
N GLU A 2 -21.49 8.70 -32.56
CA GLU A 2 -22.59 9.36 -31.87
C GLU A 2 -23.76 8.41 -31.59
N THR A 3 -24.09 7.52 -32.51
CA THR A 3 -25.10 6.58 -32.06
C THR A 3 -24.66 5.23 -31.51
N ARG A 4 -23.44 5.17 -30.98
CA ARG A 4 -22.97 3.98 -30.28
C ARG A 4 -22.51 4.28 -28.84
N LEU A 5 -22.14 3.23 -28.11
CA LEU A 5 -21.98 3.33 -26.65
C LEU A 5 -20.56 3.70 -26.18
N SER A 6 -20.45 4.85 -25.51
CA SER A 6 -19.18 5.35 -25.02
C SER A 6 -19.13 5.27 -23.50
N LEU A 7 -17.93 5.10 -22.96
CA LEU A 7 -17.78 4.84 -21.54
C LEU A 7 -18.56 5.81 -20.67
N GLU A 8 -18.39 7.11 -20.89
CA GLU A 8 -18.98 8.08 -19.98
C GLU A 8 -20.49 8.08 -20.01
N ASP A 9 -21.07 7.34 -20.95
CA ASP A 9 -22.51 7.14 -20.97
C ASP A 9 -22.92 6.31 -19.76
N LEU A 10 -22.15 5.26 -19.48
CA LEU A 10 -22.49 4.33 -18.39
C LEU A 10 -22.57 5.05 -17.06
N PHE A 11 -21.91 6.20 -16.99
CA PHE A 11 -22.00 7.03 -15.82
C PHE A 11 -23.09 8.10 -15.94
N ARG A 12 -23.63 8.26 -17.14
CA ARG A 12 -24.74 9.19 -17.36
C ARG A 12 -25.94 8.71 -16.55
N LYS A 13 -26.68 9.65 -15.99
CA LYS A 13 -27.79 9.29 -15.12
C LYS A 13 -29.00 8.82 -15.91
N ASP A 14 -28.92 8.91 -17.23
CA ASP A 14 -29.95 8.35 -18.11
C ASP A 14 -30.01 6.83 -17.93
N PHE A 15 -28.84 6.21 -17.92
CA PHE A 15 -28.63 4.78 -17.72
C PHE A 15 -28.72 4.55 -16.20
N VAL A 16 -28.14 3.47 -15.68
CA VAL A 16 -28.28 3.22 -14.24
C VAL A 16 -29.70 2.82 -13.88
N LEU A 17 -29.99 1.52 -13.98
CA LEU A 17 -31.32 1.01 -13.78
C LEU A 17 -31.97 1.67 -12.56
N HIS A 18 -33.20 2.14 -12.74
CA HIS A 18 -33.92 2.81 -11.67
C HIS A 18 -34.70 1.77 -10.92
N ASP A 19 -34.27 1.50 -9.70
CA ASP A 19 -34.92 0.50 -8.88
C ASP A 19 -36.05 1.12 -8.06
N PRO A 20 -37.26 0.55 -8.16
CA PRO A 20 -38.46 1.08 -7.52
C PRO A 20 -38.38 0.95 -6.00
N GLU A 21 -37.46 0.13 -5.50
CA GLU A 21 -37.37 -0.12 -4.07
C GLU A 21 -38.74 -0.38 -3.51
N ALA A 22 -39.52 -1.21 -4.21
CA ALA A 22 -40.88 -1.54 -3.80
C ALA A 22 -40.88 -2.34 -2.49
N ARG A 23 -41.87 -2.08 -1.65
CA ARG A 23 -41.99 -2.80 -0.40
C ARG A 23 -43.46 -2.87 0.03
N TRP A 24 -43.85 -4.00 0.60
CA TRP A 24 -45.23 -4.19 1.06
C TRP A 24 -45.43 -3.53 2.43
N ILE A 25 -46.67 -3.18 2.76
CA ILE A 25 -47.02 -2.80 4.13
C ILE A 25 -48.29 -3.51 4.63
N ASN A 26 -49.45 -3.10 4.11
CA ASN A 26 -50.69 -3.82 4.36
C ASN A 26 -50.81 -4.86 3.24
N ASP A 27 -51.97 -5.49 3.11
CA ASP A 27 -52.23 -6.29 1.92
C ASP A 27 -52.83 -5.36 0.88
N THR A 28 -52.90 -4.08 1.24
CA THR A 28 -53.42 -3.04 0.38
C THR A 28 -52.30 -2.11 -0.06
N ASP A 29 -51.66 -1.45 0.90
CA ASP A 29 -50.68 -0.41 0.60
C ASP A 29 -49.28 -0.92 0.32
N VAL A 30 -48.80 -0.68 -0.89
CA VAL A 30 -47.41 -0.92 -1.24
C VAL A 30 -46.68 0.41 -1.26
N VAL A 31 -45.49 0.42 -0.68
CA VAL A 31 -44.74 1.64 -0.43
C VAL A 31 -43.70 2.00 -1.49
N TYR A 32 -43.73 1.34 -2.64
CA TYR A 32 -42.68 1.51 -3.64
C TYR A 32 -42.36 2.99 -3.79
N LYS A 33 -41.07 3.29 -3.78
CA LYS A 33 -40.62 4.66 -3.89
C LYS A 33 -40.06 4.92 -5.26
N SER A 34 -39.50 6.10 -5.42
CA SER A 34 -38.54 6.31 -6.47
C SER A 34 -39.12 6.06 -7.86
N GLU A 35 -39.94 6.98 -8.33
CA GLU A 35 -40.18 7.11 -9.75
C GLU A 35 -39.33 8.28 -10.24
N ASN A 36 -39.65 9.46 -9.72
CA ASN A 36 -38.87 10.67 -9.92
C ASN A 36 -37.90 10.84 -8.77
N GLY A 37 -37.89 9.86 -7.88
CA GLY A 37 -37.14 9.98 -6.64
C GLY A 37 -38.09 10.26 -5.50
N HIS A 38 -39.38 10.14 -5.77
CA HIS A 38 -40.42 10.33 -4.77
C HIS A 38 -40.79 9.03 -4.09
N VAL A 39 -40.85 9.04 -2.77
CA VAL A 39 -41.41 7.92 -2.03
C VAL A 39 -42.94 7.96 -2.10
N ILE A 40 -43.56 6.84 -2.42
CA ILE A 40 -45.00 6.85 -2.66
C ILE A 40 -45.74 5.70 -2.00
N LYS A 41 -46.89 6.00 -1.43
CA LYS A 41 -47.82 4.97 -0.96
C LYS A 41 -48.81 4.68 -2.07
N LEU A 42 -49.08 3.41 -2.32
CA LEU A 42 -50.08 3.06 -3.29
C LEU A 42 -51.09 2.09 -2.70
N ASN A 43 -52.37 2.43 -2.81
CA ASN A 43 -53.42 1.56 -2.37
C ASN A 43 -53.87 0.75 -3.58
N ILE A 44 -53.57 -0.55 -3.59
CA ILE A 44 -53.82 -1.38 -4.76
C ILE A 44 -55.31 -1.64 -4.96
N GLU A 45 -56.11 -1.22 -3.99
CA GLU A 45 -57.56 -1.28 -4.11
C GLU A 45 -58.06 -0.10 -4.94
N THR A 46 -57.86 1.10 -4.40
CA THR A 46 -58.38 2.33 -4.98
C THR A 46 -57.49 2.96 -6.06
N ASN A 47 -56.25 2.48 -6.16
CA ASN A 47 -55.21 3.11 -7.00
C ASN A 47 -54.68 4.39 -6.35
N ALA A 48 -55.27 4.77 -5.23
CA ALA A 48 -54.92 5.99 -4.51
C ALA A 48 -53.43 6.03 -4.23
N THR A 49 -52.80 7.16 -4.56
CA THR A 49 -51.39 7.34 -4.26
C THR A 49 -51.13 8.56 -3.38
N THR A 50 -50.32 8.36 -2.36
CA THR A 50 -49.89 9.44 -1.48
C THR A 50 -48.40 9.68 -1.69
N LEU A 51 -47.97 10.94 -1.61
CA LEU A 51 -46.54 11.22 -1.66
C LEU A 51 -46.02 11.26 -0.23
N LEU A 52 -45.26 10.25 0.15
CA LEU A 52 -44.72 10.18 1.50
C LEU A 52 -43.52 11.13 1.63
N LEU A 53 -42.50 10.87 0.83
CA LEU A 53 -41.34 11.74 0.75
C LEU A 53 -41.28 12.32 -0.66
N GLU A 54 -40.55 13.40 -0.81
CA GLU A 54 -40.50 14.16 -2.04
C GLU A 54 -39.03 14.29 -2.44
N ASN A 55 -38.72 15.19 -3.35
CA ASN A 55 -37.34 15.44 -3.80
C ASN A 55 -36.54 16.18 -2.71
N THR A 56 -36.84 15.78 -1.48
CA THR A 56 -36.08 16.10 -0.27
C THR A 56 -34.87 15.21 0.04
N THR A 57 -34.80 13.96 -0.47
CA THR A 57 -33.72 13.11 0.00
C THR A 57 -32.65 13.59 -0.94
N PHE A 58 -32.19 14.79 -0.64
CA PHE A 58 -31.14 15.47 -1.35
C PHE A 58 -30.70 16.47 -0.33
N VAL A 59 -31.69 17.30 -0.01
CA VAL A 59 -31.63 18.40 0.94
C VAL A 59 -30.92 18.04 2.24
N THR A 60 -31.24 16.88 2.82
CA THR A 60 -30.49 16.47 4.00
C THR A 60 -29.32 15.66 3.47
N PHE A 61 -28.18 16.34 3.35
CA PHE A 61 -26.91 15.73 3.02
C PHE A 61 -27.06 14.50 2.14
N LYS A 62 -27.57 14.67 0.93
CA LYS A 62 -27.56 13.55 0.01
C LYS A 62 -27.90 12.27 0.76
N ALA A 63 -29.12 12.13 1.22
CA ALA A 63 -29.48 10.88 1.88
C ALA A 63 -29.55 9.76 0.84
N SER A 64 -28.74 8.73 1.02
CA SER A 64 -28.62 7.68 0.03
C SER A 64 -29.55 6.51 0.30
N ARG A 65 -30.14 6.47 1.49
CA ARG A 65 -30.87 5.30 1.93
C ARG A 65 -32.14 5.72 2.64
N HIS A 66 -33.27 5.11 2.28
CA HIS A 66 -34.58 5.47 2.84
C HIS A 66 -35.37 4.25 3.32
N SER A 67 -36.09 4.39 4.43
CA SER A 67 -37.01 3.34 4.86
C SER A 67 -38.25 3.94 5.51
N VAL A 68 -39.43 3.47 5.11
CA VAL A 68 -40.67 3.95 5.72
C VAL A 68 -41.17 3.08 6.87
N SER A 69 -41.53 3.73 7.98
CA SER A 69 -42.01 3.04 9.17
C SER A 69 -43.24 2.20 8.87
N PRO A 70 -43.45 1.15 9.66
CA PRO A 70 -44.57 0.22 9.50
C PRO A 70 -45.90 0.96 9.53
N ASP A 71 -46.03 1.90 10.46
CA ASP A 71 -47.27 2.62 10.65
C ASP A 71 -47.36 3.78 9.65
N LEU A 72 -46.37 3.87 8.77
CA LEU A 72 -46.39 4.82 7.67
C LEU A 72 -46.45 6.28 8.13
N LYS A 73 -46.07 6.55 9.36
CA LYS A 73 -46.05 7.92 9.85
C LYS A 73 -44.67 8.56 9.86
N TYR A 74 -43.64 7.80 9.52
CA TYR A 74 -42.29 8.35 9.53
C TYR A 74 -41.41 7.72 8.48
N VAL A 75 -40.31 8.40 8.17
CA VAL A 75 -39.29 7.91 7.25
C VAL A 75 -37.92 7.96 7.90
N LEU A 76 -37.08 6.97 7.62
CA LEU A 76 -35.75 6.94 8.17
C LEU A 76 -34.71 7.15 7.06
N LEU A 77 -33.97 8.25 7.14
CA LEU A 77 -32.96 8.59 6.14
C LEU A 77 -31.56 8.22 6.61
N ALA A 78 -30.78 7.60 5.74
CA ALA A 78 -29.36 7.39 6.01
C ALA A 78 -28.55 8.29 5.11
N TYR A 79 -27.64 9.07 5.68
CA TYR A 79 -26.78 9.94 4.90
C TYR A 79 -25.35 9.80 5.41
N ASP A 80 -24.38 10.34 4.67
CA ASP A 80 -22.98 10.21 5.06
C ASP A 80 -22.53 8.77 4.97
N VAL A 81 -23.19 8.01 4.10
CA VAL A 81 -22.97 6.57 4.02
C VAL A 81 -21.53 6.22 3.74
N LYS A 82 -20.94 5.42 4.61
CA LYS A 82 -19.57 4.94 4.43
C LYS A 82 -19.59 3.43 4.26
N GLN A 83 -18.96 2.97 3.18
CA GLN A 83 -18.86 1.56 2.92
C GLN A 83 -18.07 0.90 4.05
N ILE A 84 -18.27 -0.40 4.25
CA ILE A 84 -17.44 -1.13 5.19
C ILE A 84 -16.90 -2.40 4.60
N PHE A 85 -17.78 -3.34 4.28
CA PHE A 85 -17.33 -4.55 3.61
C PHE A 85 -18.03 -4.71 2.29
N HIS A 86 -19.26 -5.19 2.32
CA HIS A 86 -20.02 -5.26 1.09
C HIS A 86 -21.41 -4.71 1.33
N TYR A 87 -22.17 -5.40 2.16
CA TYR A 87 -23.50 -4.94 2.54
C TYR A 87 -23.39 -4.01 3.74
N SER A 88 -22.25 -4.01 4.41
CA SER A 88 -22.08 -3.22 5.62
C SER A 88 -21.83 -1.77 5.30
N TYR A 89 -22.71 -0.90 5.77
CA TYR A 89 -22.50 0.52 5.63
C TYR A 89 -22.71 1.23 6.96
N THR A 90 -21.91 2.26 7.17
CA THR A 90 -21.97 3.02 8.41
C THR A 90 -22.24 4.49 8.11
N ALA A 91 -23.40 4.97 8.52
CA ALA A 91 -23.77 6.33 8.20
C ALA A 91 -24.51 6.98 9.35
N SER A 92 -24.84 8.25 9.20
CA SER A 92 -25.59 8.99 10.20
C SER A 92 -27.07 8.95 9.81
N TYR A 93 -27.95 8.88 10.80
CA TYR A 93 -29.36 8.74 10.49
C TYR A 93 -30.17 9.94 10.93
N VAL A 94 -31.31 10.14 10.27
CA VAL A 94 -32.20 11.26 10.53
C VAL A 94 -33.63 10.77 10.39
N ILE A 95 -34.57 11.35 11.14
CA ILE A 95 -35.95 10.89 11.05
C ILE A 95 -36.96 11.97 10.61
N TYR A 96 -37.46 11.80 9.38
CA TYR A 96 -38.40 12.73 8.79
C TYR A 96 -39.79 12.29 9.19
N ASN A 97 -40.59 13.23 9.68
CA ASN A 97 -41.93 12.91 10.11
C ASN A 97 -42.86 13.09 8.92
N ILE A 98 -43.40 11.99 8.44
CA ILE A 98 -44.11 11.97 7.17
C ILE A 98 -45.21 13.03 7.09
N HIS A 99 -45.93 13.21 8.21
CA HIS A 99 -47.06 14.15 8.28
C HIS A 99 -46.60 15.60 8.35
N THR A 100 -45.64 15.87 9.21
CA THR A 100 -45.04 17.19 9.28
C THR A 100 -43.54 17.07 9.27
N ARG A 101 -42.93 17.69 8.29
CA ARG A 101 -41.55 17.55 7.91
C ARG A 101 -40.52 17.30 9.00
N GLU A 102 -40.68 17.95 10.15
CA GLU A 102 -39.55 18.17 11.05
C GLU A 102 -38.73 16.91 11.17
N VAL A 103 -37.43 17.12 11.17
CA VAL A 103 -36.51 16.01 11.13
C VAL A 103 -35.72 15.94 12.44
N TRP A 104 -35.45 14.71 12.89
CA TRP A 104 -34.67 14.52 14.11
C TRP A 104 -33.33 13.89 13.76
N GLU A 105 -32.34 14.20 14.58
CA GLU A 105 -31.10 13.45 14.57
C GLU A 105 -31.39 12.12 15.27
N LEU A 106 -30.97 11.00 14.70
CA LEU A 106 -31.04 9.75 15.45
C LEU A 106 -29.70 9.49 16.14
N ASN A 107 -29.69 9.60 17.46
CA ASN A 107 -28.46 9.46 18.22
C ASN A 107 -28.65 8.51 19.36
N PRO A 108 -27.59 7.76 19.69
CA PRO A 108 -27.59 7.04 20.96
C PRO A 108 -27.55 8.09 22.06
N PRO A 109 -27.97 7.71 23.28
CA PRO A 109 -28.01 8.68 24.39
C PRO A 109 -26.63 9.26 24.70
N GLU A 110 -26.59 10.53 25.07
CA GLU A 110 -25.34 11.19 25.45
C GLU A 110 -24.48 11.51 24.24
N VAL A 111 -24.82 10.91 23.10
CA VAL A 111 -24.02 11.08 21.89
C VAL A 111 -24.66 12.08 20.93
N GLU A 112 -23.85 12.90 20.30
CA GLU A 112 -24.37 13.90 19.38
C GLU A 112 -23.73 13.80 18.02
N ASP A 113 -24.48 14.19 16.98
CA ASP A 113 -24.01 14.09 15.60
C ASP A 113 -23.31 12.76 15.40
N SER A 114 -24.06 11.67 15.51
CA SER A 114 -23.46 10.36 15.62
C SER A 114 -23.37 9.61 14.30
N VAL A 115 -22.74 8.44 14.35
CA VAL A 115 -22.63 7.55 13.20
C VAL A 115 -23.03 6.16 13.67
N LEU A 116 -23.91 5.51 12.92
CA LEU A 116 -24.43 4.21 13.35
C LEU A 116 -24.05 3.07 12.41
N GLN A 117 -23.92 1.87 13.00
CA GLN A 117 -23.65 0.68 12.21
C GLN A 117 -24.91 0.19 11.50
N TYR A 118 -26.08 0.33 12.13
CA TYR A 118 -27.32 -0.08 11.49
C TYR A 118 -28.54 0.66 12.06
N ALA A 119 -29.61 0.83 11.25
CA ALA A 119 -30.85 1.43 11.77
C ALA A 119 -32.18 0.72 11.42
N ALA A 120 -32.63 0.84 10.17
CA ALA A 120 -33.91 0.27 9.74
C ALA A 120 -35.10 0.56 10.67
N TRP A 121 -36.01 -0.40 10.78
CA TRP A 121 -37.25 -0.24 11.55
C TRP A 121 -37.64 -1.60 12.08
N GLY A 122 -38.73 -1.63 12.85
CA GLY A 122 -39.25 -2.88 13.37
C GLY A 122 -40.35 -3.44 12.48
N VAL A 123 -41.30 -4.12 13.12
CA VAL A 123 -42.44 -4.72 12.42
C VAL A 123 -43.75 -4.06 12.85
N GLN A 124 -44.05 -4.14 14.15
CA GLN A 124 -45.21 -3.46 14.71
C GLN A 124 -44.93 -1.98 14.98
N GLY A 125 -45.86 -1.13 14.59
CA GLY A 125 -45.81 0.29 14.93
C GLY A 125 -44.62 1.07 14.39
N GLN A 126 -44.14 2.03 15.16
CA GLN A 126 -42.97 2.82 14.79
C GLN A 126 -41.63 2.38 15.43
N GLN A 127 -41.64 1.26 16.13
CA GLN A 127 -40.44 0.77 16.79
C GLN A 127 -39.24 0.67 15.85
N LEU A 128 -38.05 1.00 16.34
CA LEU A 128 -36.84 0.81 15.57
C LEU A 128 -35.63 0.42 16.42
N ILE A 129 -34.65 -0.22 15.82
CA ILE A 129 -33.42 -0.56 16.52
C ILE A 129 -32.22 -0.01 15.79
N TYR A 130 -31.15 0.28 16.53
CA TYR A 130 -29.93 0.74 15.90
C TYR A 130 -28.72 0.17 16.60
N ILE A 131 -27.68 -0.12 15.84
CA ILE A 131 -26.50 -0.76 16.40
C ILE A 131 -25.35 0.23 16.56
N PHE A 132 -24.76 0.26 17.75
CA PHE A 132 -23.73 1.24 18.07
C PHE A 132 -22.67 0.57 18.95
N GLU A 133 -21.40 0.72 18.58
CA GLU A 133 -20.33 0.10 19.34
C GLU A 133 -20.57 -1.39 19.52
N ASN A 134 -21.14 -2.01 18.49
CA ASN A 134 -21.50 -3.42 18.50
C ASN A 134 -22.52 -3.80 19.58
N ASN A 135 -23.30 -2.81 20.01
CA ASN A 135 -24.42 -3.04 20.93
C ASN A 135 -25.73 -2.76 20.23
N ILE A 136 -26.77 -3.49 20.60
CA ILE A 136 -28.08 -3.25 20.02
C ILE A 136 -28.87 -2.27 20.87
N TYR A 137 -29.45 -1.25 20.23
CA TYR A 137 -30.32 -0.30 20.92
C TYR A 137 -31.75 -0.42 20.37
N TYR A 138 -32.73 -0.15 21.24
CA TYR A 138 -34.15 -0.27 20.89
C TYR A 138 -34.96 0.99 21.28
N GLN A 139 -35.68 1.53 20.30
CA GLN A 139 -36.65 2.58 20.60
C GLN A 139 -38.05 2.06 20.30
N PRO A 140 -38.85 1.83 21.35
CA PRO A 140 -40.23 1.36 21.19
C PRO A 140 -41.02 2.29 20.25
N ASP A 141 -40.61 3.55 20.20
CA ASP A 141 -41.27 4.51 19.33
C ASP A 141 -40.45 5.78 19.24
N ILE A 142 -40.94 6.74 18.47
CA ILE A 142 -40.27 8.02 18.31
C ILE A 142 -40.24 8.75 19.64
N LYS A 143 -41.33 8.64 20.39
CA LYS A 143 -41.42 9.21 21.73
C LYS A 143 -40.23 8.88 22.61
N SER A 144 -40.11 7.60 22.95
CA SER A 144 -39.26 7.12 24.04
C SER A 144 -37.76 7.26 23.81
N SER A 145 -37.02 7.20 24.91
CA SER A 145 -35.56 7.18 24.85
C SER A 145 -35.20 5.80 24.35
N SER A 146 -33.92 5.55 24.12
CA SER A 146 -33.54 4.26 23.55
C SER A 146 -33.32 3.26 24.67
N LEU A 147 -33.12 2.01 24.31
CA LEU A 147 -32.92 0.97 25.31
C LEU A 147 -31.78 0.09 24.86
N ARG A 148 -30.71 0.03 25.64
CA ARG A 148 -29.58 -0.78 25.23
C ARG A 148 -29.87 -2.22 25.60
N LEU A 149 -29.96 -3.08 24.59
CA LEU A 149 -30.30 -4.49 24.80
C LEU A 149 -29.11 -5.39 25.05
N THR A 150 -27.90 -4.90 24.76
CA THR A 150 -26.68 -5.67 24.98
C THR A 150 -25.55 -4.78 25.42
N SER A 151 -24.85 -5.15 26.49
CA SER A 151 -23.64 -4.42 26.85
C SER A 151 -22.37 -5.12 26.39
N SER A 152 -22.53 -6.34 25.85
CA SER A 152 -21.40 -7.22 25.58
C SER A 152 -20.53 -6.76 24.41
N GLY A 153 -21.03 -5.81 23.64
CA GLY A 153 -20.37 -5.34 22.44
C GLY A 153 -19.01 -4.74 22.69
N LYS A 154 -18.05 -5.12 21.86
CA LYS A 154 -16.68 -4.64 21.98
C LYS A 154 -16.16 -4.39 20.58
N GLU A 155 -15.56 -3.24 20.33
CA GLU A 155 -15.19 -2.85 18.97
C GLU A 155 -14.26 -3.87 18.33
N GLU A 156 -14.67 -4.39 17.17
CA GLU A 156 -13.86 -5.31 16.36
C GLU A 156 -13.49 -6.65 17.04
N ILE A 157 -14.23 -7.00 18.09
CA ILE A 157 -14.00 -8.24 18.83
C ILE A 157 -15.29 -9.02 19.08
N ILE A 158 -16.21 -8.41 19.80
CA ILE A 158 -17.53 -9.00 20.01
C ILE A 158 -18.63 -8.21 19.32
N PHE A 159 -19.35 -8.87 18.40
CA PHE A 159 -20.39 -8.23 17.60
C PHE A 159 -21.78 -8.69 18.02
N ASN A 160 -22.74 -7.76 18.04
CA ASN A 160 -24.13 -8.10 18.40
C ASN A 160 -25.13 -7.63 17.34
N GLY A 161 -25.81 -8.58 16.72
CA GLY A 161 -26.84 -8.22 15.77
C GLY A 161 -26.31 -7.83 14.41
N ILE A 162 -25.00 -7.60 14.30
CA ILE A 162 -24.35 -7.32 13.02
C ILE A 162 -23.19 -8.27 12.73
N ALA A 163 -23.08 -8.67 11.47
CA ALA A 163 -22.11 -9.68 11.07
C ALA A 163 -20.68 -9.15 11.01
N ASP A 164 -19.74 -9.95 11.51
CA ASP A 164 -18.31 -9.67 11.29
C ASP A 164 -18.03 -10.04 9.86
N TRP A 165 -16.80 -9.85 9.41
CA TRP A 165 -16.53 -10.06 7.99
C TRP A 165 -16.91 -11.46 7.50
N LEU A 166 -16.41 -12.48 8.20
CA LEU A 166 -16.65 -13.85 7.78
C LEU A 166 -18.13 -14.16 7.64
N TYR A 167 -18.94 -13.77 8.63
CA TYR A 167 -20.38 -14.03 8.57
C TYR A 167 -21.11 -13.21 7.50
N GLU A 168 -20.63 -12.01 7.23
CA GLU A 168 -21.27 -11.18 6.22
C GLU A 168 -20.97 -11.65 4.80
N GLU A 169 -19.69 -11.80 4.49
CA GLU A 169 -19.27 -12.07 3.12
C GLU A 169 -19.43 -13.54 2.72
N GLU A 170 -19.20 -14.44 3.69
CA GLU A 170 -19.12 -15.87 3.43
C GLU A 170 -20.31 -16.66 3.96
N LEU A 171 -20.56 -16.59 5.27
CA LEU A 171 -21.64 -17.37 5.89
C LEU A 171 -23.07 -16.87 5.59
N LEU A 172 -23.43 -15.69 6.09
CA LEU A 172 -24.79 -15.14 5.95
C LEU A 172 -25.09 -14.50 4.61
N HIS A 173 -24.08 -13.90 4.00
CA HIS A 173 -24.28 -13.17 2.75
C HIS A 173 -25.21 -11.99 2.94
N SER A 174 -25.08 -11.33 4.10
CA SER A 174 -25.75 -10.07 4.41
C SER A 174 -25.28 -9.67 5.79
N HIS A 175 -25.39 -8.39 6.15
CA HIS A 175 -24.81 -7.94 7.40
C HIS A 175 -25.81 -7.91 8.53
N ILE A 176 -27.03 -8.35 8.27
CA ILE A 176 -28.06 -8.26 9.30
C ILE A 176 -28.12 -9.55 10.10
N ALA A 177 -27.61 -9.48 11.32
CA ALA A 177 -27.51 -10.63 12.22
C ALA A 177 -28.64 -10.70 13.25
N HIS A 178 -29.65 -9.85 13.10
CA HIS A 178 -30.82 -9.92 13.98
C HIS A 178 -32.12 -10.12 13.19
N TRP A 179 -33.16 -10.59 13.88
CA TRP A 179 -34.46 -10.83 13.26
C TRP A 179 -35.62 -10.58 14.21
N TRP A 180 -36.73 -10.07 13.67
CA TRP A 180 -37.88 -9.68 14.46
C TRP A 180 -38.98 -10.73 14.45
N SER A 181 -39.57 -11.00 15.60
CA SER A 181 -40.73 -11.88 15.66
C SER A 181 -41.87 -11.21 14.92
N PRO A 182 -42.76 -12.00 14.32
CA PRO A 182 -43.81 -11.43 13.47
C PRO A 182 -44.59 -10.35 14.20
N ASP A 183 -44.75 -10.48 15.52
CA ASP A 183 -45.55 -9.54 16.28
C ASP A 183 -44.74 -8.42 16.93
N GLY A 184 -43.44 -8.39 16.67
CA GLY A 184 -42.58 -7.33 17.16
C GLY A 184 -42.40 -7.38 18.67
N GLU A 185 -42.83 -8.49 19.25
CA GLU A 185 -42.71 -8.71 20.68
C GLU A 185 -41.29 -9.14 21.03
N ARG A 186 -40.62 -9.78 20.08
CA ARG A 186 -39.41 -10.53 20.37
C ARG A 186 -38.31 -10.29 19.33
N LEU A 187 -37.05 -10.31 19.77
CA LEU A 187 -35.90 -10.12 18.87
C LEU A 187 -34.80 -11.18 19.05
N ALA A 188 -34.57 -11.95 17.99
CA ALA A 188 -33.47 -12.91 17.98
C ALA A 188 -32.28 -12.29 17.27
N PHE A 189 -31.08 -12.58 17.76
CA PHE A 189 -29.90 -12.00 17.16
C PHE A 189 -28.64 -12.83 17.43
N LEU A 190 -27.62 -12.64 16.60
CA LEU A 190 -26.37 -13.36 16.73
C LEU A 190 -25.36 -12.58 17.54
N MET A 191 -24.73 -13.29 18.48
CA MET A 191 -23.60 -12.75 19.20
C MET A 191 -22.36 -13.42 18.63
N ILE A 192 -21.52 -12.65 17.95
CA ILE A 192 -20.32 -13.18 17.29
C ILE A 192 -19.04 -12.84 18.07
N ASN A 193 -18.32 -13.87 18.49
CA ASN A 193 -17.16 -13.70 19.36
C ASN A 193 -15.89 -13.91 18.55
N ASP A 194 -15.19 -12.83 18.26
CA ASP A 194 -13.94 -12.89 17.51
C ASP A 194 -12.67 -12.89 18.36
N SER A 195 -12.82 -13.05 19.67
CA SER A 195 -11.73 -12.91 20.62
C SER A 195 -10.45 -13.60 20.17
N LEU A 196 -10.58 -14.83 19.72
CA LEU A 196 -9.42 -15.65 19.39
C LEU A 196 -9.06 -15.68 17.90
N VAL A 197 -9.86 -15.00 17.08
CA VAL A 197 -9.63 -14.94 15.65
C VAL A 197 -8.54 -13.93 15.30
N PRO A 198 -7.55 -14.35 14.49
CA PRO A 198 -6.41 -13.52 14.06
C PRO A 198 -6.86 -12.35 13.19
N THR A 199 -6.18 -11.22 13.29
CA THR A 199 -6.64 -10.00 12.61
C THR A 199 -5.73 -9.53 11.48
N MET A 200 -6.36 -8.95 10.47
CA MET A 200 -5.66 -8.44 9.31
C MET A 200 -5.80 -6.93 9.30
N VAL A 201 -4.79 -6.25 8.76
CA VAL A 201 -4.77 -4.78 8.76
C VAL A 201 -5.08 -4.18 7.41
N ILE A 202 -6.04 -3.27 7.39
CA ILE A 202 -6.32 -2.47 6.22
C ILE A 202 -5.63 -1.12 6.38
N PRO A 203 -4.58 -0.88 5.61
CA PRO A 203 -3.81 0.35 5.76
C PRO A 203 -4.53 1.54 5.13
N ARG A 204 -4.28 2.73 5.66
CA ARG A 204 -4.79 3.95 5.05
C ARG A 204 -3.66 4.93 4.79
N PHE A 205 -3.41 5.21 3.51
CA PHE A 205 -2.41 6.21 3.16
C PHE A 205 -2.94 7.64 2.85
N THR A 206 -4.24 7.78 2.68
CA THR A 206 -4.82 9.02 2.15
C THR A 206 -5.46 10.02 3.13
N GLY A 207 -5.35 9.75 4.42
CA GLY A 207 -6.11 10.51 5.42
C GLY A 207 -5.49 11.87 5.81
N ALA A 208 -5.58 12.17 7.10
CA ALA A 208 -4.95 13.33 7.70
C ALA A 208 -3.42 13.17 7.83
N LEU A 209 -2.81 14.04 8.64
CA LEU A 209 -1.36 14.05 8.85
C LEU A 209 -0.82 12.63 9.04
N TYR A 210 -1.31 11.95 10.06
CA TYR A 210 -0.90 10.57 10.31
C TYR A 210 -2.12 9.67 10.17
N PRO A 211 -2.36 9.15 8.96
CA PRO A 211 -3.50 8.26 8.70
C PRO A 211 -3.34 6.95 9.46
N LYS A 212 -4.44 6.46 10.00
CA LYS A 212 -4.43 5.17 10.68
C LYS A 212 -5.56 4.30 10.13
N GLY A 213 -5.22 3.09 9.69
CA GLY A 213 -6.20 2.16 9.17
C GLY A 213 -6.63 1.18 10.22
N LYS A 214 -7.72 0.46 9.97
CA LYS A 214 -8.27 -0.42 10.99
C LYS A 214 -7.71 -1.84 10.89
N GLN A 215 -8.08 -2.67 11.86
CA GLN A 215 -7.75 -4.08 11.81
C GLN A 215 -8.95 -4.88 12.27
N TYR A 216 -9.39 -5.83 11.44
CA TYR A 216 -10.61 -6.58 11.70
C TYR A 216 -10.33 -8.08 11.77
N PRO A 217 -11.17 -8.82 12.50
CA PRO A 217 -10.96 -10.27 12.52
C PRO A 217 -11.22 -10.87 11.15
N TYR A 218 -10.25 -11.60 10.61
CA TYR A 218 -10.39 -12.21 9.29
C TYR A 218 -9.73 -13.58 9.30
N PRO A 219 -10.46 -14.63 9.77
CA PRO A 219 -9.81 -15.94 9.82
C PRO A 219 -9.45 -16.44 8.43
N LYS A 220 -8.19 -16.79 8.23
CA LYS A 220 -7.73 -17.26 6.93
C LYS A 220 -7.95 -18.77 6.86
N ALA A 221 -7.34 -19.42 5.86
CA ALA A 221 -7.52 -20.86 5.68
C ALA A 221 -7.02 -21.67 6.88
N GLY A 222 -7.92 -22.48 7.44
CA GLY A 222 -7.57 -23.35 8.56
C GLY A 222 -7.28 -22.66 9.87
N GLN A 223 -7.66 -21.41 9.99
CA GLN A 223 -7.35 -20.65 11.18
C GLN A 223 -8.44 -20.74 12.22
N MET A 224 -8.18 -20.12 13.36
CA MET A 224 -9.19 -20.00 14.41
C MET A 224 -10.39 -19.27 13.88
N ASN A 225 -11.57 -19.73 14.24
CA ASN A 225 -12.81 -19.17 13.69
C ASN A 225 -13.66 -18.49 14.75
N PRO A 226 -14.57 -17.61 14.32
CA PRO A 226 -15.48 -16.99 15.29
C PRO A 226 -16.38 -18.00 15.97
N THR A 227 -16.36 -17.95 17.31
CA THR A 227 -17.32 -18.67 18.12
C THR A 227 -18.58 -17.82 18.10
N ILE A 228 -19.75 -18.42 18.17
CA ILE A 228 -20.98 -17.62 18.13
C ILE A 228 -22.17 -18.21 18.90
N LYS A 229 -22.92 -17.34 19.57
CA LYS A 229 -24.14 -17.75 20.26
C LYS A 229 -25.33 -17.06 19.64
N LEU A 230 -26.50 -17.69 19.74
CA LEU A 230 -27.73 -17.06 19.29
C LEU A 230 -28.65 -16.78 20.48
N TYR A 231 -28.79 -15.50 20.86
CA TYR A 231 -29.68 -15.16 21.96
C TYR A 231 -31.03 -14.68 21.44
N VAL A 232 -31.96 -14.46 22.37
CA VAL A 232 -33.27 -13.88 22.07
C VAL A 232 -33.69 -13.02 23.25
N VAL A 233 -34.12 -11.80 22.95
CA VAL A 233 -34.58 -10.88 23.97
C VAL A 233 -36.03 -10.53 23.74
N ASN A 234 -36.75 -10.24 24.80
CA ASN A 234 -38.12 -9.77 24.67
C ASN A 234 -38.14 -8.26 24.84
N LEU A 235 -38.81 -7.61 23.90
CA LEU A 235 -38.76 -6.16 23.78
C LEU A 235 -39.77 -5.51 24.72
N TYR A 236 -40.48 -6.32 25.49
CA TYR A 236 -41.45 -5.80 26.43
C TYR A 236 -41.06 -6.08 27.85
N GLY A 237 -40.91 -5.02 28.63
CA GLY A 237 -40.57 -5.12 30.03
C GLY A 237 -39.17 -5.66 30.32
N PRO A 238 -39.12 -6.77 31.07
CA PRO A 238 -37.93 -7.31 31.74
C PRO A 238 -36.71 -7.41 30.83
N THR A 239 -36.94 -7.71 29.55
CA THR A 239 -35.84 -8.01 28.63
C THR A 239 -35.01 -9.21 29.10
N HIS A 240 -35.69 -10.30 29.47
CA HIS A 240 -35.04 -11.57 29.76
C HIS A 240 -34.51 -12.19 28.47
N THR A 241 -33.21 -12.44 28.45
CA THR A 241 -32.57 -12.93 27.25
C THR A 241 -32.13 -14.39 27.40
N LEU A 242 -32.49 -15.23 26.43
CA LEU A 242 -32.24 -16.67 26.52
C LEU A 242 -31.37 -17.12 25.37
N GLU A 243 -30.26 -17.81 25.67
CA GLU A 243 -29.45 -18.38 24.61
C GLU A 243 -30.12 -19.61 24.05
N LEU A 244 -30.20 -19.70 22.74
CA LEU A 244 -30.74 -20.90 22.12
C LEU A 244 -29.61 -21.88 21.81
N MET A 245 -29.57 -22.98 22.57
CA MET A 245 -28.45 -23.91 22.54
C MET A 245 -28.39 -24.66 21.21
N PRO A 246 -27.19 -25.14 20.84
CA PRO A 246 -27.01 -25.82 19.56
C PRO A 246 -27.53 -27.26 19.63
N PRO A 247 -27.54 -27.97 18.49
CA PRO A 247 -27.89 -29.39 18.56
C PRO A 247 -26.83 -30.15 19.34
N ASP A 248 -27.21 -31.21 20.05
CA ASP A 248 -26.26 -31.90 20.91
C ASP A 248 -25.04 -32.43 20.16
N SER A 249 -25.26 -32.90 18.93
CA SER A 249 -24.18 -33.41 18.10
C SER A 249 -23.13 -32.35 17.77
N PHE A 250 -23.56 -31.12 17.58
CA PHE A 250 -22.65 -30.01 17.30
C PHE A 250 -22.06 -29.41 18.56
N LYS A 251 -22.64 -29.72 19.71
CA LYS A 251 -22.17 -29.17 20.98
C LYS A 251 -20.69 -29.48 21.15
N SER A 252 -19.91 -28.45 21.41
CA SER A 252 -18.47 -28.60 21.66
C SER A 252 -17.57 -28.63 20.42
N ARG A 253 -18.18 -28.68 19.24
CA ARG A 253 -17.40 -28.73 18.00
C ARG A 253 -17.66 -27.49 17.13
N GLU A 254 -16.74 -27.21 16.21
CA GLU A 254 -16.77 -25.98 15.41
C GLU A 254 -17.93 -25.91 14.43
N TYR A 255 -18.69 -24.81 14.50
CA TYR A 255 -19.89 -24.67 13.67
C TYR A 255 -20.27 -23.23 13.31
N TYR A 256 -21.06 -23.11 12.24
CA TYR A 256 -21.57 -21.84 11.77
C TYR A 256 -23.10 -21.89 11.88
N ILE A 257 -23.73 -20.71 11.98
CA ILE A 257 -25.19 -20.59 11.85
C ILE A 257 -25.48 -19.90 10.52
N THR A 258 -26.01 -20.64 9.54
CA THR A 258 -26.18 -20.07 8.21
C THR A 258 -27.57 -19.55 7.94
N MET A 259 -28.48 -19.70 8.89
CA MET A 259 -29.76 -19.03 8.78
C MET A 259 -30.58 -19.18 10.04
N VAL A 260 -31.45 -18.21 10.26
CA VAL A 260 -32.47 -18.25 11.28
C VAL A 260 -33.65 -17.42 10.79
N LYS A 261 -34.85 -17.90 11.09
CA LYS A 261 -36.07 -17.25 10.65
C LYS A 261 -37.21 -17.55 11.62
N TRP A 262 -38.12 -16.60 11.76
CA TRP A 262 -39.28 -16.78 12.58
C TRP A 262 -40.36 -17.56 11.82
N VAL A 263 -41.06 -18.40 12.56
CA VAL A 263 -42.12 -19.21 12.00
C VAL A 263 -43.43 -18.86 12.70
N SER A 264 -43.47 -19.05 14.01
CA SER A 264 -44.52 -18.46 14.83
C SER A 264 -44.01 -17.17 15.45
N ASN A 265 -44.77 -16.61 16.36
CA ASN A 265 -44.35 -15.42 17.10
C ASN A 265 -43.48 -15.86 18.26
N THR A 266 -43.24 -17.16 18.33
CA THR A 266 -42.41 -17.75 19.37
C THR A 266 -41.31 -18.67 18.80
N LYS A 267 -41.72 -19.69 18.06
CA LYS A 267 -40.78 -20.61 17.39
C LYS A 267 -39.91 -19.95 16.29
N THR A 268 -38.67 -20.40 16.18
CA THR A 268 -37.77 -20.03 15.07
C THR A 268 -37.10 -21.27 14.49
N VAL A 269 -36.69 -21.21 13.23
CA VAL A 269 -35.88 -22.30 12.66
C VAL A 269 -34.45 -21.84 12.41
N VAL A 270 -33.51 -22.37 13.18
CA VAL A 270 -32.11 -22.06 12.99
C VAL A 270 -31.38 -23.22 12.32
N ARG A 271 -30.83 -22.97 11.13
CA ARG A 271 -30.02 -23.99 10.45
C ARG A 271 -28.57 -23.94 10.93
N TRP A 272 -28.07 -25.04 11.48
CA TRP A 272 -26.69 -25.11 11.98
C TRP A 272 -25.84 -25.82 10.94
N LEU A 273 -24.58 -25.44 10.86
CA LEU A 273 -23.65 -26.04 9.90
C LEU A 273 -22.27 -26.35 10.54
N ASN A 274 -21.71 -27.53 10.31
CA ASN A 274 -20.38 -27.80 10.84
C ASN A 274 -19.31 -26.99 10.11
N ARG A 275 -18.17 -26.73 10.77
CA ARG A 275 -17.09 -25.95 10.16
C ARG A 275 -16.71 -26.49 8.77
N ALA A 276 -16.78 -27.82 8.62
CA ALA A 276 -16.40 -28.48 7.37
C ALA A 276 -17.43 -28.26 6.29
N GLN A 277 -18.63 -27.89 6.71
CA GLN A 277 -19.74 -27.63 5.80
C GLN A 277 -20.26 -28.87 5.11
N ASN A 278 -20.05 -30.05 5.70
CA ASN A 278 -20.77 -31.24 5.25
C ASN A 278 -21.98 -31.76 6.08
N ILE A 279 -22.39 -31.07 7.14
CA ILE A 279 -23.53 -31.51 7.95
C ILE A 279 -24.52 -30.40 8.33
N SER A 280 -25.77 -30.52 7.92
CA SER A 280 -26.80 -29.54 8.30
C SER A 280 -27.73 -30.06 9.39
N ILE A 281 -28.07 -29.19 10.34
CA ILE A 281 -29.16 -29.49 11.27
C ILE A 281 -30.17 -28.35 11.31
N LEU A 282 -31.38 -28.62 10.84
CA LEU A 282 -32.47 -27.69 11.05
C LEU A 282 -33.03 -27.92 12.44
N THR A 283 -33.03 -26.88 13.26
CA THR A 283 -33.58 -26.98 14.60
C THR A 283 -34.75 -26.02 14.70
N VAL A 284 -35.78 -26.37 15.46
CA VAL A 284 -36.86 -25.43 15.71
C VAL A 284 -36.88 -25.06 17.18
N CYS A 285 -36.89 -23.77 17.47
CA CYS A 285 -36.74 -23.33 18.85
C CYS A 285 -37.93 -22.55 19.40
N GLU A 286 -38.41 -23.00 20.55
CA GLU A 286 -39.41 -22.25 21.30
C GLU A 286 -38.64 -21.23 22.10
N THR A 287 -38.90 -19.95 21.85
CA THR A 287 -38.10 -18.88 22.44
C THR A 287 -38.44 -18.58 23.89
N THR A 288 -39.68 -18.86 24.28
CA THR A 288 -40.14 -18.64 25.64
C THR A 288 -39.45 -19.62 26.59
N THR A 289 -39.01 -20.75 26.03
CA THR A 289 -38.35 -21.82 26.79
C THR A 289 -36.87 -21.96 26.42
N GLY A 290 -36.62 -22.19 25.14
CA GLY A 290 -35.30 -22.56 24.66
C GLY A 290 -35.32 -24.01 24.24
N ALA A 291 -36.52 -24.59 24.24
CA ALA A 291 -36.72 -25.93 23.73
C ALA A 291 -36.22 -25.95 22.30
N CYS A 292 -35.27 -26.84 22.00
CA CYS A 292 -34.72 -26.93 20.66
C CYS A 292 -34.81 -28.35 20.13
N SER A 293 -35.58 -28.52 19.06
CA SER A 293 -35.97 -29.83 18.58
C SER A 293 -35.37 -30.13 17.21
N LYS A 294 -34.52 -31.16 17.16
CA LYS A 294 -33.99 -31.63 15.90
C LYS A 294 -35.15 -31.86 14.95
N LYS A 295 -35.03 -31.37 13.73
CA LYS A 295 -36.09 -31.51 12.75
C LYS A 295 -35.64 -32.25 11.50
N TYR A 296 -34.70 -31.67 10.76
CA TYR A 296 -34.16 -32.36 9.59
C TYR A 296 -32.65 -32.23 9.54
N GLU A 297 -32.00 -33.21 8.93
CA GLU A 297 -30.55 -33.21 8.85
C GLU A 297 -30.09 -33.59 7.47
N MET A 298 -28.92 -33.10 7.09
CA MET A 298 -28.40 -33.34 5.75
C MET A 298 -26.92 -33.64 5.80
N THR A 299 -26.42 -34.22 4.71
CA THR A 299 -25.00 -34.54 4.60
C THR A 299 -24.54 -34.49 3.14
N SER A 300 -23.27 -34.17 2.94
CA SER A 300 -22.69 -34.26 1.60
C SER A 300 -21.33 -34.94 1.66
N ASP A 301 -20.93 -35.51 0.53
CA ASP A 301 -19.63 -36.13 0.41
C ASP A 301 -18.62 -35.09 -0.05
N THR A 302 -19.12 -33.94 -0.48
CA THR A 302 -18.25 -32.83 -0.83
C THR A 302 -18.49 -31.62 0.07
N TRP A 303 -19.54 -30.87 -0.22
CA TRP A 303 -19.89 -29.74 0.63
C TRP A 303 -21.38 -29.43 0.50
N LEU A 304 -21.95 -28.86 1.55
CA LEU A 304 -23.39 -28.68 1.64
C LEU A 304 -23.91 -27.56 0.73
N SER A 305 -25.08 -27.79 0.15
CA SER A 305 -25.65 -26.92 -0.88
C SER A 305 -26.17 -25.63 -0.26
N GLN A 306 -26.93 -24.85 -1.02
CA GLN A 306 -27.25 -23.48 -0.61
C GLN A 306 -27.68 -23.46 0.84
N GLN A 307 -26.99 -22.66 1.64
CA GLN A 307 -27.09 -22.75 3.09
C GLN A 307 -28.03 -21.72 3.67
N ASN A 308 -28.49 -20.80 2.83
CA ASN A 308 -29.35 -19.73 3.31
C ASN A 308 -30.81 -20.02 3.06
N GLU A 309 -31.09 -21.21 2.50
CA GLU A 309 -32.45 -21.60 2.16
C GLU A 309 -33.37 -21.38 3.35
N GLU A 310 -34.50 -20.73 3.10
CA GLU A 310 -35.50 -20.50 4.13
C GLU A 310 -36.78 -21.27 3.86
N PRO A 311 -37.13 -22.18 4.78
CA PRO A 311 -38.34 -23.01 4.73
C PRO A 311 -39.65 -22.27 5.04
N VAL A 312 -40.74 -22.66 4.39
CA VAL A 312 -42.07 -22.07 4.60
C VAL A 312 -42.95 -23.02 5.44
N PHE A 313 -43.79 -22.45 6.31
CA PHE A 313 -44.56 -23.24 7.29
C PHE A 313 -46.10 -23.20 7.20
N SER A 314 -46.76 -23.92 8.10
CA SER A 314 -48.21 -24.00 8.12
C SER A 314 -48.79 -22.86 8.96
N ARG A 315 -47.90 -22.11 9.60
CA ARG A 315 -48.24 -20.99 10.46
C ARG A 315 -48.79 -21.52 11.79
N ASP A 316 -49.22 -22.76 11.75
CA ASP A 316 -49.40 -23.61 12.93
C ASP A 316 -48.12 -24.43 13.05
N GLY A 317 -47.71 -25.04 11.93
CA GLY A 317 -46.55 -25.91 11.88
C GLY A 317 -46.85 -27.37 11.67
N SER A 318 -48.08 -27.68 11.24
CA SER A 318 -48.42 -29.04 10.86
C SER A 318 -47.54 -29.56 9.71
N LYS A 319 -47.26 -28.69 8.75
CA LYS A 319 -46.48 -29.04 7.57
C LYS A 319 -45.49 -27.92 7.27
N PHE A 320 -44.44 -28.21 6.52
CA PHE A 320 -43.55 -27.15 6.03
C PHE A 320 -42.84 -27.53 4.73
N PHE A 321 -42.55 -26.51 3.92
CA PHE A 321 -41.94 -26.73 2.61
C PHE A 321 -40.51 -26.26 2.56
N MET A 322 -39.64 -27.08 2.00
CA MET A 322 -38.23 -26.74 1.89
C MET A 322 -37.66 -27.34 0.63
N THR A 323 -36.55 -26.82 0.15
CA THR A 323 -35.93 -27.33 -1.05
C THR A 323 -34.71 -28.17 -0.72
N VAL A 324 -34.67 -29.40 -1.24
CA VAL A 324 -33.54 -30.31 -1.01
C VAL A 324 -33.15 -31.03 -2.30
N PRO A 325 -31.93 -31.59 -2.34
CA PRO A 325 -31.43 -32.29 -3.54
C PRO A 325 -32.10 -33.65 -3.72
N VAL A 326 -32.41 -34.03 -4.96
CA VAL A 326 -32.93 -35.37 -5.25
C VAL A 326 -32.13 -36.03 -6.37
N LYS A 327 -31.83 -37.32 -6.20
CA LYS A 327 -30.85 -37.98 -7.04
C LYS A 327 -31.16 -37.90 -8.54
N GLN A 328 -32.45 -37.97 -8.89
CA GLN A 328 -32.86 -37.65 -10.26
C GLN A 328 -32.31 -38.60 -11.35
N GLY A 329 -31.43 -39.52 -10.95
CA GLY A 329 -30.81 -40.44 -11.88
C GLY A 329 -29.45 -39.94 -12.34
N GLY A 330 -28.91 -40.54 -13.39
CA GLY A 330 -27.69 -40.03 -13.99
C GLY A 330 -28.02 -38.62 -14.40
N ARG A 331 -26.99 -37.79 -14.58
CA ARG A 331 -27.18 -36.35 -14.77
C ARG A 331 -27.18 -35.57 -13.45
N GLY A 332 -27.09 -36.27 -12.33
CA GLY A 332 -26.87 -35.63 -11.04
C GLY A 332 -28.11 -35.31 -10.25
N GLU A 333 -27.97 -34.43 -9.26
CA GLU A 333 -29.07 -34.09 -8.36
C GLU A 333 -29.55 -32.67 -8.66
N PHE A 334 -30.82 -32.40 -8.35
CA PHE A 334 -31.37 -31.05 -8.52
C PHE A 334 -32.21 -30.70 -7.30
N HIS A 335 -32.22 -29.42 -6.94
CA HIS A 335 -32.98 -28.99 -5.78
C HIS A 335 -34.46 -28.97 -6.11
N HIS A 336 -35.25 -29.71 -5.33
CA HIS A 336 -36.69 -29.78 -5.55
C HIS A 336 -37.45 -29.66 -4.24
N ILE A 337 -38.70 -29.24 -4.33
CA ILE A 337 -39.46 -28.91 -3.13
C ILE A 337 -39.87 -30.15 -2.34
N ALA A 338 -39.72 -30.07 -1.02
CA ALA A 338 -40.01 -31.19 -0.15
C ALA A 338 -41.22 -30.93 0.76
N MET A 339 -41.99 -31.97 1.01
CA MET A 339 -43.26 -31.87 1.71
C MET A 339 -43.27 -32.10 3.22
N PHE A 340 -42.12 -32.04 3.89
CA PHE A 340 -42.01 -32.60 5.23
C PHE A 340 -43.25 -32.31 6.07
N LEU A 341 -43.78 -33.36 6.68
CA LEU A 341 -44.92 -33.25 7.59
C LEU A 341 -44.43 -33.31 9.02
N ILE A 342 -44.50 -32.20 9.74
CA ILE A 342 -44.08 -32.20 11.13
C ILE A 342 -45.25 -32.60 12.04
N GLN A 343 -44.93 -33.36 13.07
CA GLN A 343 -45.90 -33.92 14.03
C GLN A 343 -45.07 -34.16 15.32
N SER A 344 -45.45 -34.99 16.29
CA SER A 344 -44.63 -35.05 17.54
C SER A 344 -43.08 -35.34 17.56
N LYS A 345 -42.42 -34.74 18.55
CA LYS A 345 -41.01 -34.94 19.01
C LYS A 345 -39.81 -34.84 18.05
N SER A 346 -38.83 -35.75 18.26
CA SER A 346 -37.54 -35.69 17.57
C SER A 346 -37.60 -36.43 16.26
N GLU A 347 -37.24 -35.73 15.20
CA GLU A 347 -37.33 -36.21 13.84
C GLU A 347 -38.69 -36.77 13.44
N GLN A 348 -38.58 -37.80 12.61
CA GLN A 348 -39.56 -38.31 11.64
C GLN A 348 -40.28 -37.11 11.05
N ILE A 349 -41.42 -37.20 10.41
CA ILE A 349 -41.73 -36.29 9.30
C ILE A 349 -41.52 -36.80 7.89
N THR A 350 -42.61 -37.43 7.44
CA THR A 350 -42.78 -37.92 6.08
C THR A 350 -42.38 -36.86 5.07
N VAL A 351 -41.66 -37.29 4.04
CA VAL A 351 -41.18 -36.39 3.02
C VAL A 351 -41.84 -36.73 1.69
N ARG A 352 -42.50 -35.75 1.09
CA ARG A 352 -43.03 -35.96 -0.25
C ARG A 352 -42.48 -34.93 -1.22
N HIS A 353 -41.90 -35.41 -2.32
CA HIS A 353 -41.33 -34.54 -3.34
C HIS A 353 -42.40 -34.00 -4.27
N LEU A 354 -42.51 -32.68 -4.35
CA LEU A 354 -43.54 -32.03 -5.15
C LEU A 354 -43.07 -31.64 -6.56
N THR A 355 -41.78 -31.76 -6.82
CA THR A 355 -41.22 -31.35 -8.10
C THR A 355 -40.14 -32.32 -8.55
N SER A 356 -39.83 -32.29 -9.83
CA SER A 356 -38.76 -33.12 -10.36
C SER A 356 -38.54 -32.91 -11.85
N GLY A 357 -37.34 -33.26 -12.29
CA GLY A 357 -36.91 -33.10 -13.67
C GLY A 357 -35.45 -32.76 -13.62
N ASN A 358 -34.84 -32.41 -14.75
CA ASN A 358 -33.52 -31.86 -14.66
C ASN A 358 -33.67 -30.36 -14.82
N TRP A 359 -33.64 -29.70 -13.68
CA TRP A 359 -33.81 -28.26 -13.57
C TRP A 359 -33.91 -28.00 -12.07
N GLU A 360 -33.82 -26.74 -11.64
CA GLU A 360 -33.84 -26.52 -10.21
C GLU A 360 -34.96 -25.60 -9.75
N VAL A 361 -35.41 -25.87 -8.52
CA VAL A 361 -36.26 -24.94 -7.80
C VAL A 361 -35.31 -24.04 -7.04
N ILE A 362 -35.27 -22.76 -7.43
CA ILE A 362 -34.30 -21.83 -6.88
C ILE A 362 -34.70 -21.30 -5.50
N LYS A 363 -35.83 -20.61 -5.45
CA LYS A 363 -36.36 -20.12 -4.20
C LYS A 363 -37.82 -20.49 -4.09
N ILE A 364 -38.25 -20.86 -2.89
CA ILE A 364 -39.66 -21.07 -2.62
C ILE A 364 -40.20 -19.78 -2.04
N LEU A 365 -41.03 -19.08 -2.81
CA LEU A 365 -41.52 -17.76 -2.41
C LEU A 365 -42.63 -17.75 -1.36
N ALA A 366 -43.69 -18.53 -1.59
CA ALA A 366 -44.87 -18.41 -0.73
C ALA A 366 -45.66 -19.70 -0.66
N TYR A 367 -46.38 -19.86 0.44
CA TYR A 367 -47.37 -20.91 0.56
C TYR A 367 -48.71 -20.29 0.90
N ASP A 368 -49.67 -20.45 -0.01
CA ASP A 368 -51.00 -19.91 0.20
C ASP A 368 -51.78 -21.01 0.88
N GLU A 369 -52.08 -20.81 2.16
CA GLU A 369 -52.63 -21.87 2.99
C GLU A 369 -54.13 -22.01 2.80
N THR A 370 -54.76 -20.94 2.33
CA THR A 370 -56.20 -20.94 2.08
C THR A 370 -56.54 -21.82 0.90
N THR A 371 -55.54 -22.17 0.10
CA THR A 371 -55.74 -23.05 -1.04
C THR A 371 -54.61 -24.06 -1.16
N GLN A 372 -54.63 -24.79 -2.26
CA GLN A 372 -53.76 -25.94 -2.43
C GLN A 372 -52.39 -25.60 -3.03
N LYS A 373 -52.07 -24.31 -3.13
CA LYS A 373 -50.90 -23.87 -3.89
C LYS A 373 -49.65 -23.40 -3.11
N ILE A 374 -48.48 -23.67 -3.68
CA ILE A 374 -47.17 -23.15 -3.23
C ILE A 374 -46.38 -22.55 -4.40
N TYR A 375 -45.64 -21.48 -4.14
CA TYR A 375 -44.99 -20.71 -5.22
C TYR A 375 -43.47 -20.69 -5.16
N PHE A 376 -42.84 -20.72 -6.33
CA PHE A 376 -41.38 -20.84 -6.42
C PHE A 376 -40.79 -20.37 -7.74
N LEU A 377 -39.47 -20.17 -7.76
CA LEU A 377 -38.72 -19.83 -8.97
C LEU A 377 -38.01 -21.05 -9.53
N SER A 378 -38.06 -21.26 -10.84
CA SER A 378 -37.46 -22.46 -11.42
C SER A 378 -36.87 -22.30 -12.82
N THR A 379 -35.85 -23.09 -13.09
CA THR A 379 -35.18 -23.11 -14.40
C THR A 379 -35.86 -24.09 -15.35
N GLU A 380 -36.99 -24.65 -14.91
CA GLU A 380 -37.71 -25.64 -15.69
C GLU A 380 -37.89 -25.17 -17.13
N SER A 381 -38.57 -24.05 -17.28
CA SER A 381 -38.80 -23.43 -18.59
C SER A 381 -37.51 -23.29 -19.40
N SER A 382 -36.41 -23.06 -18.70
CA SER A 382 -35.10 -22.93 -19.34
C SER A 382 -34.03 -22.68 -18.29
N PRO A 383 -32.84 -23.28 -18.46
CA PRO A 383 -31.74 -23.17 -17.50
C PRO A 383 -31.15 -21.76 -17.46
N ARG A 384 -31.23 -21.05 -18.57
CA ARG A 384 -30.68 -19.70 -18.67
C ARG A 384 -31.57 -18.66 -18.04
N GLY A 385 -32.87 -18.95 -17.94
CA GLY A 385 -33.81 -18.01 -17.37
C GLY A 385 -34.27 -18.41 -15.98
N ARG A 386 -35.24 -17.68 -15.47
CA ARG A 386 -35.89 -18.02 -14.22
C ARG A 386 -37.35 -17.67 -14.39
N GLN A 387 -38.26 -18.54 -13.94
CA GLN A 387 -39.69 -18.29 -14.06
C GLN A 387 -40.42 -18.51 -12.74
N LEU A 388 -41.61 -17.91 -12.63
CA LEU A 388 -42.43 -18.01 -11.43
C LEU A 388 -43.50 -19.09 -11.58
N TYR A 389 -43.37 -20.17 -10.81
CA TYR A 389 -44.25 -21.32 -10.94
C TYR A 389 -45.08 -21.52 -9.68
N SER A 390 -46.26 -22.11 -9.85
CA SER A 390 -47.04 -22.55 -8.70
C SER A 390 -47.29 -24.04 -8.86
N ALA A 391 -47.26 -24.75 -7.75
CA ALA A 391 -47.65 -26.14 -7.76
C ALA A 391 -48.74 -26.31 -6.72
N SER A 392 -49.54 -27.37 -6.85
CA SER A 392 -50.59 -27.60 -5.88
C SER A 392 -50.06 -28.54 -4.78
N THR A 393 -49.89 -28.01 -3.58
CA THR A 393 -49.41 -28.82 -2.46
C THR A 393 -50.29 -30.05 -2.26
N GLU A 394 -51.50 -29.84 -1.72
CA GLU A 394 -52.43 -30.94 -1.54
C GLU A 394 -53.16 -31.12 -2.85
N GLY A 395 -52.98 -32.26 -3.49
CA GLY A 395 -53.71 -32.48 -4.72
C GLY A 395 -53.02 -33.38 -5.72
N LEU A 396 -53.39 -33.14 -6.97
CA LEU A 396 -52.85 -33.84 -8.13
C LEU A 396 -51.34 -33.77 -8.21
N LEU A 397 -50.74 -32.86 -7.44
CA LEU A 397 -49.31 -32.59 -7.50
C LEU A 397 -48.94 -31.97 -8.84
N ASN A 398 -49.81 -31.11 -9.36
CA ASN A 398 -49.56 -30.49 -10.67
C ASN A 398 -48.68 -29.26 -10.59
N ARG A 399 -48.34 -28.71 -11.75
CA ARG A 399 -47.45 -27.55 -11.84
C ARG A 399 -47.90 -26.65 -12.95
N GLN A 400 -47.76 -25.34 -12.75
CA GLN A 400 -48.08 -24.38 -13.80
C GLN A 400 -47.24 -23.13 -13.75
N CYS A 401 -46.88 -22.63 -14.93
CA CYS A 401 -46.07 -21.42 -15.01
C CYS A 401 -46.94 -20.19 -15.08
N ILE A 402 -46.54 -19.16 -14.34
CA ILE A 402 -47.24 -17.88 -14.28
C ILE A 402 -46.60 -16.84 -15.20
N SER A 403 -45.33 -16.54 -14.93
CA SER A 403 -44.57 -15.55 -15.68
C SER A 403 -44.36 -15.86 -17.18
N CYS A 404 -44.65 -17.09 -17.58
CA CYS A 404 -44.33 -17.54 -18.94
C CYS A 404 -44.79 -16.54 -19.97
N ASN A 405 -46.06 -16.14 -19.91
CA ASN A 405 -46.49 -15.08 -20.79
C ASN A 405 -46.68 -13.84 -19.99
N PHE A 406 -45.65 -13.02 -20.04
CA PHE A 406 -45.70 -11.70 -19.44
C PHE A 406 -45.13 -10.86 -20.54
N MET A 407 -43.86 -11.05 -20.79
CA MET A 407 -43.27 -10.60 -22.02
C MET A 407 -42.96 -11.63 -23.16
N LYS A 408 -43.27 -12.93 -23.01
CA LYS A 408 -42.94 -13.85 -24.07
C LYS A 408 -41.45 -13.79 -24.23
N GLU A 409 -41.07 -13.24 -25.35
CA GLU A 409 -39.67 -12.94 -25.65
C GLU A 409 -38.96 -11.83 -24.86
N GLN A 410 -39.72 -10.97 -24.19
CA GLN A 410 -39.07 -9.89 -23.47
C GLN A 410 -38.80 -10.09 -22.00
N CYS A 411 -39.43 -11.07 -21.39
CA CYS A 411 -39.05 -11.41 -20.02
C CYS A 411 -38.90 -12.92 -19.85
N THR A 412 -37.66 -13.41 -19.79
CA THR A 412 -37.44 -14.84 -19.51
C THR A 412 -36.83 -15.13 -18.14
N TYR A 413 -36.46 -14.09 -17.40
CA TYR A 413 -35.71 -14.24 -16.16
C TYR A 413 -36.35 -13.44 -15.05
N PHE A 414 -36.93 -14.07 -14.03
CA PHE A 414 -37.70 -13.31 -13.06
C PHE A 414 -37.27 -13.43 -11.60
N ASP A 415 -37.90 -12.62 -10.77
CA ASP A 415 -37.88 -12.75 -9.32
C ASP A 415 -39.22 -12.16 -8.91
N ALA A 416 -39.72 -12.49 -7.73
CA ALA A 416 -41.00 -11.96 -7.33
C ALA A 416 -41.12 -11.85 -5.81
N SER A 417 -42.10 -11.07 -5.35
CA SER A 417 -42.40 -11.00 -3.92
C SER A 417 -43.91 -10.95 -3.71
N PHE A 418 -44.40 -11.79 -2.81
CA PHE A 418 -45.82 -11.90 -2.52
C PHE A 418 -46.21 -11.02 -1.34
N SER A 419 -47.41 -10.46 -1.39
CA SER A 419 -47.95 -9.72 -0.25
C SER A 419 -48.06 -10.67 0.92
N PRO A 420 -48.19 -10.13 2.14
CA PRO A 420 -48.20 -10.92 3.37
C PRO A 420 -49.33 -11.98 3.43
N MET A 421 -50.46 -11.69 2.81
CA MET A 421 -51.54 -12.66 2.71
C MET A 421 -51.49 -13.38 1.37
N ASN A 422 -50.46 -13.07 0.59
CA ASN A 422 -50.21 -13.77 -0.67
C ASN A 422 -51.26 -13.45 -1.73
N GLN A 423 -52.18 -12.55 -1.40
CA GLN A 423 -53.26 -12.20 -2.30
C GLN A 423 -52.81 -11.70 -3.68
N HIS A 424 -51.70 -10.97 -3.72
CA HIS A 424 -51.05 -10.61 -4.98
C HIS A 424 -49.55 -10.42 -4.85
N PHE A 425 -48.87 -10.35 -5.99
CA PHE A 425 -47.41 -10.43 -6.02
C PHE A 425 -46.75 -9.40 -6.92
N LEU A 426 -45.51 -9.06 -6.59
CA LEU A 426 -44.70 -8.16 -7.41
C LEU A 426 -43.79 -8.99 -8.29
N LEU A 427 -43.79 -8.68 -9.58
CA LEU A 427 -42.99 -9.43 -10.52
C LEU A 427 -41.91 -8.56 -11.14
N PHE A 428 -40.66 -8.84 -10.76
CA PHE A 428 -39.52 -8.12 -11.30
C PHE A 428 -39.06 -8.81 -12.58
N CYS A 429 -38.94 -8.03 -13.64
CA CYS A 429 -38.62 -8.59 -14.93
C CYS A 429 -37.17 -9.01 -15.00
N GLU A 430 -36.25 -8.06 -15.07
CA GLU A 430 -34.83 -8.39 -15.12
C GLU A 430 -34.44 -9.14 -16.37
N GLY A 431 -35.43 -9.41 -17.22
CA GLY A 431 -35.25 -10.34 -18.31
C GLY A 431 -34.42 -9.70 -19.40
N PRO A 432 -34.48 -10.26 -20.61
CA PRO A 432 -33.69 -9.74 -21.73
C PRO A 432 -33.95 -8.25 -21.99
N ARG A 433 -35.20 -7.81 -21.85
CA ARG A 433 -35.54 -6.40 -21.99
C ARG A 433 -35.08 -5.62 -20.77
N VAL A 434 -34.94 -4.31 -20.93
CA VAL A 434 -34.60 -3.44 -19.82
C VAL A 434 -35.61 -3.60 -18.70
N PRO A 435 -35.14 -4.02 -17.52
CA PRO A 435 -35.98 -4.54 -16.44
C PRO A 435 -37.21 -3.70 -16.14
N VAL A 436 -38.30 -4.38 -15.77
CA VAL A 436 -39.57 -3.74 -15.48
C VAL A 436 -40.26 -4.42 -14.31
N VAL A 437 -40.63 -3.66 -13.28
CA VAL A 437 -41.37 -4.27 -12.17
C VAL A 437 -42.87 -4.11 -12.38
N SER A 438 -43.64 -5.14 -12.02
CA SER A 438 -45.09 -5.11 -12.23
C SER A 438 -45.86 -5.74 -11.07
N LEU A 439 -47.07 -5.25 -10.82
CA LEU A 439 -47.88 -5.76 -9.71
C LEU A 439 -49.11 -6.52 -10.20
N HIS A 440 -49.17 -7.82 -9.90
CA HIS A 440 -50.27 -8.68 -10.36
C HIS A 440 -51.08 -9.17 -9.18
N SER A 441 -52.35 -9.50 -9.43
CA SER A 441 -53.19 -10.17 -8.46
C SER A 441 -52.91 -11.66 -8.52
N THR A 442 -52.88 -12.32 -7.37
CA THR A 442 -52.54 -13.75 -7.35
C THR A 442 -53.46 -14.59 -8.26
N ASP A 443 -54.70 -14.80 -7.83
CA ASP A 443 -55.58 -15.72 -8.56
C ASP A 443 -55.83 -15.26 -9.99
N ASN A 444 -55.58 -13.99 -10.27
CA ASN A 444 -55.71 -13.46 -11.62
C ASN A 444 -54.53 -12.62 -12.06
N PRO A 445 -53.53 -13.26 -12.70
CA PRO A 445 -52.52 -12.47 -13.39
C PRO A 445 -53.12 -11.67 -14.57
N ALA A 446 -53.82 -10.60 -14.21
CA ALA A 446 -54.34 -9.64 -15.17
C ALA A 446 -53.24 -8.63 -15.49
N LYS A 447 -52.09 -8.83 -14.84
CA LYS A 447 -50.90 -7.97 -14.96
C LYS A 447 -51.18 -6.64 -14.32
N TYR A 448 -52.47 -6.39 -14.06
CA TYR A 448 -52.86 -5.15 -13.43
C TYR A 448 -52.03 -4.07 -14.12
N PHE A 449 -51.23 -3.37 -13.32
CA PHE A 449 -50.40 -2.30 -13.83
C PHE A 449 -48.92 -2.60 -13.67
N ILE A 450 -48.10 -1.66 -14.13
CA ILE A 450 -46.66 -1.78 -14.13
C ILE A 450 -46.14 -0.76 -13.14
N LEU A 451 -45.34 -1.21 -12.18
CA LEU A 451 -44.82 -0.30 -11.17
C LEU A 451 -43.68 0.58 -11.68
N GLU A 452 -42.71 -0.05 -12.33
CA GLU A 452 -41.52 0.65 -12.80
C GLU A 452 -41.19 0.19 -14.20
N SER A 453 -41.11 1.13 -15.14
CA SER A 453 -40.75 0.77 -16.51
C SER A 453 -39.29 1.04 -16.87
N ASN A 454 -38.54 1.67 -15.98
CA ASN A 454 -37.18 2.09 -16.33
C ASN A 454 -37.15 2.85 -17.65
N SER A 455 -38.17 3.68 -17.85
CA SER A 455 -38.42 4.34 -19.13
C SER A 455 -37.21 4.99 -19.77
N MET A 456 -36.68 6.03 -19.13
CA MET A 456 -35.56 6.78 -19.72
C MET A 456 -34.46 5.82 -20.16
N LEU A 457 -34.15 4.86 -19.31
CA LEU A 457 -33.08 3.91 -19.60
C LEU A 457 -33.39 3.09 -20.85
N LYS A 458 -34.63 2.70 -21.01
CA LYS A 458 -35.04 1.95 -22.20
C LYS A 458 -34.69 2.70 -23.48
N GLU A 459 -35.29 3.88 -23.67
CA GLU A 459 -35.00 4.68 -24.86
C GLU A 459 -33.52 4.97 -25.01
N ALA A 460 -32.80 4.98 -23.89
CA ALA A 460 -31.35 5.21 -23.91
C ALA A 460 -30.61 4.12 -24.69
N ILE A 461 -30.78 2.87 -24.27
CA ILE A 461 -30.08 1.77 -24.94
C ILE A 461 -30.69 1.48 -26.33
N LEU A 462 -31.93 1.91 -26.51
CA LEU A 462 -32.60 1.74 -27.80
C LEU A 462 -31.81 2.44 -28.89
N LYS A 463 -31.54 3.73 -28.71
CA LYS A 463 -30.80 4.53 -29.69
C LYS A 463 -29.49 3.88 -30.07
N LYS A 464 -28.74 3.42 -29.07
CA LYS A 464 -27.42 2.82 -29.28
C LYS A 464 -27.49 1.47 -29.98
N LYS A 465 -26.40 1.09 -30.64
CA LYS A 465 -26.35 -0.11 -31.46
C LYS A 465 -26.92 -1.32 -30.71
N ILE A 466 -26.16 -1.82 -29.73
CA ILE A 466 -26.65 -2.83 -28.80
C ILE A 466 -27.15 -4.16 -29.44
N GLY A 467 -26.21 -4.98 -29.89
CA GLY A 467 -26.56 -6.21 -30.60
C GLY A 467 -27.15 -7.37 -29.80
N LYS A 468 -27.39 -8.48 -30.51
CA LYS A 468 -27.91 -9.69 -29.91
C LYS A 468 -26.83 -10.77 -29.82
N PRO A 469 -26.65 -11.35 -28.63
CA PRO A 469 -25.63 -12.31 -28.20
C PRO A 469 -25.80 -13.74 -28.71
N GLU A 470 -25.22 -14.08 -29.87
CA GLU A 470 -25.22 -15.47 -30.33
C GLU A 470 -24.76 -16.40 -29.21
N ILE A 471 -25.42 -17.54 -29.09
CA ILE A 471 -25.07 -18.53 -28.09
C ILE A 471 -24.80 -19.92 -28.66
N LYS A 472 -23.54 -20.32 -28.61
CA LYS A 472 -23.10 -21.67 -28.94
C LYS A 472 -23.21 -22.59 -27.71
N ILE A 473 -23.48 -23.88 -27.93
CA ILE A 473 -23.51 -24.82 -26.82
C ILE A 473 -22.46 -25.94 -26.95
N LEU A 474 -21.58 -26.04 -25.96
CA LEU A 474 -20.43 -26.98 -25.98
C LEU A 474 -20.66 -28.25 -25.16
N HIS A 475 -20.07 -29.37 -25.61
CA HIS A 475 -20.09 -30.60 -24.84
C HIS A 475 -18.76 -30.85 -24.16
N ILE A 476 -18.76 -30.73 -22.84
CA ILE A 476 -17.62 -31.09 -22.01
C ILE A 476 -18.04 -32.29 -21.16
N ASP A 477 -17.21 -33.33 -21.12
CA ASP A 477 -17.61 -34.53 -20.39
C ASP A 477 -19.00 -34.95 -20.84
N ASP A 478 -19.88 -35.12 -19.86
CA ASP A 478 -21.27 -35.49 -20.09
C ASP A 478 -22.22 -34.29 -20.10
N TYR A 479 -21.68 -33.08 -19.92
CA TYR A 479 -22.52 -31.88 -19.80
C TYR A 479 -22.65 -31.08 -21.10
N GLU A 480 -23.50 -30.08 -21.05
CA GLU A 480 -23.71 -29.18 -22.17
C GLU A 480 -23.69 -27.77 -21.63
N LEU A 481 -22.71 -26.98 -22.06
CA LEU A 481 -22.50 -25.69 -21.45
C LEU A 481 -22.55 -24.55 -22.46
N PRO A 482 -23.17 -23.43 -22.08
CA PRO A 482 -23.42 -22.25 -22.92
C PRO A 482 -22.17 -21.44 -23.14
N LEU A 483 -21.97 -20.96 -24.36
CA LEU A 483 -20.91 -20.01 -24.65
C LEU A 483 -21.56 -18.79 -25.29
N GLN A 484 -21.55 -17.67 -24.59
CA GLN A 484 -22.21 -16.49 -25.09
C GLN A 484 -21.20 -15.62 -25.84
N LEU A 485 -21.47 -15.32 -27.11
CA LEU A 485 -20.63 -14.42 -27.89
C LEU A 485 -21.34 -13.10 -28.16
N SER A 486 -20.87 -12.02 -27.56
CA SER A 486 -21.43 -10.69 -27.80
C SER A 486 -20.62 -10.02 -28.92
N LEU A 487 -21.30 -9.66 -30.00
CA LEU A 487 -20.63 -9.24 -31.23
C LEU A 487 -20.89 -7.79 -31.59
N PRO A 488 -19.89 -7.14 -32.20
CA PRO A 488 -19.90 -5.72 -32.58
C PRO A 488 -21.08 -5.36 -33.48
N LYS A 489 -21.46 -4.08 -33.46
CA LYS A 489 -22.61 -3.62 -34.23
C LYS A 489 -22.56 -4.17 -35.65
N ASP A 490 -21.62 -3.67 -36.44
CA ASP A 490 -21.45 -4.19 -37.78
C ASP A 490 -20.49 -5.35 -37.73
N PHE A 491 -20.98 -6.53 -38.05
CA PHE A 491 -20.18 -7.75 -37.96
C PHE A 491 -19.94 -8.34 -39.33
N MET A 492 -18.70 -8.26 -39.80
CA MET A 492 -18.33 -8.97 -41.01
C MET A 492 -18.09 -10.40 -40.60
N ASP A 493 -18.54 -11.34 -41.41
CA ASP A 493 -18.21 -12.73 -41.17
C ASP A 493 -16.78 -12.91 -41.61
N ARG A 494 -16.34 -11.99 -42.47
CA ARG A 494 -15.04 -12.07 -43.10
C ARG A 494 -13.87 -11.89 -42.13
N ASN A 495 -13.82 -10.75 -41.43
CA ASN A 495 -12.58 -10.33 -40.76
C ASN A 495 -12.19 -11.17 -39.56
N GLN A 496 -11.06 -10.80 -38.97
CA GLN A 496 -10.57 -11.45 -37.76
C GLN A 496 -10.71 -10.48 -36.58
N TYR A 497 -11.68 -10.75 -35.72
CA TYR A 497 -11.93 -9.92 -34.55
C TYR A 497 -11.06 -10.31 -33.38
N ALA A 498 -10.83 -9.36 -32.48
CA ALA A 498 -10.19 -9.66 -31.21
C ALA A 498 -11.19 -10.29 -30.25
N LEU A 499 -10.73 -11.17 -29.37
CA LEU A 499 -11.63 -11.89 -28.50
C LEU A 499 -11.31 -11.64 -27.03
N LEU A 500 -12.28 -11.09 -26.30
CA LEU A 500 -12.16 -10.96 -24.86
C LEU A 500 -12.93 -12.09 -24.18
N LEU A 501 -12.28 -12.79 -23.26
CA LEU A 501 -12.93 -13.89 -22.57
C LEU A 501 -13.08 -13.51 -21.12
N ILE A 502 -14.32 -13.28 -20.69
CA ILE A 502 -14.55 -12.83 -19.33
C ILE A 502 -14.85 -13.99 -18.38
N MET A 503 -14.27 -13.94 -17.18
CA MET A 503 -14.42 -15.01 -16.21
C MET A 503 -15.55 -14.77 -15.20
N ASP A 504 -16.21 -15.85 -14.79
CA ASP A 504 -17.23 -15.76 -13.76
C ASP A 504 -16.51 -15.43 -12.46
N GLU A 505 -16.95 -14.36 -11.79
CA GLU A 505 -16.20 -13.76 -10.67
C GLU A 505 -16.22 -14.51 -9.33
N GLU A 506 -17.23 -15.33 -9.11
CA GLU A 506 -17.23 -16.22 -7.94
C GLU A 506 -17.70 -17.60 -8.40
N PRO A 507 -17.23 -18.70 -7.76
CA PRO A 507 -17.62 -20.04 -8.21
C PRO A 507 -19.09 -20.33 -7.96
N GLY A 508 -19.71 -21.12 -8.84
CA GLY A 508 -21.11 -21.46 -8.67
C GLY A 508 -22.04 -20.33 -9.08
N GLY A 509 -21.52 -19.39 -9.86
CA GLY A 509 -22.32 -18.34 -10.43
C GLY A 509 -22.63 -18.70 -11.88
N GLN A 510 -23.44 -17.90 -12.54
CA GLN A 510 -23.79 -18.21 -13.90
C GLN A 510 -23.54 -17.02 -14.80
N LEU A 511 -22.51 -17.09 -15.62
CA LEU A 511 -22.20 -16.06 -16.60
C LEU A 511 -23.29 -15.83 -17.63
N VAL A 512 -23.54 -16.86 -18.44
CA VAL A 512 -24.51 -16.76 -19.52
C VAL A 512 -25.91 -16.90 -18.95
N THR A 513 -26.67 -15.81 -19.06
CA THR A 513 -27.98 -15.71 -18.44
C THR A 513 -28.82 -14.69 -19.20
N ASP A 514 -30.13 -14.89 -19.24
CA ASP A 514 -31.02 -13.96 -19.94
C ASP A 514 -31.08 -12.60 -19.24
N LYS A 515 -30.62 -12.56 -17.99
CA LYS A 515 -30.66 -11.35 -17.19
C LYS A 515 -30.05 -10.20 -17.98
N PHE A 516 -30.74 -9.07 -18.02
CA PHE A 516 -30.23 -7.91 -18.73
C PHE A 516 -29.05 -7.35 -17.99
N HIS A 517 -28.01 -6.99 -18.72
CA HIS A 517 -26.89 -6.33 -18.09
C HIS A 517 -26.20 -5.41 -19.10
N ILE A 518 -25.71 -4.28 -18.60
CA ILE A 518 -24.96 -3.35 -19.44
C ILE A 518 -23.74 -2.90 -18.65
N ASP A 519 -22.56 -2.98 -19.27
CA ASP A 519 -21.32 -2.66 -18.56
C ASP A 519 -20.16 -2.36 -19.49
N TRP A 520 -18.97 -2.19 -18.91
CA TRP A 520 -17.82 -1.70 -19.65
C TRP A 520 -17.61 -2.45 -20.96
N ASP A 521 -17.61 -3.77 -20.89
CA ASP A 521 -17.32 -4.60 -22.04
C ASP A 521 -18.23 -4.25 -23.20
N SER A 522 -19.46 -3.84 -22.90
CA SER A 522 -20.41 -3.42 -23.93
C SER A 522 -19.84 -2.27 -24.72
N VAL A 523 -19.10 -1.41 -24.02
CA VAL A 523 -18.34 -0.34 -24.65
C VAL A 523 -17.15 -0.90 -25.43
N LEU A 524 -16.41 -1.81 -24.81
CA LEU A 524 -15.29 -2.47 -25.48
C LEU A 524 -15.78 -3.04 -26.80
N ILE A 525 -16.94 -3.68 -26.76
CA ILE A 525 -17.56 -4.24 -27.96
C ILE A 525 -17.78 -3.18 -29.02
N ASP A 526 -18.71 -2.27 -28.73
CA ASP A 526 -19.23 -1.37 -29.75
C ASP A 526 -18.15 -0.52 -30.38
N MET A 527 -17.47 0.29 -29.57
CA MET A 527 -16.29 1.00 -30.02
C MET A 527 -15.15 0.05 -29.74
N ASP A 528 -14.23 -0.09 -30.69
CA ASP A 528 -13.12 -1.07 -30.61
C ASP A 528 -13.37 -2.46 -31.17
N ASN A 529 -14.59 -2.76 -31.63
CA ASN A 529 -14.83 -3.99 -32.37
C ASN A 529 -14.20 -5.21 -31.74
N VAL A 530 -14.46 -5.40 -30.45
CA VAL A 530 -13.98 -6.58 -29.76
C VAL A 530 -15.18 -7.48 -29.44
N ILE A 531 -15.00 -8.79 -29.63
CA ILE A 531 -16.06 -9.73 -29.26
C ILE A 531 -15.79 -10.22 -27.86
N VAL A 532 -16.72 -9.99 -26.95
CA VAL A 532 -16.56 -10.52 -25.59
C VAL A 532 -17.26 -11.87 -25.48
N ALA A 533 -16.62 -12.80 -24.79
CA ALA A 533 -17.13 -14.16 -24.72
C ALA A 533 -17.25 -14.61 -23.29
N ARG A 534 -18.39 -15.22 -22.96
CA ARG A 534 -18.58 -15.85 -21.66
C ARG A 534 -18.95 -17.33 -21.83
N PHE A 535 -18.37 -18.18 -20.99
CA PHE A 535 -18.63 -19.61 -21.04
C PHE A 535 -18.79 -20.16 -19.63
N ASP A 536 -19.93 -20.78 -19.35
CA ASP A 536 -20.16 -21.34 -18.02
C ASP A 536 -19.71 -22.79 -18.02
N GLY A 537 -18.60 -23.07 -17.37
CA GLY A 537 -18.00 -24.40 -17.39
C GLY A 537 -18.41 -25.16 -16.15
N ARG A 538 -17.77 -26.28 -15.90
CA ARG A 538 -18.06 -27.03 -14.70
C ARG A 538 -17.75 -26.16 -13.49
N GLY A 539 -18.54 -26.36 -12.44
CA GLY A 539 -18.44 -25.55 -11.24
C GLY A 539 -19.37 -24.34 -11.27
N SER A 540 -19.74 -23.92 -12.47
CA SER A 540 -20.73 -22.87 -12.60
C SER A 540 -22.01 -23.40 -12.01
N GLY A 541 -22.73 -22.56 -11.27
CA GLY A 541 -23.90 -23.02 -10.57
C GLY A 541 -25.19 -23.03 -11.37
N PHE A 542 -26.28 -23.32 -10.67
CA PHE A 542 -27.64 -23.23 -11.21
C PHE A 542 -27.96 -24.18 -12.37
N GLN A 543 -27.17 -25.23 -12.56
CA GLN A 543 -27.66 -26.41 -13.26
C GLN A 543 -27.13 -27.65 -12.57
N GLY A 544 -28.01 -28.37 -11.87
CA GLY A 544 -27.62 -29.57 -11.18
C GLY A 544 -26.65 -29.25 -10.04
N LEU A 545 -26.43 -30.22 -9.16
CA LEU A 545 -25.28 -30.15 -8.25
C LEU A 545 -24.08 -30.68 -8.98
N LYS A 546 -24.35 -31.55 -9.96
CA LYS A 546 -23.32 -32.32 -10.63
C LYS A 546 -22.31 -31.43 -11.34
N ILE A 547 -22.79 -30.40 -12.02
CA ILE A 547 -21.89 -29.41 -12.60
C ILE A 547 -21.25 -28.57 -11.49
N LEU A 548 -22.05 -28.24 -10.48
CA LEU A 548 -21.59 -27.39 -9.38
C LEU A 548 -20.43 -27.98 -8.56
N GLN A 549 -20.53 -29.27 -8.22
CA GLN A 549 -19.55 -29.91 -7.34
C GLN A 549 -18.40 -30.58 -8.09
N GLU A 550 -18.36 -30.43 -9.40
CA GLU A 550 -17.26 -30.96 -10.20
C GLU A 550 -15.95 -30.26 -9.79
N ILE A 551 -16.08 -29.20 -9.01
CA ILE A 551 -14.94 -28.41 -8.52
C ILE A 551 -14.27 -28.95 -7.25
N HIS A 552 -14.97 -29.76 -6.48
CA HIS A 552 -14.51 -30.09 -5.14
C HIS A 552 -13.07 -30.60 -5.12
N ARG A 553 -12.22 -29.92 -4.35
CA ARG A 553 -10.80 -30.27 -4.20
C ARG A 553 -9.91 -30.07 -5.41
N ARG A 554 -10.50 -29.86 -6.58
CA ARG A 554 -9.73 -29.38 -7.70
C ARG A 554 -10.25 -28.00 -8.04
N LEU A 555 -9.50 -26.98 -7.67
CA LEU A 555 -9.96 -25.61 -7.83
C LEU A 555 -8.99 -24.85 -8.74
N GLY A 556 -9.50 -24.40 -9.87
CA GLY A 556 -8.67 -23.79 -10.89
C GLY A 556 -8.21 -24.91 -11.80
N SER A 557 -8.22 -26.12 -11.27
CA SER A 557 -7.91 -27.29 -12.07
C SER A 557 -8.94 -27.43 -13.18
N VAL A 558 -10.19 -27.59 -12.78
CA VAL A 558 -11.29 -27.91 -13.69
C VAL A 558 -11.74 -26.71 -14.49
N GLU A 559 -12.22 -25.69 -13.79
CA GLU A 559 -12.73 -24.51 -14.46
C GLU A 559 -11.77 -24.07 -15.55
N VAL A 560 -10.48 -24.14 -15.28
CA VAL A 560 -9.48 -23.71 -16.26
C VAL A 560 -9.48 -24.60 -17.50
N LYS A 561 -9.40 -25.91 -17.30
CA LYS A 561 -9.37 -26.83 -18.42
C LYS A 561 -10.58 -26.64 -19.32
N ASP A 562 -11.72 -26.30 -18.73
CA ASP A 562 -12.94 -26.03 -19.49
C ASP A 562 -12.84 -24.72 -20.24
N GLN A 563 -12.46 -23.67 -19.53
CA GLN A 563 -12.30 -22.36 -20.14
C GLN A 563 -11.41 -22.47 -21.35
N ILE A 564 -10.44 -23.38 -21.27
CA ILE A 564 -9.50 -23.52 -22.36
C ILE A 564 -10.13 -24.30 -23.50
N THR A 565 -10.78 -25.42 -23.21
CA THR A 565 -11.42 -26.18 -24.28
C THR A 565 -12.46 -25.29 -24.95
N ALA A 566 -12.97 -24.31 -24.23
CA ALA A 566 -13.88 -23.35 -24.81
C ALA A 566 -13.15 -22.36 -25.73
N VAL A 567 -11.92 -22.02 -25.38
CA VAL A 567 -11.10 -21.17 -26.25
C VAL A 567 -10.74 -21.96 -27.49
N LYS A 568 -10.43 -23.24 -27.28
CA LYS A 568 -10.14 -24.12 -28.40
C LYS A 568 -11.19 -23.99 -29.47
N PHE A 569 -12.43 -24.34 -29.13
CA PHE A 569 -13.55 -24.19 -30.06
C PHE A 569 -13.63 -22.78 -30.62
N LEU A 570 -13.59 -21.80 -29.72
CA LEU A 570 -13.57 -20.41 -30.14
C LEU A 570 -12.52 -20.19 -31.23
N LEU A 571 -11.37 -20.86 -31.06
CA LEU A 571 -10.21 -20.67 -31.91
C LEU A 571 -10.44 -21.18 -33.33
N LYS A 572 -11.30 -22.19 -33.45
CA LYS A 572 -11.51 -22.84 -34.74
C LYS A 572 -12.51 -22.08 -35.58
N LEU A 573 -13.03 -20.98 -35.04
CA LEU A 573 -13.91 -20.10 -35.81
C LEU A 573 -13.07 -19.30 -36.79
N PRO A 574 -13.67 -18.93 -37.92
CA PRO A 574 -13.00 -18.15 -38.97
C PRO A 574 -12.76 -16.71 -38.58
N TYR A 575 -13.72 -16.12 -37.87
CA TYR A 575 -13.79 -14.67 -37.70
C TYR A 575 -13.13 -14.15 -36.44
N ILE A 576 -12.61 -15.05 -35.61
CA ILE A 576 -11.85 -14.61 -34.45
C ILE A 576 -10.35 -14.72 -34.75
N ASP A 577 -9.58 -13.79 -34.23
CA ASP A 577 -8.15 -13.71 -34.52
C ASP A 577 -7.35 -14.35 -33.40
N SER A 578 -6.69 -15.46 -33.69
CA SER A 578 -5.92 -16.13 -32.65
C SER A 578 -4.80 -15.21 -32.17
N LYS A 579 -4.35 -14.34 -33.06
CA LYS A 579 -3.29 -13.42 -32.73
C LYS A 579 -3.71 -12.53 -31.55
N ARG A 580 -4.93 -12.02 -31.58
CA ARG A 580 -5.38 -11.15 -30.51
C ARG A 580 -6.49 -11.79 -29.70
N LEU A 581 -6.11 -12.27 -28.53
CA LEU A 581 -7.01 -12.94 -27.62
C LEU A 581 -6.67 -12.38 -26.26
N SER A 582 -7.68 -11.95 -25.52
CA SER A 582 -7.45 -11.40 -24.19
C SER A 582 -8.38 -12.05 -23.17
N ILE A 583 -7.91 -12.08 -21.93
CA ILE A 583 -8.74 -12.61 -20.86
C ILE A 583 -8.99 -11.57 -19.77
N PHE A 584 -10.10 -11.69 -19.07
CA PHE A 584 -10.36 -10.85 -17.92
C PHE A 584 -11.08 -11.61 -16.83
N GLY A 585 -10.70 -11.33 -15.58
CA GLY A 585 -11.46 -11.82 -14.45
C GLY A 585 -11.06 -11.11 -13.18
N LYS A 586 -12.00 -11.01 -12.26
CA LYS A 586 -11.83 -10.25 -11.02
C LYS A 586 -12.07 -11.15 -9.84
N GLY A 587 -11.63 -10.73 -8.66
CA GLY A 587 -11.82 -11.56 -7.49
C GLY A 587 -11.32 -12.96 -7.73
N TYR A 588 -12.21 -13.91 -7.53
CA TYR A 588 -11.93 -15.32 -7.80
C TYR A 588 -11.67 -15.53 -9.28
N GLY A 589 -12.42 -14.83 -10.11
CA GLY A 589 -12.26 -14.93 -11.55
C GLY A 589 -10.90 -14.42 -11.98
N GLY A 590 -10.32 -13.54 -11.16
CA GLY A 590 -8.95 -13.13 -11.37
C GLY A 590 -8.02 -14.30 -11.07
N TYR A 591 -8.41 -15.12 -10.10
CA TYR A 591 -7.66 -16.32 -9.77
C TYR A 591 -7.60 -17.26 -10.98
N ILE A 592 -8.76 -17.68 -11.46
CA ILE A 592 -8.85 -18.54 -12.63
C ILE A 592 -8.23 -17.90 -13.87
N ALA A 593 -8.42 -16.59 -14.00
CA ALA A 593 -7.86 -15.88 -15.12
C ALA A 593 -6.34 -16.06 -15.13
N SER A 594 -5.78 -16.18 -13.93
CA SER A 594 -4.35 -16.31 -13.78
C SER A 594 -3.89 -17.71 -14.13
N MET A 595 -4.57 -18.71 -13.56
CA MET A 595 -4.30 -20.11 -13.85
C MET A 595 -4.29 -20.38 -15.37
N ILE A 596 -5.24 -19.78 -16.07
CA ILE A 596 -5.33 -19.89 -17.53
C ILE A 596 -4.11 -19.28 -18.18
N LEU A 597 -3.48 -18.32 -17.51
CA LEU A 597 -2.34 -17.62 -18.10
C LEU A 597 -1.02 -18.38 -17.96
N LYS A 598 -1.06 -19.58 -17.40
CA LYS A 598 0.15 -20.40 -17.25
C LYS A 598 0.27 -21.60 -18.23
N SER A 599 1.49 -21.77 -18.74
CA SER A 599 2.13 -22.99 -19.31
C SER A 599 1.38 -23.99 -20.18
N ASP A 600 0.07 -24.09 -20.01
CA ASP A 600 -0.66 -25.14 -20.69
C ASP A 600 -0.33 -24.91 -22.14
N GLU A 601 -0.58 -23.68 -22.53
CA GLU A 601 -0.19 -23.16 -23.82
C GLU A 601 -0.55 -21.71 -23.71
N LYS A 602 0.05 -20.88 -24.55
CA LYS A 602 -0.28 -19.47 -24.45
C LYS A 602 -1.23 -19.18 -25.58
N LEU A 603 -2.50 -19.08 -25.21
CA LEU A 603 -3.53 -18.78 -26.18
C LEU A 603 -3.89 -17.32 -26.10
N PHE A 604 -3.31 -16.63 -25.11
CA PHE A 604 -3.67 -15.25 -24.84
C PHE A 604 -2.50 -14.31 -25.04
N LYS A 605 -2.73 -13.24 -25.81
CA LYS A 605 -1.73 -12.21 -26.02
C LYS A 605 -1.64 -11.24 -24.86
N CYS A 606 -2.78 -10.94 -24.24
CA CYS A 606 -2.79 -10.15 -23.00
C CYS A 606 -4.04 -10.38 -22.13
N GLY A 607 -3.88 -10.16 -20.83
CA GLY A 607 -4.98 -10.36 -19.89
C GLY A 607 -4.84 -9.42 -18.70
N SER A 608 -5.98 -9.13 -18.08
CA SER A 608 -6.02 -8.17 -16.98
C SER A 608 -6.78 -8.74 -15.80
N VAL A 609 -6.27 -8.48 -14.61
CA VAL A 609 -6.81 -9.11 -13.41
C VAL A 609 -6.99 -8.15 -12.25
N VAL A 610 -8.21 -8.09 -11.72
CA VAL A 610 -8.56 -7.16 -10.65
C VAL A 610 -8.82 -7.87 -9.32
N ALA A 611 -8.13 -7.43 -8.27
CA ALA A 611 -8.22 -8.05 -6.97
C ALA A 611 -8.19 -9.57 -7.09
N PRO A 612 -7.18 -10.09 -7.79
CA PRO A 612 -7.05 -11.53 -7.99
C PRO A 612 -6.88 -12.22 -6.67
N ILE A 613 -7.60 -13.31 -6.43
CA ILE A 613 -7.27 -14.06 -5.24
C ILE A 613 -6.18 -15.00 -5.73
N THR A 614 -4.95 -14.77 -5.27
CA THR A 614 -3.79 -15.54 -5.76
C THR A 614 -3.30 -16.74 -4.96
N ASP A 615 -3.62 -16.84 -3.68
CA ASP A 615 -3.28 -18.05 -2.97
C ASP A 615 -4.35 -18.43 -1.98
N LEU A 616 -4.93 -19.61 -2.12
CA LEU A 616 -6.09 -19.97 -1.32
C LEU A 616 -5.76 -20.10 0.16
N LYS A 617 -4.50 -20.31 0.48
CA LYS A 617 -4.08 -20.40 1.86
C LYS A 617 -4.30 -19.05 2.49
N LEU A 618 -4.31 -18.03 1.64
CA LEU A 618 -4.48 -16.64 2.06
C LEU A 618 -5.92 -16.14 1.95
N TYR A 619 -6.84 -17.00 1.54
CA TYR A 619 -8.23 -16.56 1.46
C TYR A 619 -8.98 -16.98 2.71
N ALA A 620 -10.26 -16.65 2.76
CA ALA A 620 -11.03 -16.82 3.99
C ALA A 620 -11.31 -18.27 4.28
N SER A 621 -11.39 -18.59 5.57
CA SER A 621 -11.62 -19.94 6.02
C SER A 621 -12.82 -20.57 5.32
N ALA A 622 -14.01 -20.07 5.62
CA ALA A 622 -15.22 -20.74 5.16
C ALA A 622 -15.32 -20.85 3.65
N PHE A 623 -14.45 -20.15 2.92
CA PHE A 623 -14.42 -20.27 1.46
C PHE A 623 -13.44 -21.36 1.04
N SER A 624 -12.16 -21.16 1.33
CA SER A 624 -11.15 -22.15 0.99
C SER A 624 -11.54 -23.53 1.48
N GLU A 625 -11.84 -23.64 2.78
CA GLU A 625 -12.13 -24.93 3.40
C GLU A 625 -13.30 -25.63 2.76
N ARG A 626 -14.24 -24.88 2.20
CA ARG A 626 -15.41 -25.50 1.59
C ARG A 626 -15.03 -26.34 0.39
N TYR A 627 -14.33 -25.73 -0.55
CA TYR A 627 -13.85 -26.41 -1.76
C TYR A 627 -12.62 -27.31 -1.53
N LEU A 628 -11.58 -26.76 -0.91
CA LEU A 628 -10.34 -27.51 -0.73
C LEU A 628 -10.17 -28.22 0.63
N GLY A 629 -11.14 -28.05 1.52
CA GLY A 629 -11.03 -28.64 2.85
C GLY A 629 -9.90 -28.02 3.64
N MET A 630 -9.69 -28.50 4.86
CA MET A 630 -8.67 -27.96 5.74
C MET A 630 -7.29 -27.98 5.07
N PRO A 631 -6.43 -27.01 5.43
CA PRO A 631 -5.06 -26.77 4.96
C PRO A 631 -4.06 -27.82 5.42
N SER A 632 -2.91 -27.37 5.86
CA SER A 632 -1.89 -28.27 6.37
C SER A 632 -2.50 -29.22 7.38
N LYS A 633 -3.71 -28.91 7.84
CA LYS A 633 -4.42 -29.82 8.70
C LYS A 633 -4.58 -31.17 7.98
N GLU A 634 -5.49 -31.28 7.02
CA GLU A 634 -5.61 -32.52 6.24
C GLU A 634 -5.06 -32.54 4.80
N GLU A 635 -4.63 -31.40 4.25
CA GLU A 635 -4.32 -31.37 2.82
C GLU A 635 -3.19 -30.46 2.35
N SER A 636 -2.33 -31.00 1.50
CA SER A 636 -1.38 -30.17 0.76
C SER A 636 -1.87 -29.92 -0.66
N THR A 637 -3.09 -30.36 -0.97
CA THR A 637 -3.69 -30.04 -2.27
C THR A 637 -3.83 -28.53 -2.43
N TYR A 638 -3.64 -27.82 -1.33
CA TYR A 638 -3.59 -26.36 -1.29
C TYR A 638 -2.38 -25.78 -2.02
N GLN A 639 -1.28 -26.52 -2.01
CA GLN A 639 -0.09 -26.06 -2.71
C GLN A 639 -0.43 -26.01 -4.19
N ALA A 640 -1.24 -26.96 -4.62
CA ALA A 640 -1.61 -27.09 -6.02
C ALA A 640 -2.32 -25.86 -6.54
N ALA A 641 -3.30 -25.37 -5.79
CA ALA A 641 -4.04 -24.22 -6.26
C ALA A 641 -3.41 -22.97 -5.67
N SER A 642 -2.61 -22.33 -6.51
CA SER A 642 -1.95 -21.09 -6.18
C SER A 642 -1.51 -20.50 -7.50
N VAL A 643 -1.34 -19.19 -7.56
CA VAL A 643 -0.66 -18.61 -8.69
C VAL A 643 0.80 -18.37 -8.33
N LEU A 644 1.09 -18.49 -7.03
CA LEU A 644 2.30 -17.88 -6.48
C LEU A 644 3.60 -18.55 -6.88
N HIS A 645 3.71 -19.85 -6.63
CA HIS A 645 4.90 -20.56 -7.08
C HIS A 645 4.71 -21.11 -8.47
N ASN A 646 5.78 -21.07 -9.25
CA ASN A 646 5.79 -21.55 -10.62
C ASN A 646 5.04 -20.72 -11.64
N VAL A 647 5.08 -19.43 -11.41
CA VAL A 647 4.87 -18.37 -12.38
C VAL A 647 5.69 -18.71 -13.64
N HIS A 648 6.03 -19.99 -13.77
CA HIS A 648 7.07 -20.53 -14.65
C HIS A 648 7.09 -19.86 -16.00
N GLY A 649 5.93 -19.45 -16.49
CA GLY A 649 5.92 -18.36 -17.42
C GLY A 649 4.58 -17.69 -17.58
N LEU A 650 4.69 -16.40 -17.86
CA LEU A 650 3.69 -15.64 -18.53
C LEU A 650 4.60 -15.00 -19.58
N LYS A 651 4.43 -15.46 -20.81
CA LYS A 651 5.39 -15.25 -21.89
C LYS A 651 5.25 -13.85 -22.45
N GLU A 652 5.22 -13.74 -23.75
CA GLU A 652 4.91 -12.46 -24.38
C GLU A 652 3.60 -11.90 -23.77
N GLU A 653 2.96 -12.70 -22.93
CA GLU A 653 1.73 -12.28 -22.27
C GLU A 653 1.85 -10.95 -21.55
N ASN A 654 0.97 -10.04 -21.92
CA ASN A 654 0.93 -8.70 -21.37
C ASN A 654 -0.06 -8.74 -20.23
N ILE A 655 0.42 -8.50 -19.00
CA ILE A 655 -0.44 -8.63 -17.83
C ILE A 655 -0.66 -7.33 -17.09
N LEU A 656 -1.92 -7.08 -16.71
CA LEU A 656 -2.30 -5.88 -15.96
C LEU A 656 -2.97 -6.26 -14.63
N ILE A 657 -2.29 -6.00 -13.52
CA ILE A 657 -2.87 -6.29 -12.20
C ILE A 657 -3.38 -5.03 -11.53
N ILE A 658 -4.70 -4.95 -11.33
CA ILE A 658 -5.34 -3.82 -10.65
C ILE A 658 -5.82 -4.24 -9.27
N HIS A 659 -5.45 -3.51 -8.21
CA HIS A 659 -5.89 -3.89 -6.87
C HIS A 659 -6.13 -2.72 -5.95
N GLY A 660 -7.20 -2.78 -5.16
CA GLY A 660 -7.47 -1.75 -4.18
C GLY A 660 -6.66 -2.00 -2.92
N THR A 661 -6.17 -0.94 -2.31
CA THR A 661 -5.26 -1.09 -1.17
C THR A 661 -5.99 -1.41 0.12
N ALA A 662 -7.21 -0.89 0.23
CA ALA A 662 -8.03 -1.07 1.40
C ALA A 662 -8.95 -2.27 1.23
N ASP A 663 -8.76 -3.04 0.16
CA ASP A 663 -9.64 -4.16 -0.14
C ASP A 663 -9.75 -5.07 1.08
N THR A 664 -10.98 -5.32 1.53
CA THR A 664 -11.27 -6.16 2.69
C THR A 664 -11.72 -7.59 2.37
N LYS A 665 -11.80 -7.94 1.09
CA LYS A 665 -12.25 -9.26 0.65
C LYS A 665 -11.07 -10.07 0.16
N VAL A 666 -10.48 -9.59 -0.93
CA VAL A 666 -9.19 -10.10 -1.38
C VAL A 666 -8.17 -9.09 -0.90
N HIS A 667 -7.38 -9.46 0.10
CA HIS A 667 -6.44 -8.52 0.67
C HIS A 667 -5.46 -8.10 -0.41
N PHE A 668 -4.88 -6.92 -0.23
CA PHE A 668 -3.90 -6.44 -1.17
C PHE A 668 -2.76 -7.43 -1.18
N GLN A 669 -2.62 -8.13 -0.06
CA GLN A 669 -1.56 -9.09 0.13
C GLN A 669 -1.49 -10.05 -1.04
N HIS A 670 -2.64 -10.39 -1.60
CA HIS A 670 -2.67 -11.32 -2.72
C HIS A 670 -1.85 -10.83 -3.90
N SER A 671 -2.04 -9.58 -4.29
CA SER A 671 -1.28 -9.02 -5.42
C SER A 671 0.15 -8.66 -5.04
N ALA A 672 0.33 -8.19 -3.81
CA ALA A 672 1.67 -7.93 -3.30
C ALA A 672 2.46 -9.20 -3.46
N GLU A 673 1.91 -10.29 -2.93
CA GLU A 673 2.59 -11.57 -2.97
C GLU A 673 2.90 -11.96 -4.41
N LEU A 674 1.92 -11.79 -5.28
CA LEU A 674 2.05 -12.13 -6.69
C LEU A 674 3.14 -11.30 -7.33
N ILE A 675 2.98 -9.99 -7.25
CA ILE A 675 3.94 -9.03 -7.78
C ILE A 675 5.37 -9.36 -7.34
N LYS A 676 5.53 -9.82 -6.10
CA LYS A 676 6.85 -10.18 -5.58
C LYS A 676 7.47 -11.27 -6.43
N HIS A 677 6.78 -12.41 -6.54
CA HIS A 677 7.28 -13.54 -7.31
C HIS A 677 7.47 -13.13 -8.76
N LEU A 678 6.58 -12.28 -9.25
CA LEU A 678 6.62 -11.85 -10.63
C LEU A 678 7.90 -11.09 -10.97
N ILE A 679 8.44 -10.38 -9.97
CA ILE A 679 9.71 -9.69 -10.16
C ILE A 679 10.91 -10.63 -10.05
N LYS A 680 10.95 -11.42 -8.98
CA LYS A 680 12.04 -12.37 -8.82
C LYS A 680 12.05 -13.41 -9.94
N ALA A 681 10.93 -13.55 -10.63
CA ALA A 681 10.84 -14.47 -11.75
C ALA A 681 11.18 -13.77 -13.05
N GLY A 682 11.30 -12.45 -13.00
CA GLY A 682 11.58 -11.70 -14.20
C GLY A 682 10.51 -11.77 -15.27
N VAL A 683 9.28 -11.40 -14.92
CA VAL A 683 8.18 -11.44 -15.87
C VAL A 683 7.64 -10.05 -16.18
N ASN A 684 7.37 -9.79 -17.45
CA ASN A 684 6.82 -8.49 -17.83
C ASN A 684 5.37 -8.37 -17.42
N TYR A 685 5.09 -7.36 -16.59
CA TYR A 685 3.77 -7.12 -16.06
C TYR A 685 3.60 -5.63 -15.77
N THR A 686 2.35 -5.18 -15.76
CA THR A 686 2.03 -3.80 -15.43
C THR A 686 0.94 -3.76 -14.36
N MET A 687 1.06 -2.84 -13.40
CA MET A 687 0.15 -2.79 -12.26
C MET A 687 -0.45 -1.42 -12.09
N GLN A 688 -1.69 -1.39 -11.58
CA GLN A 688 -2.31 -0.14 -11.16
C GLN A 688 -3.05 -0.36 -9.84
N VAL A 689 -2.61 0.32 -8.79
CA VAL A 689 -3.19 0.14 -7.46
C VAL A 689 -3.85 1.43 -7.01
N TYR A 690 -5.00 1.30 -6.36
CA TYR A 690 -5.75 2.46 -5.92
C TYR A 690 -5.66 2.61 -4.42
N PRO A 691 -4.93 3.62 -3.95
CA PRO A 691 -4.75 3.79 -2.51
C PRO A 691 -6.07 3.99 -1.81
N ASP A 692 -6.27 3.22 -0.76
CA ASP A 692 -7.46 3.33 0.09
C ASP A 692 -8.78 3.00 -0.58
N GLU A 693 -8.74 2.15 -1.61
CA GLU A 693 -9.98 1.67 -2.22
C GLU A 693 -10.27 0.25 -1.78
N GLY A 694 -11.42 -0.26 -2.19
CA GLY A 694 -11.85 -1.58 -1.77
C GLY A 694 -11.85 -2.60 -2.88
N HIS A 695 -12.60 -3.67 -2.66
CA HIS A 695 -12.79 -4.69 -3.69
C HIS A 695 -13.65 -4.06 -4.77
N ASN A 696 -14.53 -3.17 -4.33
CA ASN A 696 -15.33 -2.39 -5.25
C ASN A 696 -14.91 -0.95 -5.10
N VAL A 697 -14.35 -0.39 -6.16
CA VAL A 697 -13.79 0.96 -6.12
C VAL A 697 -14.88 2.00 -5.98
N SER A 698 -14.54 3.13 -5.37
CA SER A 698 -15.52 4.17 -5.13
C SER A 698 -15.92 4.76 -6.48
N GLU A 699 -16.86 5.69 -6.44
CA GLU A 699 -17.33 6.33 -7.66
C GLU A 699 -16.20 7.14 -8.25
N LYS A 700 -15.45 7.81 -7.38
CA LYS A 700 -14.37 8.69 -7.80
C LYS A 700 -13.41 7.98 -8.74
N SER A 701 -12.86 6.88 -8.25
CA SER A 701 -11.82 6.17 -8.97
C SER A 701 -12.42 5.40 -10.12
N LYS A 702 -13.15 4.31 -9.85
CA LYS A 702 -14.16 3.82 -10.81
C LYS A 702 -13.88 4.06 -12.28
N TYR A 703 -14.49 5.14 -12.76
CA TYR A 703 -14.30 5.59 -14.13
C TYR A 703 -12.83 5.44 -14.57
N HIS A 704 -11.90 5.94 -13.76
CA HIS A 704 -10.48 5.82 -14.06
C HIS A 704 -10.11 4.36 -14.31
N LEU A 705 -10.69 3.46 -13.53
CA LEU A 705 -10.44 2.01 -13.68
C LEU A 705 -10.92 1.49 -15.04
N TYR A 706 -12.19 1.72 -15.33
CA TYR A 706 -12.78 1.34 -16.60
C TYR A 706 -11.96 1.87 -17.75
N SER A 707 -11.67 3.16 -17.74
CA SER A 707 -10.80 3.75 -18.75
C SER A 707 -9.53 2.92 -18.90
N THR A 708 -8.92 2.58 -17.78
CA THR A 708 -7.70 1.79 -17.78
C THR A 708 -7.92 0.49 -18.54
N ILE A 709 -8.82 -0.34 -18.02
CA ILE A 709 -9.15 -1.62 -18.64
C ILE A 709 -9.49 -1.45 -20.12
N LEU A 710 -10.39 -0.52 -20.42
CA LEU A 710 -10.79 -0.25 -21.80
C LEU A 710 -9.57 0.05 -22.65
N LYS A 711 -8.75 1.01 -22.23
CA LYS A 711 -7.55 1.28 -23.01
C LYS A 711 -6.69 0.04 -23.15
N PHE A 712 -6.41 -0.61 -22.03
CA PHE A 712 -5.58 -1.81 -22.05
C PHE A 712 -6.04 -2.80 -23.11
N PHE A 713 -7.27 -3.28 -22.99
CA PHE A 713 -7.77 -4.27 -23.92
C PHE A 713 -7.77 -3.79 -25.36
N SER A 714 -8.27 -2.59 -25.59
CA SER A 714 -8.31 -2.05 -26.94
C SER A 714 -6.91 -1.95 -27.57
N ASP A 715 -5.93 -1.47 -26.79
CA ASP A 715 -4.59 -1.19 -27.31
C ASP A 715 -3.75 -2.44 -27.60
N CYS A 716 -3.81 -3.41 -26.69
CA CYS A 716 -3.00 -4.61 -26.84
C CYS A 716 -3.48 -5.45 -28.02
N LEU A 717 -4.74 -5.24 -28.38
CA LEU A 717 -5.41 -6.06 -29.39
C LEU A 717 -5.21 -5.56 -30.81
N LYS A 718 -4.28 -4.64 -30.99
CA LYS A 718 -4.11 -4.00 -32.29
C LYS A 718 -3.03 -4.61 -33.20
N SER B 1 31.68 -0.56 -32.10
CA SER B 1 30.35 0.05 -32.18
C SER B 1 29.24 -0.81 -31.53
N GLU B 2 29.53 -2.10 -31.30
CA GLU B 2 28.65 -2.99 -30.49
C GLU B 2 29.09 -3.21 -29.02
N THR B 3 30.15 -2.51 -28.65
CA THR B 3 30.72 -2.35 -27.33
C THR B 3 30.23 -1.00 -26.79
N ARG B 4 29.06 -1.06 -26.15
CA ARG B 4 28.41 0.10 -25.54
C ARG B 4 27.68 -0.39 -24.31
N LEU B 5 27.11 0.53 -23.53
CA LEU B 5 26.69 0.22 -22.16
C LEU B 5 25.23 -0.22 -22.03
N SER B 6 25.04 -1.45 -21.57
CA SER B 6 23.71 -2.00 -21.40
C SER B 6 23.38 -2.17 -19.93
N LEU B 7 22.11 -2.07 -19.60
CA LEU B 7 21.70 -2.03 -18.20
C LEU B 7 22.33 -3.13 -17.36
N GLU B 8 22.23 -4.37 -17.80
CA GLU B 8 22.65 -5.44 -16.93
C GLU B 8 24.15 -5.43 -16.67
N ASP B 9 24.86 -4.57 -17.38
CA ASP B 9 26.28 -4.35 -17.09
C ASP B 9 26.43 -3.72 -15.73
N LEU B 10 25.61 -2.71 -15.45
CA LEU B 10 25.72 -1.97 -14.19
C LEU B 10 25.56 -2.89 -12.99
N PHE B 11 24.95 -4.04 -13.22
CA PHE B 11 24.81 -5.03 -12.17
C PHE B 11 25.93 -6.07 -12.23
N ARG B 12 26.69 -6.04 -13.32
CA ARG B 12 27.84 -6.93 -13.45
C ARG B 12 28.84 -6.59 -12.37
N LYS B 13 29.50 -7.60 -11.82
CA LYS B 13 30.43 -7.37 -10.73
C LYS B 13 31.77 -6.78 -11.20
N ASP B 14 31.93 -6.68 -12.51
CA ASP B 14 33.09 -5.98 -13.09
C ASP B 14 33.08 -4.52 -12.69
N PHE B 15 31.91 -3.90 -12.82
CA PHE B 15 31.62 -2.52 -12.44
C PHE B 15 31.42 -2.50 -10.93
N VAL B 16 30.73 -1.50 -10.39
CA VAL B 16 30.61 -1.47 -8.93
C VAL B 16 31.92 -1.14 -8.25
N LEU B 17 32.19 0.16 -8.11
CA LEU B 17 33.47 0.64 -7.58
C LEU B 17 33.89 -0.19 -6.38
N HIS B 18 35.14 -0.64 -6.39
CA HIS B 18 35.64 -1.45 -5.31
C HIS B 18 36.26 -0.52 -4.28
N ASP B 19 35.61 -0.44 -3.12
CA ASP B 19 36.07 0.44 -2.07
C ASP B 19 37.01 -0.28 -1.13
N PRO B 20 38.21 0.29 -0.93
CA PRO B 20 39.28 -0.32 -0.14
C PRO B 20 38.93 -0.44 1.33
N GLU B 21 37.90 0.28 1.75
CA GLU B 21 37.55 0.32 3.17
C GLU B 21 38.79 0.49 4.01
N ALA B 22 39.67 1.40 3.57
CA ALA B 22 40.91 1.69 4.27
C ALA B 22 40.66 2.27 5.66
N ARG B 23 41.48 1.88 6.63
CA ARG B 23 41.34 2.42 7.98
C ARG B 23 42.70 2.45 8.69
N TRP B 24 42.94 3.48 9.48
CA TRP B 24 44.21 3.60 10.20
C TRP B 24 44.16 2.76 11.47
N ILE B 25 45.33 2.34 11.96
CA ILE B 25 45.42 1.78 13.31
C ILE B 25 46.55 2.42 14.14
N ASN B 26 47.80 2.12 13.80
CA ASN B 26 48.97 2.78 14.39
C ASN B 26 49.26 3.96 13.48
N ASP B 27 50.41 4.60 13.65
CA ASP B 27 50.87 5.54 12.66
C ASP B 27 51.68 4.77 11.62
N THR B 28 51.72 3.47 11.81
CA THR B 28 52.40 2.55 10.91
C THR B 28 51.41 1.70 10.14
N ASP B 29 50.62 0.92 10.86
CA ASP B 29 49.75 -0.07 10.23
C ASP B 29 48.40 0.49 9.77
N VAL B 30 48.17 0.43 8.46
CA VAL B 30 46.86 0.72 7.89
C VAL B 30 46.18 -0.59 7.55
N VAL B 31 44.90 -0.69 7.90
CA VAL B 31 44.14 -1.94 7.82
C VAL B 31 43.32 -2.14 6.54
N TYR B 32 43.55 -1.33 5.52
CA TYR B 32 42.70 -1.35 4.33
C TYR B 32 42.47 -2.78 3.91
N LYS B 33 41.20 -3.08 3.63
CA LYS B 33 40.81 -4.43 3.26
C LYS B 33 40.54 -4.49 1.78
N SER B 34 40.03 -5.65 1.35
CA SER B 34 39.30 -5.69 0.12
C SER B 34 40.13 -5.23 -1.09
N GLU B 35 41.06 -6.08 -1.52
CA GLU B 35 41.55 -6.00 -2.87
C GLU B 35 40.84 -7.09 -3.68
N ASN B 36 41.09 -8.33 -3.29
CA ASN B 36 40.37 -9.49 -3.80
C ASN B 36 39.21 -9.83 -2.90
N GLY B 37 39.00 -8.99 -1.89
CA GLY B 37 38.05 -9.29 -0.84
C GLY B 37 38.76 -9.71 0.43
N HIS B 38 40.09 -9.58 0.42
CA HIS B 38 40.92 -9.92 1.56
C HIS B 38 41.13 -8.72 2.47
N VAL B 39 40.98 -8.94 3.77
CA VAL B 39 41.34 -7.93 4.74
C VAL B 39 42.85 -7.97 4.96
N ILE B 40 43.50 -6.81 4.94
CA ILE B 40 44.96 -6.78 4.96
C ILE B 40 45.53 -5.73 5.88
N LYS B 41 46.58 -6.11 6.61
CA LYS B 41 47.36 -5.16 7.39
C LYS B 41 48.52 -4.71 6.54
N LEU B 42 48.79 -3.41 6.54
CA LEU B 42 49.96 -2.92 5.84
C LEU B 42 50.83 -2.04 6.75
N ASN B 43 52.11 -2.37 6.83
CA ASN B 43 53.04 -1.58 7.58
C ASN B 43 53.68 -0.61 6.61
N ILE B 44 53.35 0.67 6.73
CA ILE B 44 53.80 1.66 5.75
C ILE B 44 55.29 1.95 5.87
N GLU B 45 55.91 1.39 6.91
CA GLU B 45 57.35 1.46 7.07
C GLU B 45 58.02 0.41 6.20
N THR B 46 57.74 -0.85 6.51
CA THR B 46 58.41 -1.99 5.88
C THR B 46 57.75 -2.45 4.58
N ASN B 47 56.55 -1.95 4.29
CA ASN B 47 55.72 -2.46 3.20
C ASN B 47 55.09 -3.83 3.53
N ALA B 48 55.47 -4.35 4.70
CA ALA B 48 55.02 -5.66 5.16
C ALA B 48 53.50 -5.76 5.14
N THR B 49 52.98 -6.82 4.52
CA THR B 49 51.53 -7.03 4.54
C THR B 49 51.14 -8.38 5.14
N THR B 50 50.15 -8.35 6.01
CA THR B 50 49.62 -9.53 6.64
C THR B 50 48.22 -9.75 6.11
N LEU B 51 47.81 -11.00 5.94
CA LEU B 51 46.42 -11.27 5.59
C LEU B 51 45.65 -11.50 6.88
N LEU B 52 44.80 -10.55 7.24
CA LEU B 52 44.00 -10.67 8.45
C LEU B 52 42.82 -11.62 8.22
N LEU B 53 41.97 -11.24 7.27
CA LEU B 53 40.87 -12.10 6.87
C LEU B 53 41.07 -12.46 5.40
N GLU B 54 40.42 -13.52 4.96
CA GLU B 54 40.64 -14.11 3.64
C GLU B 54 39.29 -14.21 2.94
N ASN B 55 39.17 -14.98 1.85
CA ASN B 55 37.86 -15.04 1.24
C ASN B 55 37.10 -16.10 2.04
N THR B 56 36.61 -15.58 3.15
CA THR B 56 35.93 -16.24 4.28
C THR B 56 34.67 -15.43 4.43
N THR B 57 34.73 -14.09 4.23
CA THR B 57 33.53 -13.34 4.56
C THR B 57 32.71 -13.67 3.35
N PHE B 58 32.23 -14.90 3.37
CA PHE B 58 31.34 -15.47 2.39
C PHE B 58 30.73 -16.61 3.16
N VAL B 59 31.66 -17.48 3.53
CA VAL B 59 31.45 -18.72 4.28
C VAL B 59 30.51 -18.53 5.45
N THR B 60 30.70 -17.46 6.23
CA THR B 60 29.74 -17.22 7.32
C THR B 60 28.66 -16.34 6.68
N PHE B 61 27.58 -17.00 6.29
CA PHE B 61 26.37 -16.34 5.81
C PHE B 61 26.66 -15.01 5.17
N LYS B 62 27.39 -15.00 4.06
CA LYS B 62 27.51 -13.75 3.32
C LYS B 62 27.66 -12.61 4.30
N ALA B 63 28.78 -12.54 5.02
CA ALA B 63 28.97 -11.41 5.91
C ALA B 63 29.21 -10.15 5.06
N SER B 64 28.35 -9.15 5.23
CA SER B 64 28.38 -7.96 4.40
C SER B 64 29.20 -6.83 4.99
N ARG B 65 29.58 -6.98 6.25
CA ARG B 65 30.19 -5.90 6.99
C ARG B 65 31.32 -6.42 7.87
N HIS B 66 32.48 -5.76 7.82
CA HIS B 66 33.66 -6.20 8.56
C HIS B 66 34.33 -5.07 9.32
N SER B 67 34.83 -5.36 10.52
CA SER B 67 35.62 -4.38 11.26
C SER B 67 36.73 -5.05 12.06
N VAL B 68 37.94 -4.52 11.98
CA VAL B 68 39.07 -5.10 12.71
C VAL B 68 39.32 -4.42 14.06
N SER B 69 39.48 -5.24 15.10
CA SER B 69 39.71 -4.72 16.44
C SER B 69 40.96 -3.86 16.48
N PRO B 70 41.02 -2.97 17.46
CA PRO B 70 42.12 -2.01 17.65
C PRO B 70 43.45 -2.75 17.81
N ASP B 71 43.41 -3.81 18.61
CA ASP B 71 44.62 -4.56 18.93
C ASP B 71 44.93 -5.56 17.81
N LEU B 72 44.12 -5.50 16.76
CA LEU B 72 44.37 -6.29 15.55
C LEU B 72 44.37 -7.79 15.79
N LYS B 73 43.76 -8.24 16.89
CA LYS B 73 43.69 -9.66 17.16
C LYS B 73 42.34 -10.30 16.82
N TYR B 74 41.38 -9.49 16.39
CA TYR B 74 40.06 -10.03 16.07
C TYR B 74 39.38 -9.25 14.97
N VAL B 75 38.39 -9.90 14.35
CA VAL B 75 37.56 -9.27 13.34
C VAL B 75 36.09 -9.42 13.72
N LEU B 76 35.29 -8.39 13.43
CA LEU B 76 33.85 -8.44 13.72
C LEU B 76 33.06 -8.47 12.42
N LEU B 77 32.35 -9.57 12.19
CA LEU B 77 31.56 -9.74 10.98
C LEU B 77 30.08 -9.44 11.24
N ALA B 78 29.45 -8.72 10.32
CA ALA B 78 28.00 -8.57 10.36
C ALA B 78 27.38 -9.29 9.20
N TYR B 79 26.42 -10.17 9.48
CA TYR B 79 25.74 -10.93 8.42
C TYR B 79 24.25 -10.87 8.67
N ASP B 80 23.45 -11.29 7.70
CA ASP B 80 22.00 -11.22 7.83
C ASP B 80 21.54 -9.78 7.86
N VAL B 81 22.32 -8.90 7.26
CA VAL B 81 22.08 -7.46 7.34
C VAL B 81 20.70 -7.06 6.85
N LYS B 82 19.94 -6.40 7.71
CA LYS B 82 18.62 -5.91 7.35
C LYS B 82 18.61 -4.38 7.41
N GLN B 83 18.19 -3.77 6.31
CA GLN B 83 18.10 -2.32 6.24
C GLN B 83 17.10 -1.83 7.27
N ILE B 84 17.23 -0.60 7.70
CA ILE B 84 16.23 -0.01 8.56
C ILE B 84 15.78 1.36 8.08
N PHE B 85 16.67 2.33 8.07
CA PHE B 85 16.32 3.63 7.50
C PHE B 85 17.25 3.99 6.36
N HIS B 86 18.44 4.45 6.70
CA HIS B 86 19.40 4.70 5.67
C HIS B 86 20.71 4.12 6.07
N TYR B 87 21.31 4.69 7.12
CA TYR B 87 22.55 4.16 7.67
C TYR B 87 22.26 3.06 8.70
N SER B 88 21.01 2.97 9.14
CA SER B 88 20.63 2.00 10.16
C SER B 88 20.48 0.61 9.58
N TYR B 89 21.29 -0.32 10.09
CA TYR B 89 21.15 -1.72 9.70
C TYR B 89 21.13 -2.60 10.93
N THR B 90 20.33 -3.65 10.85
CA THR B 90 20.17 -4.58 11.95
C THR B 90 20.53 -5.99 11.49
N ALA B 91 21.61 -6.52 12.03
CA ALA B 91 22.08 -7.83 11.61
C ALA B 91 22.60 -8.63 12.78
N SER B 92 23.00 -9.87 12.50
CA SER B 92 23.57 -10.74 13.50
C SER B 92 25.09 -10.65 13.41
N TYR B 93 25.76 -10.71 14.55
CA TYR B 93 27.20 -10.54 14.55
C TYR B 93 27.94 -11.81 14.95
N VAL B 94 29.18 -11.91 14.47
CA VAL B 94 30.06 -13.04 14.73
C VAL B 94 31.49 -12.54 14.92
N ILE B 95 32.28 -13.22 15.75
CA ILE B 95 33.65 -12.75 16.00
C ILE B 95 34.72 -13.76 15.62
N TYR B 96 35.43 -13.43 14.53
CA TYR B 96 36.48 -14.26 13.99
C TYR B 96 37.76 -13.89 14.71
N ASN B 97 38.49 -14.90 15.17
CA ASN B 97 39.73 -14.67 15.90
C ASN B 97 40.89 -14.66 14.91
N ILE B 98 41.49 -13.49 14.73
CA ILE B 98 42.40 -13.28 13.62
C ILE B 98 43.53 -14.31 13.61
N HIS B 99 44.02 -14.67 14.79
CA HIS B 99 45.14 -15.59 14.92
C HIS B 99 44.73 -17.04 14.69
N THR B 100 43.65 -17.45 15.35
CA THR B 100 43.07 -18.74 15.04
C THR B 100 41.58 -18.61 14.77
N ARG B 101 41.19 -18.63 13.49
CA ARG B 101 39.86 -19.07 13.10
C ARG B 101 38.69 -18.78 13.99
N GLU B 102 38.55 -19.67 14.96
CA GLU B 102 37.31 -20.00 15.61
C GLU B 102 36.49 -18.75 15.78
N VAL B 103 35.21 -18.93 15.48
CA VAL B 103 34.28 -17.85 15.44
C VAL B 103 33.28 -17.97 16.57
N TRP B 104 32.89 -16.82 17.15
CA TRP B 104 31.90 -16.80 18.21
C TRP B 104 30.64 -16.12 17.72
N GLU B 105 29.52 -16.54 18.27
CA GLU B 105 28.29 -15.80 18.13
C GLU B 105 28.41 -14.60 19.06
N LEU B 106 28.07 -13.41 18.58
CA LEU B 106 27.97 -12.28 19.51
C LEU B 106 26.51 -12.16 19.97
N ASN B 107 26.27 -12.45 21.24
CA ASN B 107 24.93 -12.41 21.77
C ASN B 107 24.86 -11.61 23.05
N PRO B 108 23.73 -10.93 23.27
CA PRO B 108 23.47 -10.40 24.61
C PRO B 108 23.28 -11.60 25.53
N PRO B 109 23.45 -11.41 26.86
CA PRO B 109 23.31 -12.52 27.80
C PRO B 109 21.91 -13.14 27.77
N GLU B 110 21.84 -14.45 27.93
CA GLU B 110 20.55 -15.16 27.98
C GLU B 110 19.94 -15.29 26.58
N VAL B 111 20.47 -14.54 25.63
CA VAL B 111 19.91 -14.52 24.27
C VAL B 111 20.75 -15.36 23.31
N GLU B 112 20.09 -16.06 22.40
CA GLU B 112 20.80 -16.94 21.48
C GLU B 112 20.42 -16.63 20.05
N ASP B 113 21.36 -16.87 19.13
CA ASP B 113 21.15 -16.57 17.72
C ASP B 113 20.45 -15.23 17.58
N SER B 114 21.14 -14.18 17.98
CA SER B 114 20.50 -12.89 18.16
C SER B 114 20.65 -11.96 16.96
N VAL B 115 20.00 -10.81 17.07
CA VAL B 115 20.07 -9.75 16.06
C VAL B 115 20.31 -8.45 16.79
N LEU B 116 21.31 -7.70 16.34
CA LEU B 116 21.71 -6.50 17.05
C LEU B 116 21.49 -5.23 16.23
N GLN B 117 21.23 -4.12 16.94
CA GLN B 117 21.06 -2.83 16.30
C GLN B 117 22.41 -2.23 15.90
N TYR B 118 23.45 -2.45 16.71
CA TYR B 118 24.79 -1.94 16.39
C TYR B 118 25.91 -2.75 17.08
N ALA B 119 27.10 -2.81 16.47
CA ALA B 119 28.24 -3.49 17.10
C ALA B 119 29.61 -2.76 17.12
N ALA B 120 30.26 -2.69 15.97
CA ALA B 120 31.58 -2.05 15.87
C ALA B 120 32.58 -2.48 16.97
N TRP B 121 33.44 -1.56 17.38
CA TRP B 121 34.52 -1.84 18.33
C TRP B 121 34.77 -0.57 19.11
N GLY B 122 35.70 -0.64 20.06
CA GLY B 122 36.09 0.50 20.86
C GLY B 122 37.33 1.18 20.30
N VAL B 123 38.11 1.77 21.18
CA VAL B 123 39.33 2.47 20.80
C VAL B 123 40.55 1.75 21.38
N GLN B 124 40.59 1.65 22.70
CA GLN B 124 41.64 0.90 23.38
C GLN B 124 41.35 -0.60 23.38
N GLY B 125 42.36 -1.41 23.05
CA GLY B 125 42.30 -2.85 23.18
C GLY B 125 41.29 -3.56 22.30
N GLN B 126 40.68 -4.61 22.82
CA GLN B 126 39.61 -5.34 22.12
C GLN B 126 38.18 -4.99 22.55
N GLN B 127 38.02 -3.99 23.41
CA GLN B 127 36.71 -3.60 23.89
C GLN B 127 35.70 -3.34 22.77
N LEU B 128 34.45 -3.75 22.97
CA LEU B 128 33.39 -3.44 22.02
C LEU B 128 32.04 -3.19 22.69
N ILE B 129 31.18 -2.45 22.00
CA ILE B 129 29.83 -2.23 22.49
C ILE B 129 28.81 -2.66 21.47
N TYR B 130 27.62 -3.05 21.94
CA TYR B 130 26.54 -3.44 21.03
C TYR B 130 25.21 -2.96 21.57
N ILE B 131 24.31 -2.58 20.66
CA ILE B 131 23.04 -2.02 21.09
C ILE B 131 21.94 -3.03 20.90
N PHE B 132 21.13 -3.22 21.93
CA PHE B 132 20.09 -4.24 21.92
C PHE B 132 18.87 -3.70 22.66
N GLU B 133 17.69 -3.79 22.04
CA GLU B 133 16.47 -3.29 22.68
C GLU B 133 16.62 -1.83 23.11
N ASN B 134 17.37 -1.08 22.29
CA ASN B 134 17.67 0.32 22.58
C ASN B 134 18.48 0.52 23.86
N ASN B 135 19.19 -0.51 24.29
CA ASN B 135 20.09 -0.42 25.42
C ASN B 135 21.53 -0.59 24.97
N ILE B 136 22.46 0.07 25.64
CA ILE B 136 23.86 -0.09 25.28
C ILE B 136 24.49 -1.18 26.09
N TYR B 137 25.21 -2.10 25.44
CA TYR B 137 25.98 -3.13 26.16
C TYR B 137 27.47 -2.93 25.91
N TYR B 138 28.28 -3.33 26.89
CA TYR B 138 29.73 -3.16 26.83
C TYR B 138 30.49 -4.44 27.19
N GLN B 139 31.40 -4.85 26.30
CA GLN B 139 32.34 -5.93 26.60
C GLN B 139 33.76 -5.38 26.63
N PRO B 140 34.34 -5.29 27.84
CA PRO B 140 35.72 -4.83 28.01
C PRO B 140 36.69 -5.59 27.13
N ASP B 141 36.36 -6.84 26.83
CA ASP B 141 37.18 -7.67 25.96
C ASP B 141 36.42 -8.91 25.54
N ILE B 142 37.07 -9.74 24.75
CA ILE B 142 36.46 -10.98 24.28
C ILE B 142 36.19 -11.90 25.47
N LYS B 143 37.12 -11.90 26.42
CA LYS B 143 36.98 -12.66 27.65
C LYS B 143 35.63 -12.46 28.33
N SER B 144 35.42 -11.24 28.83
CA SER B 144 34.36 -10.94 29.78
C SER B 144 32.94 -11.04 29.26
N SER B 145 32.00 -11.14 30.21
CA SER B 145 30.59 -11.11 29.88
C SER B 145 30.30 -9.66 29.52
N SER B 146 29.07 -9.38 29.09
CA SER B 146 28.76 -8.02 28.66
C SER B 146 28.30 -7.20 29.86
N LEU B 147 28.14 -5.91 29.65
CA LEU B 147 27.73 -5.02 30.73
C LEU B 147 26.69 -4.09 30.20
N ARG B 148 25.48 -4.15 30.74
CA ARG B 148 24.43 -3.28 30.26
C ARG B 148 24.59 -1.90 30.88
N LEU B 149 24.83 -0.90 30.04
CA LEU B 149 25.10 0.45 30.51
C LEU B 149 23.86 1.30 30.67
N THR B 150 22.75 0.86 30.09
CA THR B 150 21.49 1.60 30.18
C THR B 150 20.32 0.65 30.26
N SER B 151 19.43 0.87 31.22
CA SER B 151 18.19 0.10 31.25
C SER B 151 17.01 0.86 30.66
N SER B 152 17.23 2.12 30.33
CA SER B 152 16.15 3.04 29.97
C SER B 152 15.51 2.75 28.63
N GLY B 153 16.17 1.90 27.84
CA GLY B 153 15.77 1.62 26.49
C GLY B 153 14.40 0.99 26.38
N LYS B 154 13.61 1.47 25.44
CA LYS B 154 12.25 0.99 25.23
C LYS B 154 12.02 0.98 23.72
N GLU B 155 11.51 -0.13 23.21
CA GLU B 155 11.41 -0.30 21.77
C GLU B 155 10.59 0.80 21.13
N GLU B 156 11.19 1.48 20.16
CA GLU B 156 10.52 2.50 19.35
C GLU B 156 9.99 3.71 20.13
N ILE B 157 10.50 3.92 21.33
CA ILE B 157 10.11 5.04 22.19
C ILE B 157 11.32 5.77 22.77
N ILE B 158 12.12 5.05 23.55
CA ILE B 158 13.34 5.62 24.10
C ILE B 158 14.58 4.94 23.52
N PHE B 159 15.42 5.73 22.86
CA PHE B 159 16.60 5.21 22.20
C PHE B 159 17.87 5.59 22.95
N ASN B 160 18.84 4.68 23.01
CA ASN B 160 20.13 4.94 23.65
C ASN B 160 21.32 4.64 22.75
N GLY B 161 22.08 5.68 22.38
CA GLY B 161 23.28 5.49 21.62
C GLY B 161 23.03 5.29 20.13
N ILE B 162 21.77 5.06 19.75
CA ILE B 162 21.39 4.97 18.34
C ILE B 162 20.29 5.95 17.96
N ALA B 163 20.39 6.50 16.76
CA ALA B 163 19.49 7.57 16.38
C ALA B 163 18.11 7.08 15.99
N ASP B 164 17.07 7.79 16.43
CA ASP B 164 15.73 7.56 15.90
C ASP B 164 15.72 8.13 14.49
N TRP B 165 14.60 8.00 13.78
CA TRP B 165 14.59 8.42 12.38
C TRP B 165 15.01 9.89 12.19
N LEU B 166 14.36 10.79 12.93
CA LEU B 166 14.63 12.21 12.78
C LEU B 166 16.09 12.55 12.97
N TYR B 167 16.72 11.99 14.01
CA TYR B 167 18.14 12.25 14.26
C TYR B 167 19.07 11.61 13.23
N GLU B 168 18.69 10.45 12.70
CA GLU B 168 19.53 9.79 11.72
C GLU B 168 19.49 10.47 10.37
N GLU B 169 18.28 10.68 9.85
CA GLU B 169 18.11 11.13 8.48
C GLU B 169 18.30 12.63 8.33
N GLU B 170 17.87 13.38 9.34
CA GLU B 170 17.81 14.85 9.29
C GLU B 170 18.87 15.56 10.14
N LEU B 171 18.86 15.30 11.45
CA LEU B 171 19.79 15.99 12.36
C LEU B 171 21.26 15.52 12.30
N LEU B 172 21.54 14.28 12.68
CA LEU B 172 22.91 13.76 12.71
C LEU B 172 23.47 13.31 11.36
N HIS B 173 22.61 12.79 10.49
CA HIS B 173 23.07 12.25 9.21
C HIS B 173 23.99 11.06 9.40
N SER B 174 23.66 10.25 10.41
CA SER B 174 24.28 8.95 10.66
C SER B 174 23.58 8.33 11.85
N HIS B 175 23.66 7.03 12.02
CA HIS B 175 22.86 6.40 13.06
C HIS B 175 23.63 6.20 14.35
N ILE B 176 24.88 6.65 14.39
CA ILE B 176 25.70 6.43 15.57
C ILE B 176 25.59 7.59 16.54
N ALA B 177 24.86 7.35 17.62
CA ALA B 177 24.57 8.35 18.64
C ALA B 177 25.47 8.27 19.85
N HIS B 178 26.52 7.47 19.78
CA HIS B 178 27.50 7.40 20.87
C HIS B 178 28.91 7.72 20.38
N TRP B 179 29.79 8.09 21.31
CA TRP B 179 31.18 8.40 20.98
C TRP B 179 32.16 8.00 22.09
N TRP B 180 33.35 7.57 21.69
CA TRP B 180 34.36 7.08 22.62
C TRP B 180 35.39 8.13 22.97
N SER B 181 35.76 8.21 24.24
CA SER B 181 36.86 9.08 24.63
C SER B 181 38.14 8.52 24.04
N PRO B 182 39.10 9.40 23.74
CA PRO B 182 40.32 8.96 23.05
C PRO B 182 40.98 7.78 23.74
N ASP B 183 40.88 7.72 25.06
CA ASP B 183 41.55 6.66 25.83
C ASP B 183 40.67 5.45 26.14
N GLY B 184 39.44 5.47 25.63
CA GLY B 184 38.53 4.34 25.81
C GLY B 184 38.07 4.17 27.24
N GLU B 185 38.36 5.18 28.06
CA GLU B 185 37.96 5.18 29.45
C GLU B 185 36.49 5.59 29.60
N ARG B 186 36.00 6.34 28.63
CA ARG B 186 34.72 7.05 28.78
C ARG B 186 33.86 6.98 27.53
N LEU B 187 32.54 6.96 27.73
CA LEU B 187 31.59 6.90 26.61
C LEU B 187 30.43 7.90 26.71
N ALA B 188 30.38 8.82 25.77
CA ALA B 188 29.28 9.76 25.68
C ALA B 188 28.26 9.25 24.68
N PHE B 189 26.98 9.46 24.99
CA PHE B 189 25.93 8.98 24.10
C PHE B 189 24.63 9.78 24.26
N LEU B 190 23.80 9.74 23.22
CA LEU B 190 22.51 10.42 23.23
C LEU B 190 21.38 9.53 23.71
N MET B 191 20.59 10.07 24.61
CA MET B 191 19.36 9.42 25.01
C MET B 191 18.25 10.17 24.31
N ILE B 192 17.56 9.52 23.37
CA ILE B 192 16.48 10.15 22.60
C ILE B 192 15.10 9.70 23.07
N ASN B 193 14.28 10.66 23.48
CA ASN B 193 12.98 10.38 24.06
C ASN B 193 11.87 10.72 23.08
N ASP B 194 11.25 9.68 22.52
CA ASP B 194 10.17 9.84 21.56
C ASP B 194 8.77 9.70 22.14
N SER B 195 8.68 9.66 23.47
CA SER B 195 7.42 9.40 24.17
C SER B 195 6.25 10.16 23.61
N LEU B 196 6.43 11.44 23.35
CA LEU B 196 5.33 12.30 22.94
C LEU B 196 5.24 12.53 21.44
N VAL B 197 6.19 11.97 20.69
CA VAL B 197 6.24 12.11 19.23
C VAL B 197 5.27 11.17 18.54
N PRO B 198 4.44 11.72 17.62
CA PRO B 198 3.42 10.96 16.88
C PRO B 198 4.06 9.93 15.95
N THR B 199 3.40 8.80 15.76
CA THR B 199 4.00 7.70 15.01
C THR B 199 3.32 7.39 13.69
N MET B 200 4.15 6.99 12.74
CA MET B 200 3.71 6.64 11.40
C MET B 200 3.88 5.14 11.22
N VAL B 201 3.01 4.53 10.41
CA VAL B 201 3.01 3.09 10.19
C VAL B 201 3.57 2.68 8.83
N ILE B 202 4.55 1.79 8.85
CA ILE B 202 5.07 1.19 7.66
C ILE B 202 4.40 -0.16 7.49
N PRO B 203 3.52 -0.28 6.51
CA PRO B 203 2.77 -1.53 6.33
C PRO B 203 3.62 -2.62 5.68
N ARG B 204 3.30 -3.88 5.98
CA ARG B 204 3.94 -5.00 5.32
C ARG B 204 2.90 -5.92 4.72
N PHE B 205 2.88 -6.02 3.39
CA PHE B 205 2.00 -6.96 2.71
C PHE B 205 2.62 -8.33 2.31
N THR B 206 3.95 -8.44 2.37
CA THR B 206 4.66 -9.59 1.77
C THR B 206 5.10 -10.72 2.71
N GLY B 207 4.75 -10.64 3.98
CA GLY B 207 5.31 -11.53 4.99
C GLY B 207 4.69 -12.92 5.06
N ALA B 208 4.55 -13.41 6.28
CA ALA B 208 3.86 -14.67 6.57
C ALA B 208 2.33 -14.54 6.42
N LEU B 209 1.60 -15.52 6.95
CA LEU B 209 0.13 -15.52 6.90
C LEU B 209 -0.47 -14.16 7.19
N TYR B 210 -0.20 -13.62 8.38
CA TYR B 210 -0.68 -12.30 8.74
C TYR B 210 0.52 -11.41 8.95
N PRO B 211 0.97 -10.71 7.90
CA PRO B 211 2.11 -9.79 7.98
C PRO B 211 1.78 -8.61 8.88
N LYS B 212 2.75 -8.18 9.67
CA LYS B 212 2.57 -7.01 10.53
C LYS B 212 3.76 -6.08 10.33
N GLY B 213 3.47 -4.83 10.04
CA GLY B 213 4.50 -3.83 9.85
C GLY B 213 4.72 -3.02 11.11
N LYS B 214 5.82 -2.27 11.17
CA LYS B 214 6.16 -1.54 12.39
C LYS B 214 5.58 -0.13 12.38
N GLN B 215 5.76 0.57 13.50
CA GLN B 215 5.38 1.97 13.60
C GLN B 215 6.45 2.71 14.38
N TYR B 216 7.03 3.75 13.78
CA TYR B 216 8.16 4.45 14.37
C TYR B 216 7.82 5.91 14.62
N PRO B 217 8.52 6.55 15.58
CA PRO B 217 8.26 7.98 15.77
C PRO B 217 8.75 8.76 14.56
N TYR B 218 7.86 9.55 13.97
CA TYR B 218 8.23 10.36 12.82
C TYR B 218 7.54 11.72 12.92
N PRO B 219 8.15 12.68 13.64
CA PRO B 219 7.48 13.98 13.75
C PRO B 219 7.38 14.68 12.40
N LYS B 220 6.16 15.06 12.01
CA LYS B 220 5.94 15.71 10.73
C LYS B 220 6.13 17.21 10.91
N ALA B 221 5.72 18.00 9.92
CA ALA B 221 5.87 19.46 10.00
C ALA B 221 5.15 20.06 11.20
N GLY B 222 5.89 20.78 12.02
CA GLY B 222 5.35 21.50 13.16
C GLY B 222 4.85 20.66 14.31
N GLN B 223 5.20 19.38 14.30
CA GLN B 223 4.69 18.45 15.29
C GLN B 223 5.56 18.40 16.53
N MET B 224 5.11 17.60 17.50
CA MET B 224 5.89 17.33 18.69
C MET B 224 7.20 16.67 18.29
N ASN B 225 8.29 17.08 18.92
CA ASN B 225 9.62 16.62 18.53
C ASN B 225 10.28 15.79 19.62
N PRO B 226 11.27 14.98 19.23
CA PRO B 226 11.99 14.22 20.26
C PRO B 226 12.73 15.11 21.26
N THR B 227 12.45 14.89 22.54
CA THR B 227 13.23 15.49 23.61
C THR B 227 14.49 14.63 23.71
N ILE B 228 15.64 15.22 24.07
CA ILE B 228 16.86 14.41 24.16
C ILE B 228 17.88 14.87 25.20
N LYS B 229 18.52 13.92 25.87
CA LYS B 229 19.56 14.23 26.84
C LYS B 229 20.86 13.65 26.39
N LEU B 230 21.96 14.26 26.80
CA LEU B 230 23.28 13.71 26.50
C LEU B 230 23.97 13.25 27.79
N TYR B 231 24.08 11.93 27.99
CA TYR B 231 24.76 11.41 29.17
C TYR B 231 26.19 11.03 28.85
N VAL B 232 26.94 10.69 29.89
CA VAL B 232 28.29 10.15 29.77
C VAL B 232 28.52 9.12 30.86
N VAL B 233 29.01 7.95 30.48
CA VAL B 233 29.29 6.90 31.44
C VAL B 233 30.78 6.58 31.43
N ASN B 234 31.30 6.15 32.56
CA ASN B 234 32.68 5.69 32.62
C ASN B 234 32.73 4.18 32.57
N LEU B 235 33.58 3.66 31.69
CA LEU B 235 33.59 2.25 31.35
C LEU B 235 34.44 1.47 32.34
N TYR B 236 34.96 2.16 33.34
CA TYR B 236 35.75 1.51 34.38
C TYR B 236 35.09 1.59 35.75
N GLY B 237 34.83 0.42 36.32
CA GLY B 237 34.25 0.32 37.64
C GLY B 237 32.82 0.81 37.72
N PRO B 238 32.59 1.80 38.59
CA PRO B 238 31.28 2.23 39.08
C PRO B 238 30.24 2.46 37.99
N THR B 239 30.68 2.96 36.85
CA THR B 239 29.77 3.37 35.79
C THR B 239 28.84 4.51 36.26
N HIS B 240 29.43 5.52 36.89
CA HIS B 240 28.69 6.72 37.23
C HIS B 240 28.39 7.52 35.97
N THR B 241 27.11 7.77 35.73
CA THR B 241 26.67 8.44 34.51
C THR B 241 26.19 9.86 34.80
N LEU B 242 26.70 10.83 34.05
CA LEU B 242 26.38 12.25 34.29
C LEU B 242 25.73 12.86 33.06
N GLU B 243 24.57 13.50 33.25
CA GLU B 243 23.95 14.23 32.15
C GLU B 243 24.68 15.53 31.92
N LEU B 244 25.01 15.82 30.67
CA LEU B 244 25.63 17.11 30.36
C LEU B 244 24.55 18.11 29.97
N MET B 245 24.34 19.09 30.84
CA MET B 245 23.21 19.99 30.74
C MET B 245 23.37 20.91 29.55
N PRO B 246 22.26 21.44 29.03
CA PRO B 246 22.29 22.31 27.84
C PRO B 246 22.76 23.71 28.23
N PRO B 247 22.98 24.61 27.24
CA PRO B 247 23.28 26.01 27.57
C PRO B 247 22.05 26.65 28.23
N ASP B 248 22.25 27.58 29.15
CA ASP B 248 21.15 28.13 29.90
C ASP B 248 20.08 28.78 29.03
N SER B 249 20.50 29.43 27.95
CA SER B 249 19.59 30.06 27.00
C SER B 249 18.63 29.06 26.34
N PHE B 250 19.14 27.85 26.06
CA PHE B 250 18.33 26.79 25.47
C PHE B 250 17.52 26.03 26.49
N LYS B 251 17.88 26.16 27.76
CA LYS B 251 17.21 25.43 28.82
C LYS B 251 15.71 25.72 28.74
N SER B 252 14.91 24.65 28.70
CA SER B 252 13.44 24.76 28.70
C SER B 252 12.79 24.99 27.32
N ARG B 253 13.60 25.20 26.29
CA ARG B 253 13.06 25.43 24.95
C ARG B 253 13.51 24.34 23.98
N GLU B 254 12.79 24.19 22.88
CA GLU B 254 13.01 23.09 21.92
C GLU B 254 14.35 23.16 21.19
N TYR B 255 15.11 22.07 21.23
CA TYR B 255 16.44 22.08 20.63
C TYR B 255 16.90 20.71 20.13
N TYR B 256 17.88 20.74 19.23
CA TYR B 256 18.53 19.54 18.69
C TYR B 256 20.02 19.57 19.09
N ILE B 257 20.64 18.40 19.14
CA ILE B 257 22.09 18.31 19.29
C ILE B 257 22.66 17.80 17.97
N THR B 258 23.32 18.67 17.21
CA THR B 258 23.75 18.30 15.87
C THR B 258 25.18 17.78 15.77
N MET B 259 25.92 17.90 16.86
CA MET B 259 27.21 17.23 16.91
C MET B 259 27.74 17.14 18.31
N VAL B 260 28.58 16.12 18.55
CA VAL B 260 29.40 16.02 19.75
C VAL B 260 30.66 15.27 19.38
N LYS B 261 31.77 15.70 19.97
CA LYS B 261 33.07 15.13 19.67
C LYS B 261 34.00 15.26 20.88
N TRP B 262 34.89 14.30 21.02
CA TRP B 262 35.88 14.38 22.08
C TRP B 262 37.05 15.26 21.66
N VAL B 263 37.60 15.99 22.64
CA VAL B 263 38.72 16.87 22.40
C VAL B 263 39.90 16.43 23.28
N SER B 264 39.67 16.41 24.59
CA SER B 264 40.57 15.71 25.48
C SER B 264 39.98 14.33 25.79
N ASN B 265 40.57 13.64 26.75
CA ASN B 265 40.06 12.36 27.23
C ASN B 265 38.97 12.61 28.26
N THR B 266 38.69 13.90 28.48
CA THR B 266 37.67 14.34 29.42
C THR B 266 36.68 15.33 28.78
N LYS B 267 37.19 16.44 28.28
CA LYS B 267 36.38 17.46 27.59
C LYS B 267 35.75 16.99 26.25
N THR B 268 34.53 17.46 25.99
CA THR B 268 33.87 17.26 24.69
C THR B 268 33.27 18.57 24.20
N VAL B 269 33.11 18.72 22.89
CA VAL B 269 32.38 19.85 22.31
C VAL B 269 31.03 19.43 21.73
N VAL B 270 29.95 19.84 22.37
CA VAL B 270 28.61 19.54 21.90
C VAL B 270 27.98 20.77 21.27
N ARG B 271 27.70 20.71 19.98
CA ARG B 271 27.00 21.80 19.32
C ARG B 271 25.48 21.71 19.51
N TRP B 272 24.87 22.73 20.11
CA TRP B 272 23.42 22.73 20.34
C TRP B 272 22.75 23.59 19.28
N LEU B 273 21.52 23.22 18.89
CA LEU B 273 20.79 23.96 17.89
C LEU B 273 19.33 24.15 18.31
N ASN B 274 18.76 25.35 18.12
CA ASN B 274 17.35 25.55 18.43
C ASN B 274 16.44 24.87 17.40
N ARG B 275 15.22 24.53 17.79
CA ARG B 275 14.27 23.87 16.89
C ARG B 275 14.14 24.57 15.54
N ALA B 276 14.19 25.90 15.59
CA ALA B 276 14.06 26.73 14.41
C ALA B 276 15.29 26.66 13.51
N GLN B 277 16.40 26.22 14.08
CA GLN B 277 17.66 26.11 13.37
C GLN B 277 18.25 27.45 12.98
N ASN B 278 17.91 28.52 13.70
CA ASN B 278 18.68 29.78 13.58
C ASN B 278 19.70 30.17 14.68
N ILE B 279 19.92 29.32 15.68
CA ILE B 279 20.89 29.65 16.73
C ILE B 279 21.82 28.50 17.14
N SER B 280 23.13 28.68 17.01
CA SER B 280 24.07 27.65 17.41
C SER B 280 24.79 28.00 18.71
N ILE B 281 24.97 27.01 19.58
CA ILE B 281 25.85 27.17 20.74
C ILE B 281 26.86 26.04 20.81
N LEU B 282 28.13 26.37 20.61
CA LEU B 282 29.20 25.42 20.89
C LEU B 282 29.49 25.45 22.38
N THR B 283 29.37 24.30 23.02
CA THR B 283 29.65 24.17 24.44
C THR B 283 30.81 23.22 24.62
N VAL B 284 31.68 23.47 25.58
CA VAL B 284 32.71 22.50 25.90
C VAL B 284 32.45 21.92 27.29
N CYS B 285 32.45 20.59 27.39
CA CYS B 285 32.06 19.95 28.63
C CYS B 285 33.13 19.11 29.28
N GLU B 286 33.38 19.38 30.56
CA GLU B 286 34.24 18.54 31.36
C GLU B 286 33.37 17.40 31.86
N THR B 287 33.70 16.17 31.48
CA THR B 287 32.84 15.03 31.74
C THR B 287 32.92 14.52 33.18
N THR B 288 34.06 14.74 33.82
CA THR B 288 34.25 14.33 35.20
C THR B 288 33.38 15.16 36.13
N THR B 289 33.02 16.36 35.67
CA THR B 289 32.21 17.30 36.44
C THR B 289 30.83 17.49 35.83
N GLY B 290 30.81 17.91 34.57
CA GLY B 290 29.58 18.35 33.92
C GLY B 290 29.64 19.86 33.72
N ALA B 291 30.80 20.42 34.02
CA ALA B 291 31.06 21.82 33.74
C ALA B 291 30.84 22.05 32.25
N CYS B 292 29.95 22.97 31.92
CA CYS B 292 29.64 23.24 30.53
C CYS B 292 29.80 24.72 30.24
N SER B 293 30.76 25.04 29.37
CA SER B 293 31.17 26.42 29.16
C SER B 293 30.82 26.92 27.78
N LYS B 294 29.97 27.94 27.71
CA LYS B 294 29.67 28.60 26.45
C LYS B 294 30.98 28.98 25.77
N LYS B 295 31.10 28.67 24.49
CA LYS B 295 32.33 28.95 23.77
C LYS B 295 32.10 29.84 22.56
N TYR B 296 31.34 29.37 21.58
CA TYR B 296 30.99 30.21 20.44
C TYR B 296 29.51 30.09 20.09
N GLU B 297 28.95 31.16 19.53
CA GLU B 297 27.55 31.17 19.20
C GLU B 297 27.34 31.76 17.82
N MET B 298 26.30 31.31 17.14
CA MET B 298 26.04 31.77 15.78
C MET B 298 24.57 32.08 15.59
N THR B 299 24.28 32.81 14.52
CA THR B 299 22.90 33.15 14.19
C THR B 299 22.70 33.28 12.68
N SER B 300 21.50 33.01 12.20
CA SER B 300 21.17 33.29 10.82
C SER B 300 19.81 33.96 10.71
N ASP B 301 19.61 34.68 9.61
CA ASP B 301 18.34 35.31 9.35
C ASP B 301 17.47 34.34 8.57
N THR B 302 18.07 33.28 8.08
CA THR B 302 17.32 32.24 7.40
C THR B 302 17.40 30.91 8.15
N TRP B 303 18.51 30.21 7.97
CA TRP B 303 18.72 28.96 8.68
C TRP B 303 20.22 28.68 8.79
N LEU B 304 20.60 27.96 9.83
CA LEU B 304 21.99 27.78 10.17
C LEU B 304 22.71 26.79 9.25
N SER B 305 23.96 27.11 8.93
CA SER B 305 24.73 26.39 7.90
C SER B 305 25.15 25.02 8.41
N GLN B 306 26.07 24.36 7.72
CA GLN B 306 26.34 22.94 7.97
C GLN B 306 26.50 22.71 9.47
N GLN B 307 25.69 21.80 9.99
CA GLN B 307 25.52 21.68 11.43
C GLN B 307 26.37 20.57 12.03
N ASN B 308 27.01 19.79 11.17
CA ASN B 308 27.78 18.67 11.65
C ASN B 308 29.26 18.99 11.71
N GLU B 309 29.59 20.24 11.40
CA GLU B 309 30.97 20.69 11.38
C GLU B 309 31.66 20.29 12.69
N GLU B 310 32.84 19.70 12.55
CA GLU B 310 33.65 19.31 13.71
C GLU B 310 34.95 20.11 13.79
N PRO B 311 35.10 20.88 14.88
CA PRO B 311 36.26 21.71 15.18
C PRO B 311 37.50 20.92 15.64
N VAL B 312 38.69 21.40 15.25
CA VAL B 312 39.98 20.78 15.62
C VAL B 312 40.65 21.57 16.75
N PHE B 313 41.32 20.89 17.67
CA PHE B 313 41.87 21.54 18.86
C PHE B 313 43.40 21.51 19.06
N SER B 314 43.87 22.10 20.16
CA SER B 314 45.30 22.16 20.46
C SER B 314 45.74 20.93 21.23
N ARG B 315 44.76 20.10 21.56
CA ARG B 315 44.95 18.86 22.32
C ARG B 315 45.23 19.20 23.77
N ASP B 316 45.72 20.42 24.01
CA ASP B 316 45.59 21.08 25.30
C ASP B 316 44.29 21.90 25.31
N GLY B 317 44.04 22.60 24.20
CA GLY B 317 42.90 23.50 24.09
C GLY B 317 43.21 24.99 24.14
N SER B 318 44.48 25.35 23.98
CA SER B 318 44.86 26.76 23.89
C SER B 318 44.19 27.44 22.68
N LYS B 319 44.11 26.71 21.57
CA LYS B 319 43.56 27.25 20.33
C LYS B 319 42.67 26.18 19.71
N PHE B 320 41.77 26.59 18.82
CA PHE B 320 41.01 25.62 18.01
C PHE B 320 40.57 26.17 16.67
N PHE B 321 40.46 25.28 15.68
CA PHE B 321 40.08 25.69 14.34
C PHE B 321 38.69 25.23 13.96
N MET B 322 37.93 26.12 13.37
CA MET B 322 36.59 25.79 12.93
C MET B 322 36.25 26.58 11.66
N THR B 323 35.26 26.12 10.92
CA THR B 323 34.86 26.82 9.71
C THR B 323 33.56 27.60 9.92
N VAL B 324 33.59 28.90 9.61
CA VAL B 324 32.42 29.75 9.73
C VAL B 324 32.24 30.66 8.52
N PRO B 325 31.03 31.20 8.32
CA PRO B 325 30.76 32.07 7.16
C PRO B 325 31.38 33.47 7.29
N VAL B 326 31.93 34.01 6.20
CA VAL B 326 32.45 35.38 6.24
C VAL B 326 31.88 36.20 5.10
N LYS B 327 31.52 37.44 5.39
CA LYS B 327 30.67 38.20 4.47
C LYS B 327 31.25 38.37 3.08
N GLN B 328 32.57 38.47 2.96
CA GLN B 328 33.24 38.36 1.66
C GLN B 328 32.88 39.44 0.63
N GLY B 329 31.92 40.29 0.99
CA GLY B 329 31.48 41.35 0.10
C GLY B 329 30.22 40.93 -0.65
N GLY B 330 29.86 41.69 -1.68
CA GLY B 330 28.80 41.28 -2.58
C GLY B 330 29.23 39.94 -3.13
N ARG B 331 28.28 39.14 -3.61
CA ARG B 331 28.55 37.74 -3.96
C ARG B 331 28.33 36.78 -2.79
N GLY B 332 28.01 37.31 -1.61
CA GLY B 332 27.57 36.50 -0.50
C GLY B 332 28.65 36.07 0.48
N GLU B 333 28.35 35.05 1.28
CA GLU B 333 29.26 34.55 2.30
C GLU B 333 29.83 33.20 1.89
N PHE B 334 31.03 32.89 2.37
CA PHE B 334 31.65 31.58 2.14
C PHE B 334 32.25 31.05 3.41
N HIS B 335 32.23 29.73 3.59
CA HIS B 335 32.79 29.14 4.80
C HIS B 335 34.31 29.18 4.75
N HIS B 336 34.91 29.81 5.75
CA HIS B 336 36.37 29.90 5.83
C HIS B 336 36.88 29.58 7.22
N ILE B 337 38.14 29.18 7.30
CA ILE B 337 38.69 28.70 8.58
C ILE B 337 38.91 29.79 9.62
N ALA B 338 38.49 29.53 10.85
CA ALA B 338 38.58 30.50 11.91
C ALA B 338 39.60 30.09 12.98
N MET B 339 40.28 31.09 13.54
CA MET B 339 41.41 30.88 14.43
C MET B 339 41.14 30.90 15.93
N PHE B 340 39.88 30.74 16.34
CA PHE B 340 39.50 31.11 17.70
C PHE B 340 40.57 30.71 18.72
N LEU B 341 40.95 31.66 19.57
CA LEU B 341 41.90 31.42 20.65
C LEU B 341 41.15 31.26 21.96
N ILE B 342 41.12 30.05 22.49
CA ILE B 342 40.44 29.85 23.77
C ILE B 342 41.38 30.12 24.90
N GLN B 343 40.88 30.77 25.93
CA GLN B 343 41.72 31.06 27.05
C GLN B 343 41.03 30.98 28.37
N SER B 344 41.95 30.80 29.33
CA SER B 344 41.97 31.42 30.65
C SER B 344 40.60 31.51 31.25
N LYS B 345 39.82 30.45 31.10
CA LYS B 345 38.41 30.56 31.40
C LYS B 345 37.98 31.72 30.48
N SER B 346 37.61 32.88 30.99
CA SER B 346 37.68 34.06 30.11
C SER B 346 37.03 33.85 28.71
N GLU B 347 35.71 34.01 28.63
CA GLU B 347 34.86 33.78 27.43
C GLU B 347 35.43 34.75 26.40
N GLN B 348 34.84 35.04 25.23
CA GLN B 348 35.76 35.79 24.38
C GLN B 348 36.82 34.81 23.90
N ILE B 349 37.01 34.68 22.63
CA ILE B 349 38.24 34.14 22.10
C ILE B 349 38.44 34.93 20.83
N THR B 350 39.62 35.51 20.69
CA THR B 350 40.01 36.22 19.47
C THR B 350 39.79 35.34 18.25
N VAL B 351 39.27 35.92 17.18
CA VAL B 351 39.02 35.18 15.96
C VAL B 351 39.91 35.70 14.84
N ARG B 352 40.68 34.81 14.23
CA ARG B 352 41.43 35.22 13.05
C ARG B 352 41.10 34.34 11.87
N HIS B 353 40.72 34.98 10.77
CA HIS B 353 40.37 34.26 9.55
C HIS B 353 41.62 33.86 8.77
N LEU B 354 41.77 32.56 8.53
CA LEU B 354 42.96 32.05 7.84
C LEU B 354 42.77 31.88 6.33
N THR B 355 41.54 32.03 5.86
CA THR B 355 41.23 31.81 4.45
C THR B 355 40.24 32.84 3.94
N SER B 356 40.17 33.01 2.62
CA SER B 356 39.20 33.90 2.04
C SER B 356 39.26 33.91 0.53
N GLY B 357 38.16 34.32 -0.08
CA GLY B 357 38.00 34.35 -1.52
C GLY B 357 36.55 34.00 -1.79
N ASN B 358 36.18 33.83 -3.05
CA ASN B 358 34.87 33.27 -3.30
C ASN B 358 35.08 31.82 -3.64
N TRP B 359 34.87 30.99 -2.63
CA TRP B 359 35.05 29.55 -2.70
C TRP B 359 34.89 29.09 -1.27
N GLU B 360 34.75 27.79 -1.05
CA GLU B 360 34.52 27.33 0.32
C GLU B 360 35.56 26.37 0.84
N VAL B 361 35.77 26.44 2.15
CA VAL B 361 36.51 25.41 2.86
C VAL B 361 35.46 24.41 3.29
N ILE B 362 35.51 23.22 2.73
CA ILE B 362 34.47 22.21 2.96
C ILE B 362 34.60 21.50 4.31
N LYS B 363 35.73 20.81 4.47
CA LYS B 363 36.04 20.13 5.72
C LYS B 363 37.45 20.49 6.14
N ILE B 364 37.63 20.70 7.45
CA ILE B 364 38.97 20.85 8.02
C ILE B 364 39.43 19.48 8.49
N LEU B 365 40.41 18.91 7.79
CA LEU B 365 40.85 17.55 8.06
C LEU B 365 41.75 17.38 9.29
N ALA B 366 42.81 18.18 9.38
CA ALA B 366 43.80 17.94 10.42
C ALA B 366 44.53 19.20 10.83
N TYR B 367 45.01 19.20 12.07
CA TYR B 367 45.95 20.22 12.54
C TYR B 367 47.23 19.55 13.02
N ASP B 368 48.32 19.83 12.33
CA ASP B 368 49.60 19.27 12.71
C ASP B 368 50.23 20.27 13.67
N GLU B 369 50.28 19.89 14.94
CA GLU B 369 50.64 20.82 16.01
C GLU B 369 52.15 20.98 16.11
N THR B 370 52.88 19.98 15.63
CA THR B 370 54.33 20.00 15.65
C THR B 370 54.88 21.06 14.69
N THR B 371 54.03 21.50 13.78
CA THR B 371 54.40 22.54 12.83
C THR B 371 53.29 23.58 12.65
N GLN B 372 53.49 24.46 11.70
CA GLN B 372 52.63 25.62 11.55
C GLN B 372 51.42 25.37 10.66
N LYS B 373 51.17 24.11 10.32
CA LYS B 373 50.17 23.78 9.28
C LYS B 373 48.81 23.20 9.74
N ILE B 374 47.76 23.56 8.99
CA ILE B 374 46.41 22.98 9.13
C ILE B 374 45.87 22.55 7.76
N TYR B 375 45.12 21.45 7.71
CA TYR B 375 44.69 20.85 6.44
C TYR B 375 43.18 20.82 6.20
N PHE B 376 42.77 21.02 4.95
CA PHE B 376 41.35 21.17 4.60
C PHE B 376 41.03 20.89 3.14
N LEU B 377 39.75 20.71 2.85
CA LEU B 377 39.25 20.54 1.48
C LEU B 377 38.60 21.85 0.98
N SER B 378 38.89 22.24 -0.25
CA SER B 378 38.39 23.52 -0.76
C SER B 378 38.09 23.54 -2.25
N THR B 379 37.12 24.39 -2.60
CA THR B 379 36.70 24.60 -3.98
C THR B 379 37.52 25.70 -4.64
N GLU B 380 38.52 26.19 -3.93
CA GLU B 380 39.36 27.29 -4.42
C GLU B 380 39.81 27.03 -5.84
N SER B 381 40.55 25.94 -6.02
CA SER B 381 41.03 25.52 -7.32
C SER B 381 39.91 25.50 -8.38
N SER B 382 38.71 25.15 -7.96
CA SER B 382 37.54 25.13 -8.84
C SER B 382 36.31 24.71 -8.07
N PRO B 383 35.15 25.33 -8.37
CA PRO B 383 33.89 25.09 -7.65
C PRO B 383 33.33 23.71 -7.93
N ARG B 384 33.65 23.16 -9.09
CA ARG B 384 33.16 21.84 -9.47
C ARG B 384 33.95 20.69 -8.84
N GLY B 385 35.20 20.95 -8.48
CA GLY B 385 36.04 19.94 -7.88
C GLY B 385 36.22 20.13 -6.38
N ARG B 386 37.10 19.35 -5.81
CA ARG B 386 37.51 19.51 -4.43
C ARG B 386 38.99 19.20 -4.37
N GLN B 387 39.75 20.00 -3.62
CA GLN B 387 41.18 19.76 -3.50
C GLN B 387 41.65 19.78 -2.05
N LEU B 388 42.80 19.17 -1.80
CA LEU B 388 43.40 19.11 -0.47
C LEU B 388 44.45 20.20 -0.28
N TYR B 389 44.16 21.14 0.60
CA TYR B 389 45.02 22.30 0.80
C TYR B 389 45.60 22.32 2.22
N SER B 390 46.76 22.93 2.37
CA SER B 390 47.32 23.19 3.68
C SER B 390 47.55 24.68 3.81
N ALA B 391 47.29 25.22 4.98
CA ALA B 391 47.64 26.60 5.23
C ALA B 391 48.51 26.62 6.47
N SER B 392 49.30 27.68 6.64
CA SER B 392 50.14 27.77 7.83
C SER B 392 49.40 28.55 8.92
N THR B 393 49.03 27.85 9.99
CA THR B 393 48.33 28.48 11.10
C THR B 393 49.13 29.65 11.65
N GLU B 394 50.20 29.37 12.37
CA GLU B 394 51.04 30.44 12.86
C GLU B 394 52.01 30.80 11.77
N GLY B 395 51.92 32.03 11.27
CA GLY B 395 52.85 32.43 10.24
C GLY B 395 52.34 33.45 9.26
N LEU B 396 52.94 33.40 8.08
CA LEU B 396 52.62 34.27 6.95
C LEU B 396 51.14 34.22 6.59
N LEU B 397 50.45 33.20 7.09
CA LEU B 397 49.06 32.93 6.73
C LEU B 397 48.96 32.51 5.28
N ASN B 398 49.94 31.72 4.82
CA ASN B 398 49.96 31.32 3.41
C ASN B 398 49.10 30.08 3.13
N ARG B 399 48.99 29.72 1.85
CA ARG B 399 48.17 28.59 1.43
C ARG B 399 48.85 27.87 0.30
N GLN B 400 48.70 26.54 0.29
CA GLN B 400 49.23 25.76 -0.82
C GLN B 400 48.42 24.50 -1.09
N CYS B 401 48.30 24.17 -2.38
CA CYS B 401 47.55 22.99 -2.78
C CYS B 401 48.45 21.77 -2.87
N ILE B 402 47.94 20.64 -2.39
CA ILE B 402 48.67 19.40 -2.38
C ILE B 402 48.23 18.51 -3.54
N SER B 403 46.95 18.17 -3.55
CA SER B 403 46.37 17.29 -4.56
C SER B 403 46.45 17.82 -6.00
N CYS B 404 46.76 19.10 -6.17
CA CYS B 404 46.68 19.73 -7.49
C CYS B 404 47.35 18.88 -8.53
N ASN B 405 48.59 18.49 -8.30
CA ASN B 405 49.21 17.59 -9.23
C ASN B 405 49.28 16.23 -8.60
N PHE B 406 48.32 15.42 -8.97
CA PHE B 406 48.28 14.04 -8.55
C PHE B 406 47.92 13.37 -9.85
N MET B 407 46.69 13.59 -10.30
CA MET B 407 46.38 13.29 -11.68
C MET B 407 46.30 14.47 -12.70
N LYS B 408 46.55 15.72 -12.30
CA LYS B 408 46.36 16.81 -13.27
C LYS B 408 44.93 16.83 -13.75
N GLU B 409 44.79 16.35 -14.98
CA GLU B 409 43.49 16.17 -15.59
C GLU B 409 42.68 14.95 -15.12
N GLN B 410 43.33 13.98 -14.47
CA GLN B 410 42.58 12.82 -13.99
C GLN B 410 42.03 12.80 -12.55
N CYS B 411 42.51 13.71 -11.70
CA CYS B 411 41.87 13.85 -10.41
C CYS B 411 41.66 15.32 -10.08
N THR B 412 40.42 15.78 -10.15
CA THR B 412 40.08 17.14 -9.72
C THR B 412 39.22 17.23 -8.46
N TYR B 413 38.76 16.10 -7.96
CA TYR B 413 37.78 16.06 -6.88
C TYR B 413 38.23 15.10 -5.80
N PHE B 414 38.60 15.59 -4.62
CA PHE B 414 39.19 14.68 -3.63
C PHE B 414 38.46 14.58 -2.28
N ASP B 415 38.97 13.67 -1.46
CA ASP B 415 38.68 13.58 -0.03
C ASP B 415 39.94 12.94 0.51
N ALA B 416 40.19 13.09 1.81
CA ALA B 416 41.41 12.53 2.38
C ALA B 416 41.25 12.21 3.85
N SER B 417 42.14 11.38 4.37
CA SER B 417 42.18 11.09 5.81
C SER B 417 43.62 11.01 6.27
N PHE B 418 43.90 11.69 7.38
CA PHE B 418 45.25 11.75 7.93
C PHE B 418 45.44 10.72 9.04
N SER B 419 46.66 10.18 9.12
CA SER B 419 46.98 9.27 10.22
C SER B 419 46.83 10.04 11.53
N PRO B 420 46.74 9.33 12.66
CA PRO B 420 46.52 9.94 13.98
C PRO B 420 47.58 10.96 14.40
N MET B 421 48.81 10.76 13.96
CA MET B 421 49.87 11.74 14.21
C MET B 421 50.05 12.66 13.00
N ASN B 422 49.18 12.48 12.01
CA ASN B 422 49.14 13.29 10.81
C ASN B 422 50.41 13.19 9.99
N GLN B 423 51.20 12.15 10.25
CA GLN B 423 52.48 12.00 9.59
C GLN B 423 52.31 11.71 8.10
N HIS B 424 51.26 11.00 7.75
CA HIS B 424 50.87 10.88 6.35
C HIS B 424 49.37 10.70 6.17
N PHE B 425 48.92 10.71 4.92
CA PHE B 425 47.49 10.81 4.63
C PHE B 425 47.03 9.92 3.48
N LEU B 426 45.75 9.54 3.51
CA LEU B 426 45.13 8.77 2.44
C LEU B 426 44.37 9.71 1.52
N LEU B 427 44.63 9.60 0.23
CA LEU B 427 44.02 10.50 -0.73
C LEU B 427 43.09 9.73 -1.65
N PHE B 428 41.78 9.94 -1.46
CA PHE B 428 40.77 9.33 -2.31
C PHE B 428 40.56 10.19 -3.55
N CYS B 429 40.67 9.58 -4.71
CA CYS B 429 40.58 10.34 -5.94
C CYS B 429 39.14 10.76 -6.21
N GLU B 430 38.28 9.82 -6.58
CA GLU B 430 36.87 10.09 -6.89
C GLU B 430 36.72 11.08 -8.03
N GLY B 431 37.82 11.37 -8.71
CA GLY B 431 37.86 12.48 -9.64
C GLY B 431 37.24 12.04 -10.93
N PRO B 432 37.51 12.77 -12.01
CA PRO B 432 36.95 12.43 -13.32
C PRO B 432 37.30 11.01 -13.73
N ARG B 433 38.51 10.55 -13.42
CA ARG B 433 38.91 9.17 -13.70
C ARG B 433 38.25 8.22 -12.71
N VAL B 434 38.20 6.95 -13.08
CA VAL B 434 37.67 5.92 -12.20
C VAL B 434 38.44 5.91 -10.90
N PRO B 435 37.75 6.18 -9.78
CA PRO B 435 38.36 6.53 -8.49
C PRO B 435 39.53 5.64 -8.10
N VAL B 436 40.52 6.27 -7.46
CA VAL B 436 41.73 5.61 -7.02
C VAL B 436 42.21 6.12 -5.64
N VAL B 437 42.34 5.24 -4.67
CA VAL B 437 42.86 5.66 -3.36
C VAL B 437 44.38 5.52 -3.32
N SER B 438 45.04 6.47 -2.66
CA SER B 438 46.50 6.46 -2.60
C SER B 438 47.03 6.91 -1.23
N LEU B 439 48.19 6.40 -0.84
CA LEU B 439 48.78 6.74 0.45
C LEU B 439 50.06 7.55 0.30
N HIS B 440 50.03 8.79 0.80
CA HIS B 440 51.15 9.70 0.68
C HIS B 440 51.73 10.01 2.05
N SER B 441 53.01 10.37 2.09
CA SER B 441 53.64 10.90 3.30
C SER B 441 53.32 12.39 3.39
N THR B 442 53.05 12.87 4.60
CA THR B 442 52.68 14.28 4.75
C THR B 442 53.72 15.25 4.18
N ASP B 443 54.86 15.39 4.85
CA ASP B 443 55.84 16.39 4.44
C ASP B 443 56.37 16.15 3.03
N ASN B 444 56.20 14.93 2.54
CA ASN B 444 56.60 14.62 1.18
C ASN B 444 55.54 13.85 0.40
N PRO B 445 54.68 14.57 -0.30
CA PRO B 445 53.82 13.88 -1.29
C PRO B 445 54.65 13.26 -2.43
N ALA B 446 55.30 12.15 -2.11
CA ALA B 446 56.02 11.34 -3.08
C ALA B 446 55.03 10.40 -3.74
N LYS B 447 53.78 10.51 -3.30
CA LYS B 447 52.66 9.68 -3.76
C LYS B 447 52.86 8.26 -3.28
N TYR B 448 54.07 7.97 -2.83
CA TYR B 448 54.37 6.66 -2.32
C TYR B 448 53.71 5.70 -3.29
N PHE B 449 52.79 4.90 -2.76
CA PHE B 449 52.09 3.91 -3.57
C PHE B 449 50.60 4.18 -3.64
N ILE B 450 49.91 3.32 -4.39
CA ILE B 450 48.49 3.41 -4.65
C ILE B 450 47.82 2.26 -3.93
N LEU B 451 46.85 2.57 -3.07
CA LEU B 451 46.16 1.53 -2.31
C LEU B 451 45.16 0.74 -3.15
N GLU B 452 44.30 1.46 -3.85
CA GLU B 452 43.25 0.83 -4.64
C GLU B 452 43.16 1.48 -6.00
N SER B 453 43.30 0.70 -7.07
CA SER B 453 43.20 1.26 -8.42
C SER B 453 41.84 1.07 -9.10
N ASN B 454 40.94 0.31 -8.47
CA ASN B 454 39.69 -0.06 -9.12
C ASN B 454 39.93 -0.62 -10.52
N SER B 455 40.99 -1.43 -10.63
CA SER B 455 41.50 -1.90 -11.92
C SER B 455 40.44 -2.43 -12.86
N MET B 456 39.82 -3.56 -12.50
CA MET B 456 38.85 -4.20 -13.38
C MET B 456 37.82 -3.20 -13.89
N LEU B 457 37.32 -2.37 -12.99
CA LEU B 457 36.31 -1.39 -13.33
C LEU B 457 36.82 -0.41 -14.36
N LYS B 458 38.08 0.01 -14.22
CA LYS B 458 38.68 0.93 -15.18
C LYS B 458 38.59 0.38 -16.60
N GLU B 459 39.24 -0.76 -16.85
CA GLU B 459 39.20 -1.37 -18.17
C GLU B 459 37.77 -1.66 -18.64
N ALA B 460 36.86 -1.84 -17.69
CA ALA B 460 35.46 -2.05 -18.02
C ALA B 460 34.85 -0.86 -18.74
N ILE B 461 34.89 0.32 -18.14
CA ILE B 461 34.30 1.50 -18.76
C ILE B 461 35.16 1.98 -19.95
N LEU B 462 36.42 1.59 -19.96
CA LEU B 462 37.32 1.95 -21.05
C LEU B 462 36.75 1.43 -22.36
N LYS B 463 36.47 0.13 -22.41
CA LYS B 463 35.96 -0.52 -23.62
C LYS B 463 34.71 0.17 -24.16
N LYS B 464 33.78 0.48 -23.26
CA LYS B 464 32.53 1.11 -23.63
C LYS B 464 32.70 2.55 -24.12
N LYS B 465 31.73 3.02 -24.90
CA LYS B 465 31.80 4.33 -25.53
C LYS B 465 32.19 5.43 -24.52
N ILE B 466 31.24 5.78 -23.65
CA ILE B 466 31.53 6.64 -22.50
C ILE B 466 32.10 8.03 -22.84
N GLY B 467 31.24 8.92 -23.33
CA GLY B 467 31.67 10.24 -23.77
C GLY B 467 32.08 11.27 -22.73
N LYS B 468 32.43 12.46 -23.20
CA LYS B 468 32.79 13.59 -22.35
C LYS B 468 31.68 14.64 -22.32
N PRO B 469 31.26 15.03 -21.12
CA PRO B 469 30.16 15.93 -20.75
C PRO B 469 30.40 17.42 -21.00
N GLU B 470 30.05 17.93 -22.18
CA GLU B 470 30.09 19.37 -22.44
C GLU B 470 29.40 20.13 -21.31
N ILE B 471 30.00 21.24 -20.91
CA ILE B 471 29.42 22.06 -19.85
C ILE B 471 29.22 23.50 -20.29
N LYS B 472 27.96 23.89 -20.40
CA LYS B 472 27.57 25.28 -20.60
C LYS B 472 27.43 26.03 -19.26
N ILE B 473 27.72 27.33 -19.25
CA ILE B 473 27.52 28.15 -18.04
C ILE B 473 26.48 29.27 -18.20
N LEU B 474 25.41 29.22 -17.39
CA LEU B 474 24.28 30.15 -17.50
C LEU B 474 24.32 31.27 -16.46
N HIS B 475 23.79 32.43 -16.84
CA HIS B 475 23.62 33.54 -15.90
C HIS B 475 22.19 33.67 -15.44
N ILE B 476 21.94 33.36 -14.17
CA ILE B 476 20.66 33.61 -13.54
C ILE B 476 20.90 34.68 -12.48
N ASP B 477 20.05 35.69 -12.43
CA ASP B 477 20.26 36.79 -11.48
C ASP B 477 21.71 37.25 -11.59
N ASP B 478 22.37 37.28 -10.45
CA ASP B 478 23.76 37.67 -10.35
C ASP B 478 24.72 36.48 -10.37
N TYR B 479 24.19 35.26 -10.45
CA TYR B 479 25.03 34.07 -10.36
C TYR B 479 25.41 33.48 -11.71
N GLU B 480 26.28 32.46 -11.66
CA GLU B 480 26.72 31.74 -12.84
C GLU B 480 26.62 30.27 -12.50
N LEU B 481 25.78 29.55 -13.24
CA LEU B 481 25.49 28.18 -12.86
C LEU B 481 25.76 27.20 -13.99
N PRO B 482 26.34 26.04 -13.65
CA PRO B 482 26.76 25.01 -14.60
C PRO B 482 25.59 24.23 -15.17
N LEU B 483 25.63 23.93 -16.46
CA LEU B 483 24.67 23.03 -17.08
C LEU B 483 25.46 21.92 -17.76
N GLN B 484 25.34 20.71 -17.25
CA GLN B 484 26.12 19.61 -17.77
C GLN B 484 25.30 18.85 -18.80
N LEU B 485 25.82 18.73 -20.02
CA LEU B 485 25.14 17.97 -21.07
C LEU B 485 25.91 16.70 -21.39
N SER B 486 25.35 15.55 -21.04
CA SER B 486 25.99 14.28 -21.38
C SER B 486 25.45 13.77 -22.71
N LEU B 487 26.34 13.57 -23.68
CA LEU B 487 25.93 13.35 -25.05
C LEU B 487 26.27 11.96 -25.57
N PRO B 488 25.42 11.41 -26.45
CA PRO B 488 25.53 10.06 -27.02
C PRO B 488 26.86 9.82 -27.71
N LYS B 489 27.27 8.56 -27.80
CA LYS B 489 28.56 8.22 -28.40
C LYS B 489 28.74 8.96 -29.72
N ASP B 490 27.98 8.59 -30.74
CA ASP B 490 28.05 9.30 -32.00
C ASP B 490 27.06 10.43 -31.95
N PHE B 491 27.58 11.66 -32.01
CA PHE B 491 26.75 12.83 -31.90
C PHE B 491 26.76 13.63 -33.19
N MET B 492 25.64 13.61 -33.91
CA MET B 492 25.48 14.50 -35.05
C MET B 492 25.13 15.85 -34.49
N ASP B 493 25.71 16.90 -35.05
CA ASP B 493 25.31 18.24 -34.67
C ASP B 493 23.96 18.47 -35.35
N ARG B 494 23.75 17.74 -36.42
CA ARG B 494 22.56 17.84 -37.24
C ARG B 494 21.24 17.55 -36.53
N ASN B 495 21.07 16.31 -36.05
CA ASN B 495 19.74 15.81 -35.69
C ASN B 495 19.11 16.44 -34.46
N GLN B 496 17.90 16.00 -34.16
CA GLN B 496 17.18 16.46 -32.99
C GLN B 496 17.15 15.34 -31.97
N TYR B 497 17.93 15.48 -30.91
CA TYR B 497 17.96 14.51 -29.84
C TYR B 497 16.86 14.71 -28.80
N ALA B 498 16.50 13.64 -28.10
CA ALA B 498 15.63 13.74 -26.95
C ALA B 498 16.43 14.23 -25.73
N LEU B 499 15.78 14.99 -24.85
CA LEU B 499 16.48 15.58 -23.70
C LEU B 499 15.91 15.13 -22.37
N LEU B 500 16.73 14.44 -21.58
CA LEU B 500 16.36 14.10 -20.22
C LEU B 500 16.97 15.12 -19.25
N LEU B 501 16.15 15.69 -18.38
CA LEU B 501 16.62 16.68 -17.43
C LEU B 501 16.50 16.07 -16.06
N ILE B 502 17.63 15.78 -15.43
CA ILE B 502 17.62 15.15 -14.12
C ILE B 502 17.74 16.16 -12.98
N MET B 503 16.91 15.97 -11.95
CA MET B 503 16.86 16.86 -10.80
C MET B 503 17.81 16.49 -9.65
N ASP B 504 18.35 17.49 -8.98
CA ASP B 504 19.14 17.24 -7.78
C ASP B 504 18.21 16.71 -6.70
N GLU B 505 18.54 15.56 -6.14
CA GLU B 505 17.61 14.81 -5.28
C GLU B 505 17.36 15.38 -3.87
N GLU B 506 18.29 16.17 -3.35
CA GLU B 506 18.05 16.85 -2.08
C GLU B 506 18.57 18.28 -2.25
N PRO B 507 17.96 19.27 -1.57
CA PRO B 507 18.39 20.66 -1.73
C PRO B 507 19.80 20.93 -1.20
N GLY B 508 20.53 21.84 -1.83
CA GLY B 508 21.86 22.17 -1.35
C GLY B 508 22.87 21.10 -1.72
N GLY B 509 22.51 20.28 -2.69
CA GLY B 509 23.44 19.30 -3.24
C GLY B 509 24.00 19.84 -4.54
N GLN B 510 24.96 19.14 -5.12
CA GLN B 510 25.55 19.66 -6.34
C GLN B 510 25.51 18.61 -7.42
N LEU B 511 24.64 18.82 -8.41
CA LEU B 511 24.54 17.93 -9.58
C LEU B 511 25.81 17.86 -10.42
N VAL B 512 26.17 18.99 -11.00
CA VAL B 512 27.33 19.05 -11.86
C VAL B 512 28.59 19.10 -11.02
N THR B 513 29.40 18.05 -11.14
CA THR B 513 30.58 17.88 -10.33
C THR B 513 31.56 16.97 -11.07
N ASP B 514 32.85 17.16 -10.82
CA ASP B 514 33.87 16.33 -11.47
C ASP B 514 33.86 14.90 -10.97
N LYS B 515 33.17 14.68 -9.86
CA LYS B 515 33.09 13.38 -9.24
C LYS B 515 32.67 12.34 -10.28
N PHE B 516 33.38 11.22 -10.34
CA PHE B 516 33.05 10.17 -11.30
C PHE B 516 31.76 9.52 -10.88
N HIS B 517 30.89 9.27 -11.84
CA HIS B 517 29.69 8.52 -11.54
C HIS B 517 29.23 7.76 -12.77
N ILE B 518 28.69 6.57 -12.54
CA ILE B 518 28.12 5.77 -13.62
C ILE B 518 26.78 5.20 -13.15
N ASP B 519 25.74 5.37 -13.97
CA ASP B 519 24.41 4.96 -13.56
C ASP B 519 23.45 4.81 -14.74
N TRP B 520 22.18 4.55 -14.43
CA TRP B 520 21.19 4.19 -15.44
C TRP B 520 21.20 5.12 -16.64
N ASP B 521 21.17 6.42 -16.38
CA ASP B 521 21.07 7.41 -17.43
C ASP B 521 22.19 7.23 -18.44
N SER B 522 23.36 6.79 -17.97
CA SER B 522 24.50 6.51 -18.85
C SER B 522 24.10 5.48 -19.89
N VAL B 523 23.27 4.53 -19.47
CA VAL B 523 22.66 3.56 -20.39
C VAL B 523 21.62 4.24 -21.28
N LEU B 524 20.75 5.03 -20.69
CA LEU B 524 19.76 5.79 -21.46
C LEU B 524 20.48 6.55 -22.57
N ILE B 525 21.61 7.17 -22.23
CA ILE B 525 22.40 7.92 -23.19
C ILE B 525 22.85 7.02 -24.33
N ASP B 526 23.73 6.09 -24.01
CA ASP B 526 24.47 5.34 -25.01
C ASP B 526 23.54 4.59 -25.96
N MET B 527 22.74 3.68 -25.41
CA MET B 527 21.68 3.05 -26.18
C MET B 527 20.49 3.95 -25.99
N ASP B 528 19.75 4.21 -27.07
CA ASP B 528 18.63 5.16 -27.05
C ASP B 528 18.94 6.62 -27.37
N ASN B 529 20.20 6.97 -27.53
CA ASN B 529 20.54 8.30 -28.02
C ASN B 529 19.78 9.43 -27.35
N VAL B 530 19.82 9.44 -26.02
CA VAL B 530 19.18 10.50 -25.26
C VAL B 530 20.29 11.34 -24.61
N ILE B 531 20.11 12.65 -24.62
CA ILE B 531 21.04 13.53 -23.94
C ILE B 531 20.49 13.83 -22.55
N VAL B 532 21.24 13.47 -21.52
CA VAL B 532 20.82 13.79 -20.16
C VAL B 532 21.48 15.10 -19.73
N ALA B 533 20.70 15.94 -19.06
CA ALA B 533 21.17 17.27 -18.72
C ALA B 533 21.00 17.50 -17.23
N ARG B 534 22.03 18.06 -16.59
CA ARG B 534 21.94 18.48 -15.19
C ARG B 534 22.28 19.96 -15.07
N PHE B 535 21.53 20.67 -14.25
CA PHE B 535 21.77 22.10 -14.06
C PHE B 535 21.65 22.44 -12.57
N ASP B 536 22.70 23.01 -12.00
CA ASP B 536 22.67 23.38 -10.59
C ASP B 536 22.20 24.83 -10.46
N GLY B 537 20.98 24.99 -9.98
CA GLY B 537 20.37 26.30 -9.93
C GLY B 537 20.52 26.85 -8.54
N ARG B 538 19.82 27.96 -8.26
CA ARG B 538 19.83 28.51 -6.92
C ARG B 538 19.32 27.48 -5.94
N GLY B 539 19.89 27.49 -4.74
CA GLY B 539 19.59 26.53 -3.70
C GLY B 539 20.56 25.35 -3.74
N SER B 540 21.15 25.11 -4.89
CA SER B 540 22.18 24.09 -5.00
C SER B 540 23.33 24.54 -4.10
N GLY B 541 23.89 23.60 -3.36
CA GLY B 541 24.90 23.95 -2.39
C GLY B 541 26.32 24.10 -2.94
N PHE B 542 27.25 24.26 -2.02
CA PHE B 542 28.68 24.26 -2.30
C PHE B 542 29.19 25.36 -3.23
N GLN B 543 28.42 26.44 -3.39
CA GLN B 543 29.01 27.70 -3.82
C GLN B 543 28.34 28.82 -3.07
N GLY B 544 29.05 29.41 -2.12
CA GLY B 544 28.48 30.51 -1.36
C GLY B 544 27.34 30.02 -0.48
N LEU B 545 26.92 30.84 0.47
CA LEU B 545 25.64 30.64 1.13
C LEU B 545 24.59 31.28 0.26
N LYS B 546 25.02 32.30 -0.50
CA LYS B 546 24.11 33.16 -1.21
C LYS B 546 23.26 32.38 -2.22
N ILE B 547 23.88 31.47 -2.94
CA ILE B 547 23.14 30.58 -3.82
C ILE B 547 22.32 29.61 -2.98
N LEU B 548 22.93 29.11 -1.91
CA LEU B 548 22.30 28.11 -1.06
C LEU B 548 21.00 28.56 -0.39
N GLN B 549 20.98 29.78 0.14
CA GLN B 549 19.85 30.30 0.91
C GLN B 549 18.85 31.08 0.08
N GLU B 550 19.07 31.13 -1.23
CA GLU B 550 18.11 31.75 -2.15
C GLU B 550 16.77 31.01 -2.10
N ILE B 551 16.77 29.84 -1.47
CA ILE B 551 15.59 28.99 -1.33
C ILE B 551 14.68 29.34 -0.15
N HIS B 552 15.19 30.02 0.86
CA HIS B 552 14.49 30.14 2.13
C HIS B 552 13.05 30.65 1.95
N ARG B 553 12.09 29.87 2.43
CA ARG B 553 10.66 30.20 2.38
C ARG B 553 10.01 30.19 1.00
N ARG B 554 10.80 30.14 -0.06
CA ARG B 554 10.27 29.83 -1.37
C ARG B 554 10.88 28.52 -1.79
N LEU B 555 10.11 27.46 -1.72
CA LEU B 555 10.63 26.12 -1.98
C LEU B 555 9.87 25.51 -3.15
N GLY B 556 10.60 25.23 -4.23
CA GLY B 556 9.99 24.78 -5.45
C GLY B 556 9.67 26.01 -6.27
N SER B 557 9.56 27.12 -5.58
CA SER B 557 9.36 28.39 -6.26
C SER B 557 10.57 28.71 -7.13
N VAL B 558 11.73 28.84 -6.48
CA VAL B 558 12.96 29.28 -7.11
C VAL B 558 13.60 28.20 -7.97
N GLU B 559 13.97 27.09 -7.35
CA GLU B 559 14.62 26.01 -8.07
C GLU B 559 13.90 25.71 -9.37
N VAL B 560 12.56 25.77 -9.35
CA VAL B 560 11.79 25.47 -10.54
C VAL B 560 12.00 26.53 -11.61
N LYS B 561 11.84 27.79 -11.24
CA LYS B 561 12.00 28.88 -12.19
C LYS B 561 13.36 28.83 -12.88
N ASP B 562 14.38 28.42 -12.14
CA ASP B 562 15.73 28.25 -12.69
C ASP B 562 15.80 27.05 -13.64
N GLN B 563 15.31 25.91 -13.18
CA GLN B 563 15.30 24.69 -13.97
C GLN B 563 14.64 24.97 -15.29
N ILE B 564 13.65 25.86 -15.27
CA ILE B 564 12.93 26.18 -16.49
C ILE B 564 13.75 27.11 -17.38
N THR B 565 14.29 28.19 -16.81
CA THR B 565 15.10 29.09 -17.63
C THR B 565 16.27 28.31 -18.21
N ALA B 566 16.65 27.22 -17.55
CA ALA B 566 17.70 26.36 -18.07
C ALA B 566 17.18 25.51 -19.25
N VAL B 567 15.92 25.11 -19.19
CA VAL B 567 15.31 24.40 -20.32
C VAL B 567 15.16 25.37 -21.46
N LYS B 568 14.77 26.60 -21.15
CA LYS B 568 14.67 27.65 -22.15
C LYS B 568 15.92 27.67 -23.02
N PHE B 569 17.06 27.97 -22.41
CA PHE B 569 18.33 27.96 -23.12
C PHE B 569 18.56 26.65 -23.84
N LEU B 570 18.38 25.55 -23.13
CA LEU B 570 18.48 24.24 -23.74
C LEU B 570 17.65 24.19 -25.01
N LEU B 571 16.47 24.82 -24.96
CA LEU B 571 15.49 24.75 -26.04
C LEU B 571 15.96 25.47 -27.30
N LYS B 572 16.78 26.50 -27.13
CA LYS B 572 17.22 27.32 -28.24
C LYS B 572 18.39 26.67 -28.99
N LEU B 573 18.84 25.53 -28.51
CA LEU B 573 19.85 24.76 -29.23
C LEU B 573 19.22 24.12 -30.46
N PRO B 574 20.03 23.91 -31.50
CA PRO B 574 19.59 23.29 -32.76
C PRO B 574 19.33 21.80 -32.62
N TYR B 575 20.18 21.13 -31.84
CA TYR B 575 20.25 19.66 -31.87
C TYR B 575 19.39 18.95 -30.83
N ILE B 576 18.69 19.72 -29.99
CA ILE B 576 17.73 19.12 -29.07
C ILE B 576 16.31 19.28 -29.63
N ASP B 577 15.48 18.27 -29.39
CA ASP B 577 14.15 18.22 -29.96
C ASP B 577 13.14 18.71 -28.94
N SER B 578 12.53 19.85 -29.18
CA SER B 578 11.55 20.36 -28.22
C SER B 578 10.39 19.39 -28.10
N LYS B 579 10.14 18.66 -29.17
CA LYS B 579 9.05 17.69 -29.17
C LYS B 579 9.27 16.65 -28.07
N ARG B 580 10.49 16.15 -27.95
CA ARG B 580 10.75 15.14 -26.95
C ARG B 580 11.66 15.65 -25.87
N LEU B 581 11.06 15.95 -24.73
CA LEU B 581 11.76 16.48 -23.58
C LEU B 581 11.19 15.72 -22.41
N SER B 582 12.06 15.20 -21.55
CA SER B 582 11.59 14.47 -20.38
C SER B 582 12.30 14.96 -19.13
N ILE B 583 11.63 14.80 -18.00
CA ILE B 583 12.22 15.17 -16.72
C ILE B 583 12.28 13.98 -15.78
N PHE B 584 13.24 13.99 -14.87
CA PHE B 584 13.29 12.99 -13.83
C PHE B 584 13.78 13.57 -12.53
N GLY B 585 13.19 13.12 -11.43
CA GLY B 585 13.70 13.43 -10.11
C GLY B 585 13.10 12.54 -9.07
N LYS B 586 13.85 12.32 -8.00
CA LYS B 586 13.47 11.39 -6.95
C LYS B 586 13.47 12.12 -5.62
N GLY B 587 12.85 11.54 -4.62
CA GLY B 587 12.80 12.17 -3.33
C GLY B 587 12.28 13.59 -3.46
N TYR B 588 13.08 14.51 -2.93
CA TYR B 588 12.83 15.93 -3.06
C TYR B 588 12.85 16.37 -4.53
N GLY B 589 13.76 15.79 -5.30
CA GLY B 589 13.88 16.11 -6.71
C GLY B 589 12.63 15.68 -7.44
N GLY B 590 11.94 14.70 -6.88
CA GLY B 590 10.66 14.30 -7.40
C GLY B 590 9.65 15.41 -7.12
N TYR B 591 9.84 16.08 -5.99
CA TYR B 591 9.01 17.22 -5.63
C TYR B 591 9.15 18.32 -6.69
N ILE B 592 10.37 18.80 -6.89
CA ILE B 592 10.64 19.83 -7.88
C ILE B 592 10.27 19.36 -9.29
N ALA B 593 10.51 18.10 -9.57
CA ALA B 593 10.19 17.55 -10.87
C ALA B 593 8.71 17.72 -11.11
N SER B 594 7.93 17.67 -10.04
CA SER B 594 6.48 17.79 -10.14
C SER B 594 6.06 19.24 -10.34
N MET B 595 6.62 20.13 -9.54
CA MET B 595 6.37 21.56 -9.68
C MET B 595 6.63 22.04 -11.11
N ILE B 596 7.72 21.55 -11.69
CA ILE B 596 8.06 21.87 -13.08
C ILE B 596 6.98 21.36 -14.06
N LEU B 597 6.27 20.32 -13.66
CA LEU B 597 5.31 19.71 -14.55
C LEU B 597 3.99 20.46 -14.54
N LYS B 598 3.90 21.57 -13.81
CA LYS B 598 2.66 22.35 -13.81
C LYS B 598 2.69 23.65 -14.66
N SER B 599 1.52 24.25 -14.74
CA SER B 599 0.99 25.19 -15.74
C SER B 599 1.87 26.29 -16.33
N ASP B 600 3.04 26.52 -15.77
CA ASP B 600 3.89 27.58 -16.26
C ASP B 600 3.83 27.52 -17.77
N GLU B 601 4.32 26.41 -18.30
CA GLU B 601 4.13 26.06 -19.68
C GLU B 601 4.45 24.59 -19.72
N LYS B 602 4.03 23.88 -20.76
CA LYS B 602 4.38 22.48 -20.83
C LYS B 602 5.54 22.35 -21.79
N LEU B 603 6.72 22.20 -21.21
CA LEU B 603 7.92 22.04 -22.00
C LEU B 603 8.30 20.57 -22.06
N PHE B 604 7.57 19.75 -21.32
CA PHE B 604 7.92 18.34 -21.17
C PHE B 604 6.84 17.42 -21.71
N LYS B 605 7.23 16.49 -22.58
CA LYS B 605 6.30 15.52 -23.14
C LYS B 605 6.03 14.40 -22.14
N CYS B 606 7.04 14.02 -21.37
CA CYS B 606 6.82 13.05 -20.28
C CYS B 606 7.88 13.15 -19.18
N GLY B 607 7.50 12.71 -17.99
CA GLY B 607 8.39 12.78 -16.84
C GLY B 607 8.07 11.69 -15.85
N SER B 608 9.08 11.31 -15.07
CA SER B 608 8.95 10.22 -14.12
C SER B 608 9.48 10.58 -12.74
N VAL B 609 8.76 10.16 -11.72
CA VAL B 609 9.02 10.61 -10.36
C VAL B 609 9.02 9.48 -9.35
N VAL B 610 10.12 9.34 -8.60
CA VAL B 610 10.28 8.27 -7.64
C VAL B 610 10.27 8.77 -6.20
N ALA B 611 9.40 8.20 -5.37
CA ALA B 611 9.22 8.62 -3.99
C ALA B 611 9.18 10.14 -3.89
N PRO B 612 8.30 10.75 -4.69
CA PRO B 612 8.19 12.21 -4.72
C PRO B 612 7.75 12.72 -3.36
N ILE B 613 8.38 13.75 -2.81
CA ILE B 613 7.80 14.30 -1.60
C ILE B 613 6.81 15.31 -2.16
N THR B 614 5.52 15.02 -1.99
CA THR B 614 4.47 15.85 -2.58
C THR B 614 3.80 16.93 -1.74
N ASP B 615 3.90 16.86 -0.41
CA ASP B 615 3.39 17.96 0.40
C ASP B 615 4.25 18.17 1.61
N LEU B 616 4.80 19.37 1.75
CA LEU B 616 5.78 19.61 2.80
C LEU B 616 5.18 19.52 4.20
N LYS B 617 3.87 19.71 4.31
CA LYS B 617 3.19 19.56 5.58
C LYS B 617 3.34 18.12 6.05
N LEU B 618 3.54 17.24 5.08
CA LEU B 618 3.66 15.82 5.32
C LEU B 618 5.10 15.35 5.41
N TYR B 619 6.06 16.26 5.30
CA TYR B 619 7.44 15.82 5.42
C TYR B 619 7.94 16.07 6.84
N ALA B 620 9.18 15.69 7.10
CA ALA B 620 9.73 15.69 8.45
C ALA B 620 9.91 17.11 8.99
N SER B 621 9.73 17.23 10.30
CA SER B 621 9.85 18.51 10.97
C SER B 621 11.15 19.22 10.61
N ALA B 622 12.27 18.69 11.06
CA ALA B 622 13.53 19.39 10.94
C ALA B 622 13.88 19.77 9.49
N PHE B 623 13.18 19.17 8.52
CA PHE B 623 13.44 19.49 7.11
C PHE B 623 12.53 20.62 6.68
N SER B 624 11.22 20.38 6.68
CA SER B 624 10.27 21.42 6.31
C SER B 624 10.52 22.72 7.08
N GLU B 625 10.58 22.62 8.39
CA GLU B 625 10.71 23.80 9.23
C GLU B 625 11.97 24.59 8.92
N ARG B 626 13.00 23.91 8.45
CA ARG B 626 14.24 24.60 8.17
C ARG B 626 14.04 25.63 7.06
N TYR B 627 13.53 25.16 5.93
CA TYR B 627 13.30 26.01 4.76
C TYR B 627 12.03 26.85 4.89
N LEU B 628 10.93 26.23 5.26
CA LEU B 628 9.65 26.93 5.28
C LEU B 628 9.23 27.44 6.66
N GLY B 629 10.01 27.16 7.69
CA GLY B 629 9.63 27.56 9.02
C GLY B 629 8.38 26.83 9.50
N MET B 630 7.94 27.15 10.72
CA MET B 630 6.78 26.49 11.32
C MET B 630 5.53 26.57 10.46
N PRO B 631 4.68 25.54 10.54
CA PRO B 631 3.52 25.48 9.65
C PRO B 631 2.30 26.36 9.93
N SER B 632 1.30 25.87 10.63
CA SER B 632 0.08 26.65 10.74
C SER B 632 0.39 27.48 11.95
N LYS B 633 1.57 27.21 12.48
CA LYS B 633 2.02 27.90 13.65
C LYS B 633 2.29 29.33 13.17
N GLU B 634 3.36 29.56 12.42
CA GLU B 634 3.58 30.90 11.86
C GLU B 634 3.31 31.14 10.36
N GLU B 635 3.02 30.11 9.59
CA GLU B 635 2.98 30.28 8.11
C GLU B 635 1.98 29.45 7.31
N SER B 636 1.28 30.10 6.41
CA SER B 636 0.50 29.39 5.41
C SER B 636 1.25 29.35 4.08
N THR B 637 2.49 29.83 4.05
CA THR B 637 3.33 29.70 2.86
C THR B 637 3.53 28.22 2.52
N TYR B 638 3.14 27.37 3.46
CA TYR B 638 3.14 25.91 3.29
C TYR B 638 2.12 25.45 2.28
N GLN B 639 1.02 26.18 2.16
CA GLN B 639 -0.01 25.84 1.20
C GLN B 639 0.58 26.01 -0.19
N ALA B 640 1.44 27.02 -0.32
CA ALA B 640 2.06 27.34 -1.59
C ALA B 640 2.92 26.20 -2.13
N ALA B 641 3.76 25.61 -1.28
CA ALA B 641 4.59 24.52 -1.76
C ALA B 641 3.90 23.20 -1.50
N SER B 642 3.29 22.68 -2.55
CA SER B 642 2.61 21.41 -2.53
C SER B 642 2.46 21.01 -3.98
N VAL B 643 2.32 19.73 -4.26
CA VAL B 643 1.86 19.32 -5.57
C VAL B 643 0.35 19.06 -5.52
N LEU B 644 -0.16 18.97 -4.30
CA LEU B 644 -1.42 18.29 -4.08
C LEU B 644 -2.63 19.03 -4.62
N HIS B 645 -2.82 20.28 -4.22
CA HIS B 645 -3.94 21.03 -4.76
C HIS B 645 -3.53 21.77 -6.00
N ASN B 646 -4.44 21.76 -6.97
CA ASN B 646 -4.23 22.50 -8.19
C ASN B 646 -3.40 21.82 -9.26
N VAL B 647 -2.89 20.60 -9.11
CA VAL B 647 -2.90 19.64 -10.24
C VAL B 647 -3.51 20.17 -11.54
N HIS B 648 -3.62 21.49 -11.67
CA HIS B 648 -4.61 22.13 -12.54
C HIS B 648 -4.44 21.65 -13.95
N GLY B 649 -3.20 21.28 -14.26
CA GLY B 649 -2.99 20.34 -15.34
C GLY B 649 -1.62 19.72 -15.34
N LEU B 650 -1.61 18.48 -15.82
CA LEU B 650 -0.45 17.84 -16.39
C LEU B 650 -1.10 17.36 -17.69
N LYS B 651 -0.72 17.96 -18.82
CA LYS B 651 -1.63 17.90 -19.95
C LYS B 651 -1.45 16.65 -20.77
N GLU B 652 -0.73 16.74 -21.88
CA GLU B 652 -0.48 15.56 -22.70
C GLU B 652 0.66 14.89 -21.98
N GLU B 653 1.09 15.54 -20.89
CA GLU B 653 2.20 15.05 -20.10
C GLU B 653 1.97 13.61 -19.63
N ASN B 654 2.93 12.77 -19.96
CA ASN B 654 2.91 11.38 -19.61
C ASN B 654 3.68 11.24 -18.31
N ILE B 655 3.00 10.84 -17.25
CA ILE B 655 3.62 10.81 -15.93
C ILE B 655 3.74 9.41 -15.34
N LEU B 656 4.91 9.11 -14.78
CA LEU B 656 5.17 7.82 -14.16
C LEU B 656 5.59 7.99 -12.68
N ILE B 657 4.71 7.58 -11.76
CA ILE B 657 5.01 7.67 -10.33
C ILE B 657 5.44 6.32 -9.79
N ILE B 658 6.68 6.22 -9.33
CA ILE B 658 7.20 5.00 -8.72
C ILE B 658 7.39 5.22 -7.24
N HIS B 659 6.87 4.33 -6.39
CA HIS B 659 7.04 4.50 -4.95
C HIS B 659 7.16 3.19 -4.18
N GLY B 660 8.05 3.13 -3.19
CA GLY B 660 8.15 1.97 -2.34
C GLY B 660 7.11 2.04 -1.23
N THR B 661 6.53 0.90 -0.89
CA THR B 661 5.42 0.89 0.07
C THR B 661 5.91 1.01 1.51
N ALA B 662 7.10 0.49 1.76
CA ALA B 662 7.69 0.51 3.09
C ALA B 662 8.61 1.72 3.26
N ASP B 663 8.59 2.63 2.29
CA ASP B 663 9.48 3.78 2.34
C ASP B 663 9.33 4.48 3.68
N THR B 664 10.45 4.65 4.37
CA THR B 664 10.51 5.34 5.69
C THR B 664 10.95 6.83 5.68
N LYS B 665 11.27 7.35 4.50
CA LYS B 665 11.75 8.72 4.35
C LYS B 665 10.67 9.59 3.74
N VAL B 666 10.31 9.26 2.51
CA VAL B 666 9.11 9.84 1.90
C VAL B 666 8.03 8.79 2.03
N HIS B 667 7.06 9.02 2.90
CA HIS B 667 6.06 8.00 3.14
C HIS B 667 5.32 7.73 1.86
N PHE B 668 4.75 6.54 1.76
CA PHE B 668 3.97 6.20 0.57
C PHE B 668 2.82 7.19 0.51
N GLN B 669 2.43 7.68 1.67
CA GLN B 669 1.33 8.61 1.79
C GLN B 669 1.47 9.74 0.78
N HIS B 670 2.69 10.17 0.51
CA HIS B 670 2.90 11.25 -0.43
C HIS B 670 2.33 10.93 -1.80
N SER B 671 2.64 9.75 -2.33
CA SER B 671 2.13 9.40 -3.65
C SER B 671 0.66 8.99 -3.58
N ALA B 672 0.27 8.33 -2.50
CA ALA B 672 -1.13 7.99 -2.29
C ALA B 672 -1.93 9.27 -2.41
N GLU B 673 -1.51 10.29 -1.65
CA GLU B 673 -2.22 11.54 -1.64
C GLU B 673 -2.26 12.13 -3.03
N LEU B 674 -1.13 12.06 -3.72
CA LEU B 674 -1.01 12.63 -5.07
C LEU B 674 -1.96 11.91 -6.01
N ILE B 675 -1.77 10.60 -6.10
CA ILE B 675 -2.59 9.73 -6.93
C ILE B 675 -4.08 10.00 -6.71
N LYS B 676 -4.46 10.27 -5.47
CA LYS B 676 -5.85 10.56 -5.16
C LYS B 676 -6.33 11.76 -5.93
N HIS B 677 -5.66 12.89 -5.76
CA HIS B 677 -6.06 14.11 -6.44
C HIS B 677 -5.97 13.93 -7.94
N LEU B 678 -4.97 13.16 -8.38
CA LEU B 678 -4.76 12.94 -9.79
C LEU B 678 -5.94 12.25 -10.47
N ILE B 679 -6.64 11.40 -9.71
CA ILE B 679 -7.83 10.73 -10.23
C ILE B 679 -9.02 11.66 -10.20
N LYS B 680 -9.29 12.29 -9.06
CA LYS B 680 -10.43 13.20 -8.97
C LYS B 680 -10.26 14.38 -9.91
N ALA B 681 -9.03 14.61 -10.35
CA ALA B 681 -8.76 15.70 -11.29
C ALA B 681 -8.83 15.20 -12.73
N GLY B 682 -8.91 13.89 -12.89
CA GLY B 682 -8.95 13.31 -14.23
C GLY B 682 -7.69 13.57 -15.03
N VAL B 683 -6.55 13.15 -14.50
CA VAL B 683 -5.28 13.31 -15.21
C VAL B 683 -4.67 11.96 -15.61
N ASN B 684 -4.15 11.89 -16.83
CA ASN B 684 -3.51 10.66 -17.29
C ASN B 684 -2.15 10.49 -16.65
N TYR B 685 -2.02 9.38 -15.93
CA TYR B 685 -0.81 9.06 -15.20
C TYR B 685 -0.67 7.54 -15.11
N THR B 686 0.56 7.08 -14.93
CA THR B 686 0.84 5.66 -14.76
C THR B 686 1.73 5.46 -13.50
N MET B 687 1.44 4.42 -12.73
CA MET B 687 2.14 4.20 -11.46
C MET B 687 2.75 2.81 -11.39
N GLN B 688 3.87 2.72 -10.68
CA GLN B 688 4.44 1.42 -10.33
C GLN B 688 4.90 1.44 -8.87
N VAL B 689 4.30 0.60 -8.03
CA VAL B 689 4.59 0.59 -6.61
C VAL B 689 5.19 -0.76 -6.22
N TYR B 690 6.20 -0.73 -5.36
CA TYR B 690 6.88 -1.94 -4.96
C TYR B 690 6.50 -2.30 -3.53
N PRO B 691 5.74 -3.38 -3.37
CA PRO B 691 5.30 -3.76 -2.03
C PRO B 691 6.46 -4.07 -1.11
N ASP B 692 6.45 -3.44 0.06
CA ASP B 692 7.47 -3.67 1.08
C ASP B 692 8.87 -3.24 0.69
N GLU B 693 9.01 -2.21 -0.12
CA GLU B 693 10.34 -1.70 -0.43
C GLU B 693 10.51 -0.34 0.23
N GLY B 694 11.71 0.21 0.13
CA GLY B 694 12.02 1.47 0.78
C GLY B 694 12.19 2.65 -0.16
N HIS B 695 12.81 3.69 0.37
CA HIS B 695 13.18 4.84 -0.45
C HIS B 695 14.26 4.36 -1.43
N ASN B 696 15.08 3.42 -0.96
CA ASN B 696 16.05 2.77 -1.80
C ASN B 696 15.66 1.32 -1.93
N VAL B 697 15.33 0.91 -3.15
CA VAL B 697 14.79 -0.42 -3.41
C VAL B 697 15.85 -1.48 -3.21
N SER B 698 15.44 -2.68 -2.85
CA SER B 698 16.40 -3.74 -2.58
C SER B 698 17.04 -4.14 -3.89
N GLU B 699 17.97 -5.06 -3.82
CA GLU B 699 18.68 -5.52 -5.00
C GLU B 699 17.71 -6.24 -5.92
N LYS B 700 16.82 -7.01 -5.31
CA LYS B 700 15.87 -7.83 -6.05
C LYS B 700 15.06 -6.98 -7.04
N SER B 701 14.37 -5.98 -6.52
CA SER B 701 13.48 -5.15 -7.32
C SER B 701 14.25 -4.19 -8.22
N LYS B 702 15.24 -3.53 -7.66
CA LYS B 702 16.01 -2.47 -8.28
C LYS B 702 16.13 -2.59 -9.81
N TYR B 703 16.77 -3.64 -10.30
CA TYR B 703 16.88 -3.86 -11.75
C TYR B 703 15.53 -3.62 -12.45
N HIS B 704 14.48 -4.23 -11.93
CA HIS B 704 13.13 -4.06 -12.46
C HIS B 704 12.78 -2.58 -12.58
N LEU B 705 13.17 -1.80 -11.55
CA LEU B 705 12.91 -0.35 -11.54
C LEU B 705 13.62 0.36 -12.70
N TYR B 706 14.94 0.17 -12.77
CA TYR B 706 15.74 0.75 -13.83
C TYR B 706 15.16 0.40 -15.18
N SER B 707 14.91 -0.88 -15.40
CA SER B 707 14.26 -1.33 -16.62
C SER B 707 13.03 -0.49 -16.89
N THR B 708 12.21 -0.30 -15.86
CA THR B 708 10.99 0.49 -15.99
C THR B 708 11.31 1.88 -16.49
N ILE B 709 12.08 2.61 -15.70
CA ILE B 709 12.48 3.95 -16.07
C ILE B 709 13.09 3.99 -17.47
N LEU B 710 14.07 3.13 -17.71
CA LEU B 710 14.71 3.07 -19.02
C LEU B 710 13.68 2.92 -20.12
N LYS B 711 12.84 1.90 -20.04
CA LYS B 711 11.81 1.74 -21.05
C LYS B 711 10.95 2.99 -21.17
N PHE B 712 10.46 3.47 -20.04
CA PHE B 712 9.62 4.66 -20.03
C PHE B 712 10.24 5.78 -20.86
N PHE B 713 11.41 6.23 -20.44
CA PHE B 713 12.03 7.36 -21.10
C PHE B 713 12.32 7.10 -22.58
N SER B 714 12.89 5.94 -22.88
CA SER B 714 13.18 5.62 -24.27
C SER B 714 11.93 5.59 -25.16
N ASP B 715 10.85 5.00 -24.64
CA ASP B 715 9.64 4.80 -25.44
C ASP B 715 8.85 6.08 -25.69
N CYS B 716 8.71 6.92 -24.67
CA CYS B 716 7.90 8.13 -24.78
C CYS B 716 8.57 9.14 -25.70
N LEU B 717 9.88 8.99 -25.84
CA LEU B 717 10.70 9.95 -26.56
C LEU B 717 10.78 9.68 -28.05
N LYS B 718 9.88 8.83 -28.53
CA LYS B 718 10.00 8.29 -29.91
C LYS B 718 9.16 8.94 -31.04
N GLU B 719 9.97 9.30 -32.06
CA GLU B 719 9.67 10.06 -33.29
C GLU B 719 10.45 9.33 -34.40
C1 NAG C . -15.45 -14.83 23.75
C2 NAG C . -15.95 -14.55 25.17
C3 NAG C . -14.82 -14.40 26.19
C4 NAG C . -13.87 -15.59 26.09
C5 NAG C . -13.48 -15.87 24.64
C6 NAG C . -12.63 -17.15 24.54
C7 NAG C . -18.12 -13.67 25.26
C8 NAG C . -18.96 -12.75 26.08
N2 NAG C . -16.83 -13.41 25.18
O3 NAG C . -15.37 -14.33 27.49
O4 NAG C . -12.71 -15.37 26.87
O5 NAG C . -14.63 -15.98 23.79
O6 NAG C . -13.37 -18.33 24.76
O7 NAG C . -18.60 -14.66 24.71
C1 NAG C . -12.61 -16.36 27.92
C2 NAG C . -11.43 -16.04 28.81
C3 NAG C . -11.27 -16.98 30.00
C4 NAG C . -12.60 -17.35 30.67
C5 NAG C . -13.80 -17.42 29.71
C6 NAG C . -15.08 -17.19 30.50
C7 NAG C . -10.05 -17.00 27.05
C8 NAG C . -8.99 -16.70 26.01
N2 NAG C . -10.21 -16.08 28.02
O3 NAG C . -10.42 -16.33 30.92
O4 NAG C . -12.56 -18.64 31.28
O5 NAG C . -13.79 -16.48 28.67
O6 NAG C . -15.16 -18.02 31.64
O7 NAG C . -10.70 -18.06 27.00
C1 BMA C . -12.09 -18.79 32.66
C2 BMA C . -10.81 -18.01 33.00
C3 BMA C . -10.18 -18.99 33.96
C4 BMA C . -11.05 -19.10 35.23
C5 BMA C . -12.58 -18.94 35.05
C6 BMA C . -13.10 -17.85 35.99
O2 BMA C . -11.05 -16.76 33.64
O3 BMA C . -8.82 -18.66 34.21
O4 BMA C . -10.86 -20.40 35.77
O5 BMA C . -13.05 -18.65 33.71
O6 BMA C . -13.99 -18.35 36.96
C1 MAN C . -7.99 -18.62 33.00
C2 MAN C . -7.76 -17.18 32.54
C3 MAN C . -7.62 -17.09 31.02
C4 MAN C . -6.75 -18.25 30.58
C5 MAN C . -7.54 -19.55 30.79
C6 MAN C . -6.60 -20.74 30.90
O2 MAN C . -6.58 -16.74 33.15
O3 MAN C . -7.11 -15.84 30.59
O4 MAN C . -6.33 -18.09 29.24
O5 MAN C . -8.41 -19.45 31.91
O6 MAN C . -5.55 -20.57 29.98
C1 NAG D . -16.96 -34.09 6.40
C2 NAG D . -16.93 -35.47 7.06
C3 NAG D . -15.88 -35.50 8.16
C4 NAG D . -14.50 -35.09 7.60
C5 NAG D . -14.60 -33.85 6.70
C6 NAG D . -13.31 -33.64 5.90
C7 NAG D . -19.21 -36.27 6.89
C8 NAG D . -20.50 -36.48 7.61
N2 NAG D . -18.22 -35.79 7.63
O3 NAG D . -15.85 -36.77 8.77
O4 NAG D . -13.55 -34.86 8.64
O5 NAG D . -15.70 -33.93 5.80
O6 NAG D . -13.51 -32.89 4.71
O7 NAG D . -19.09 -36.53 5.70
C1 NAG D . -12.76 -36.00 9.09
C2 NAG D . -12.50 -37.07 8.01
C3 NAG D . -11.41 -38.06 8.39
C4 NAG D . -10.20 -37.41 9.04
C5 NAG D . -10.61 -36.44 10.15
C6 NAG D . -9.45 -35.64 10.74
C7 NAG D . -14.16 -38.00 6.47
C8 NAG D . -13.38 -38.91 5.57
N2 NAG D . -13.70 -37.84 7.71
O3 NAG D . -11.00 -38.77 7.24
O4 NAG D . -9.36 -38.44 9.52
O5 NAG D . -11.55 -35.51 9.66
O6 NAG D . -8.31 -36.43 10.98
O7 NAG D . -15.16 -37.43 6.03
C1 NAG E . 40.01 -15.17 -3.04
C2 NAG E . 39.29 -14.94 -4.38
C3 NAG E . 40.08 -15.43 -5.62
C4 NAG E . 41.59 -15.09 -5.56
C5 NAG E . 42.16 -15.01 -4.14
C6 NAG E . 43.47 -14.22 -4.13
C7 NAG E . 36.87 -14.86 -4.76
C8 NAG E . 36.72 -14.56 -6.23
N2 NAG E . 37.95 -15.54 -4.39
O3 NAG E . 39.55 -14.87 -6.80
O4 NAG E . 42.26 -16.08 -6.35
O5 NAG E . 41.24 -14.43 -3.19
O6 NAG E . 43.82 -13.89 -2.81
O7 NAG E . 36.00 -14.50 -3.98
C1 NAG E . 42.37 -15.71 -7.75
C2 NAG E . 43.67 -16.25 -8.35
C3 NAG E . 43.81 -15.93 -9.85
C4 NAG E . 42.52 -16.15 -10.62
C5 NAG E . 41.33 -15.55 -9.85
C6 NAG E . 40.02 -15.81 -10.57
C7 NAG E . 45.27 -14.50 -7.71
C8 NAG E . 46.67 -14.26 -7.26
N2 NAG E . 44.82 -15.75 -7.60
O3 NAG E . 44.83 -16.72 -10.45
O4 NAG E . 42.65 -15.58 -11.90
O5 NAG E . 41.27 -16.11 -8.56
O6 NAG E . 39.36 -14.58 -10.77
O7 NAG E . 44.59 -13.56 -8.14
C1 NAG F . 10.62 10.56 28.29
C2 NAG F . 11.01 10.25 29.73
C3 NAG F . 9.83 9.85 30.61
C4 NAG F . 8.60 10.70 30.37
C5 NAG F . 8.38 10.83 28.87
C6 NAG F . 7.15 11.67 28.52
C7 NAG F . 13.31 9.59 30.07
C8 NAG F . 14.12 8.53 30.76
N2 NAG F . 12.06 9.24 29.76
O3 NAG F . 10.17 10.00 31.98
O4 NAG F . 7.48 10.13 31.03
O5 NAG F . 9.51 11.41 28.29
O6 NAG F . 5.97 10.94 28.80
O7 NAG F . 13.78 10.71 29.84
C1 NAG F . 7.25 10.88 32.25
C2 NAG F . 5.80 11.40 32.32
C3 NAG F . 5.54 12.12 33.65
C4 NAG F . 6.03 11.30 34.83
C5 NAG F . 7.48 10.91 34.59
C6 NAG F . 8.09 10.04 35.68
C7 NAG F . 6.29 13.32 30.87
C8 NAG F . 5.60 14.47 30.19
N2 NAG F . 5.50 12.29 31.24
O3 NAG F . 4.15 12.38 33.75
O4 NAG F . 5.84 12.03 36.04
O5 NAG F . 7.57 10.15 33.40
O6 NAG F . 8.23 8.72 35.18
O7 NAG F . 7.52 13.34 31.05
C1 BMA F . 4.77 11.50 36.89
C2 BMA F . 4.94 10.00 37.18
C3 BMA F . 3.74 9.46 37.94
C4 BMA F . 3.59 10.25 39.24
C5 BMA F . 3.59 11.78 39.01
C6 BMA F . 3.69 12.55 40.34
O2 BMA F . 6.11 9.75 37.94
O3 BMA F . 3.91 8.09 38.20
O4 BMA F . 2.41 9.84 39.91
O5 BMA F . 4.62 12.21 38.12
O6 BMA F . 4.73 12.09 41.21
C1 NAG G . 14.59 32.35 14.32
C2 NAG G . 14.31 33.73 14.98
C3 NAG G . 13.02 33.69 15.81
C4 NAG G . 11.87 33.30 14.86
C5 NAG G . 12.25 31.96 14.25
C6 NAG G . 11.12 31.42 13.37
C7 NAG G . 16.58 34.59 15.14
C8 NAG G . 17.82 34.56 15.99
N2 NAG G . 15.45 34.23 15.74
O3 NAG G . 12.82 34.90 16.53
O4 NAG G . 10.59 33.11 15.46
O5 NAG G . 13.46 32.01 13.53
O6 NAG G . 10.48 30.36 14.07
O7 NAG G . 16.66 34.93 13.95
C1 NAG G . 9.90 34.26 16.01
C2 NAG G . 9.93 35.45 15.05
C3 NAG G . 8.86 36.50 15.34
C4 NAG G . 7.50 35.86 15.61
C5 NAG G . 7.61 34.79 16.69
C6 NAG G . 6.28 34.07 16.90
C7 NAG G . 11.97 36.29 13.98
C8 NAG G . 11.24 36.60 12.69
N2 NAG G . 11.21 36.13 15.08
O3 NAG G . 8.75 37.38 14.25
O4 NAG G . 6.62 36.89 16.01
O5 NAG G . 8.59 33.83 16.37
O6 NAG G . 5.17 34.94 16.82
O7 NAG G . 13.19 36.19 13.96
C1 NAG H . -56.18 1.15 -11.38
C2 NAG H . -57.37 0.21 -11.65
C3 NAG H . -56.93 -1.07 -12.36
C4 NAG H . -55.93 -0.81 -13.50
C5 NAG H . -54.85 0.18 -13.09
C6 NAG H . -53.90 0.55 -14.22
C7 NAG H . -59.06 0.58 -9.85
C8 NAG H . -59.98 -0.16 -8.93
N2 NAG H . -58.06 -0.13 -10.39
O3 NAG H . -58.04 -1.77 -12.89
O4 NAG H . -55.34 -2.02 -13.90
O5 NAG H . -55.47 1.35 -12.59
O6 NAG H . -54.59 0.70 -15.44
O7 NAG H . -59.26 1.79 -10.07
C1 NAG I . -38.83 16.34 -8.05
C2 NAG I . -37.73 15.99 -9.04
C3 NAG I . -37.96 16.80 -10.33
C4 NAG I . -39.37 16.56 -10.91
C5 NAG I . -40.43 16.56 -9.79
C6 NAG I . -41.79 16.11 -10.34
C7 NAG I . -35.33 16.66 -8.92
C8 NAG I . -34.09 16.04 -8.34
N2 NAG I . -36.45 16.20 -8.38
O3 NAG I . -36.95 16.46 -11.29
O4 NAG I . -39.70 17.45 -11.98
O5 NAG I . -39.99 15.76 -8.69
O6 NAG I . -42.47 15.36 -9.35
O7 NAG I . -35.28 17.53 -9.79
C1 NAG J . 56.87 0.15 -0.72
C2 NAG J . 58.09 1.06 -0.95
C3 NAG J . 57.71 2.35 -1.67
C4 NAG J . 56.97 1.99 -2.97
C5 NAG J . 55.74 1.14 -2.68
C6 NAG J . 55.11 0.62 -3.99
C7 NAG J . 59.54 2.33 0.64
C8 NAG J . 60.91 2.29 0.03
N2 NAG J . 58.71 1.32 0.35
O3 NAG J . 58.86 3.10 -1.99
O4 NAG J . 56.62 3.17 -3.64
O5 NAG J . 56.02 0.02 -1.85
O6 NAG J . 55.28 1.52 -5.07
O7 NAG J . 59.20 3.26 1.37
C1 NAG K . -6.46 10.29 -20.79
C2 NAG K . -7.18 11.37 -21.58
C3 NAG K . -8.14 10.80 -22.61
C4 NAG K . -7.52 9.65 -23.38
C5 NAG K . -6.74 8.68 -22.54
C6 NAG K . -5.93 7.87 -23.52
C7 NAG K . -7.70 13.59 -20.74
C8 NAG K . -8.86 14.49 -20.36
N2 NAG K . -7.90 12.27 -20.69
O3 NAG K . -8.47 11.81 -23.53
O4 NAG K . -8.50 8.90 -24.06
O5 NAG K . -5.86 9.37 -21.68
O6 NAG K . -4.60 8.27 -23.59
O7 NAG K . -6.63 14.09 -21.08
#